data_1GUQ
#
_entry.id   1GUQ
#
_cell.length_a   68.400
_cell.length_b   57.500
_cell.length_c   188.900
_cell.angle_alpha   90.00
_cell.angle_beta   100.13
_cell.angle_gamma   90.00
#
_symmetry.space_group_name_H-M   'P 1 21 1'
#
loop_
_entity.id
_entity.type
_entity.pdbx_description
1 polymer 'GALACTOSE-1-PHOSPHATE URIDYLYLTRANSFERASE'
2 non-polymer 'ZINC ION'
3 non-polymer 'FE (III) ION'
4 non-polymer 'POTASSIUM ION'
5 non-polymer "URIDINE-5'-DIPHOSPHATE-GLUCOSE"
6 water water
#
_entity_poly.entity_id   1
_entity_poly.type   'polypeptide(L)'
_entity_poly.pdbx_seq_one_letter_code
;MTQFNPVDHPHRRYNPLTGQWILVSPHRAKRPWQGAQETPAKQVLPAHDPDCFLCAGNVRVTGDKNPDYTGTYVFTNDFA
ALMSDTPDAPESHDPLMRCQSARGTSRVICFSPDHSKTLPELSVAALTEIVKTWQEQTAELGKTYPWVQVFENKGAAMGC
SNPHPGGQIWANSFLPNEAEREDRLQKEYFAEQKSPMLVDYVQRELADGSRTVVETEHWLAVVPYWAAWPFETLLLPKAH
VLRITDLTDAQRSDLALALKKLTSRYDNLFQCSFPYSMGWHGAPFNGEENQHWQLHAHFYPPLLRSATVRKFMVGYEMLA
ETQRDLTAEQAAERLRAVSDIHFRESGV
;
_entity_poly.pdbx_strand_id   A,B,C,D
#
loop_
_chem_comp.id
_chem_comp.type
_chem_comp.name
_chem_comp.formula
FE non-polymer 'FE (III) ION' 'Fe 3'
K non-polymer 'POTASSIUM ION' 'K 1'
UPG non-polymer URIDINE-5'-DIPHOSPHATE-GLUCOSE 'C15 H24 N2 O17 P2'
ZN non-polymer 'ZINC ION' 'Zn 2'
#
# COMPACT_ATOMS: atom_id res chain seq x y z
N THR A 2 -23.60 17.92 15.46
CA THR A 2 -22.94 17.53 14.23
C THR A 2 -21.45 17.72 14.34
N GLN A 3 -20.70 16.97 13.55
CA GLN A 3 -19.27 17.10 13.65
C GLN A 3 -18.79 18.33 12.96
N PHE A 4 -18.07 19.18 13.69
CA PHE A 4 -17.58 20.37 13.02
C PHE A 4 -16.78 19.96 11.80
N ASN A 5 -17.00 20.65 10.69
CA ASN A 5 -16.30 20.34 9.46
C ASN A 5 -16.00 21.58 8.62
N PRO A 6 -14.77 22.06 8.82
CA PRO A 6 -14.18 23.24 8.21
C PRO A 6 -14.48 23.31 6.73
N VAL A 7 -14.60 22.11 6.22
CA VAL A 7 -14.89 21.92 4.84
C VAL A 7 -16.31 22.42 4.55
N ASP A 8 -17.18 22.32 5.56
CA ASP A 8 -18.53 22.77 5.31
C ASP A 8 -19.09 23.78 6.29
N HIS A 9 -18.51 23.89 7.49
CA HIS A 9 -19.06 24.82 8.44
C HIS A 9 -18.34 26.14 8.45
N PRO A 10 -19.08 27.26 8.45
CA PRO A 10 -18.43 28.55 8.53
C PRO A 10 -17.63 28.60 9.80
N HIS A 11 -16.56 29.40 9.75
CA HIS A 11 -15.72 29.54 10.90
C HIS A 11 -14.78 30.74 10.71
N ARG A 12 -14.10 31.14 11.78
CA ARG A 12 -13.14 32.22 11.65
C ARG A 12 -11.71 31.71 11.86
N ARG A 13 -10.74 32.26 11.15
CA ARG A 13 -9.34 31.85 11.34
C ARG A 13 -8.53 33.09 11.63
N TYR A 14 -7.56 32.92 12.48
CA TYR A 14 -6.72 34.01 12.89
C TYR A 14 -5.48 34.21 12.03
N ASN A 15 -5.20 35.49 11.81
CA ASN A 15 -4.02 35.97 11.07
C ASN A 15 -3.06 36.52 12.12
N PRO A 16 -2.07 35.69 12.50
CA PRO A 16 -1.11 36.08 13.53
C PRO A 16 -0.23 37.28 13.13
N LEU A 17 -0.19 37.60 11.85
CA LEU A 17 0.60 38.75 11.41
C LEU A 17 -0.09 40.08 11.70
N THR A 18 -1.42 40.06 11.64
CA THR A 18 -2.27 41.22 11.84
C THR A 18 -3.07 41.26 13.13
N GLY A 19 -3.24 40.10 13.74
CA GLY A 19 -4.00 40.03 14.99
C GLY A 19 -5.49 40.13 14.64
N GLN A 20 -5.83 39.83 13.39
CA GLN A 20 -7.21 39.88 12.93
C GLN A 20 -7.72 38.54 12.43
N TRP A 21 -9.05 38.40 12.41
CA TRP A 21 -9.70 37.18 11.94
C TRP A 21 -10.20 37.31 10.53
N ILE A 22 -10.45 36.13 9.93
CA ILE A 22 -10.98 36.04 8.60
C ILE A 22 -12.19 35.15 8.70
N LEU A 23 -13.29 35.55 8.09
CA LEU A 23 -14.46 34.71 8.15
C LEU A 23 -14.53 33.85 6.90
N VAL A 24 -14.64 32.55 7.11
CA VAL A 24 -14.72 31.60 6.02
C VAL A 24 -16.10 30.98 5.94
N SER A 25 -16.73 31.12 4.75
CA SER A 25 -18.05 30.54 4.49
C SER A 25 -17.86 29.66 3.28
N PRO A 26 -17.50 28.45 3.56
CA PRO A 26 -17.18 27.47 2.55
C PRO A 26 -17.98 27.39 1.28
N HIS A 27 -19.26 27.74 1.29
CA HIS A 27 -20.00 27.57 0.05
C HIS A 27 -20.63 28.80 -0.50
N ARG A 28 -20.21 29.92 0.06
CA ARG A 28 -20.79 31.16 -0.38
C ARG A 28 -20.87 31.33 -1.89
N ALA A 29 -19.87 30.79 -2.58
CA ALA A 29 -19.79 30.94 -4.03
C ALA A 29 -20.85 30.25 -4.86
N LYS A 30 -21.67 29.46 -4.19
CA LYS A 30 -22.75 28.75 -4.83
C LYS A 30 -23.82 29.70 -5.35
N ARG A 31 -24.01 30.80 -4.63
CA ARG A 31 -25.05 31.78 -4.97
C ARG A 31 -24.93 32.32 -6.39
N PRO A 32 -26.06 32.77 -6.95
CA PRO A 32 -26.05 33.31 -8.31
C PRO A 32 -25.28 34.61 -8.36
N TRP A 33 -24.45 34.73 -9.38
CA TRP A 33 -23.66 35.94 -9.56
C TRP A 33 -24.20 36.72 -10.72
N GLN A 34 -24.80 37.85 -10.42
CA GLN A 34 -25.34 38.71 -11.43
C GLN A 34 -24.71 40.07 -11.37
N GLY A 35 -23.45 40.08 -10.92
CA GLY A 35 -22.66 41.31 -10.78
C GLY A 35 -21.74 41.66 -11.97
N ALA A 36 -20.74 42.47 -11.70
CA ALA A 36 -19.82 42.88 -12.74
C ALA A 36 -19.06 41.70 -13.30
N GLN A 37 -18.83 41.77 -14.60
CA GLN A 37 -18.08 40.73 -15.28
C GLN A 37 -16.75 41.35 -15.54
N GLU A 38 -15.66 40.66 -15.25
CA GLU A 38 -14.34 41.22 -15.46
C GLU A 38 -14.00 41.32 -16.93
N THR A 39 -13.04 42.19 -17.22
CA THR A 39 -12.56 42.33 -18.58
C THR A 39 -11.19 41.68 -18.68
N PRO A 40 -11.15 40.47 -19.27
CA PRO A 40 -9.87 39.80 -19.40
C PRO A 40 -9.01 40.52 -20.41
N ALA A 41 -7.71 40.58 -20.08
CA ALA A 41 -6.61 41.21 -20.82
C ALA A 41 -6.28 40.60 -22.22
N LYS A 42 -5.76 41.44 -23.17
CA LYS A 42 -5.39 41.00 -24.53
C LYS A 42 -4.14 40.14 -24.51
N GLN A 43 -4.19 39.04 -25.27
CA GLN A 43 -3.06 38.12 -25.37
C GLN A 43 -1.98 38.71 -26.27
N VAL A 44 -2.43 39.53 -27.23
CA VAL A 44 -1.51 40.12 -28.18
C VAL A 44 -1.09 41.61 -28.05
N LEU A 45 0.06 41.81 -27.40
CA LEU A 45 0.67 43.12 -27.21
C LEU A 45 2.05 43.11 -27.87
N PRO A 46 2.42 44.22 -28.46
CA PRO A 46 3.72 44.35 -29.11
C PRO A 46 4.84 44.46 -28.07
N ALA A 47 6.02 43.91 -28.36
CA ALA A 47 7.14 44.00 -27.40
C ALA A 47 7.58 45.44 -27.10
N HIS A 48 7.15 46.37 -27.97
CA HIS A 48 7.47 47.79 -27.83
C HIS A 48 6.30 48.61 -28.31
N ASP A 49 5.77 49.47 -27.44
CA ASP A 49 4.64 50.34 -27.77
C ASP A 49 5.15 51.78 -27.86
N PRO A 50 5.05 52.31 -29.07
CA PRO A 50 5.54 53.63 -29.39
C PRO A 50 4.99 54.76 -28.54
N ASP A 51 3.85 54.53 -27.89
CA ASP A 51 3.21 55.55 -27.08
C ASP A 51 3.42 55.34 -25.59
N CYS A 52 3.71 54.11 -25.23
CA CYS A 52 3.90 53.76 -23.84
C CYS A 52 4.90 54.60 -23.08
N PHE A 53 4.41 55.28 -22.05
CA PHE A 53 5.27 56.11 -21.24
C PHE A 53 6.34 55.32 -20.51
N LEU A 54 6.21 54.01 -20.47
CA LEU A 54 7.17 53.19 -19.76
C LEU A 54 8.17 52.45 -20.63
N CYS A 55 7.91 52.46 -21.93
CA CYS A 55 8.76 51.78 -22.87
C CYS A 55 10.10 52.47 -23.06
N ALA A 56 11.07 51.67 -23.45
CA ALA A 56 12.42 52.16 -23.70
C ALA A 56 12.45 53.18 -24.85
N GLY A 57 13.30 54.19 -24.68
CA GLY A 57 13.46 55.21 -25.69
C GLY A 57 12.24 56.07 -25.94
N ASN A 58 11.25 55.96 -25.05
CA ASN A 58 9.99 56.72 -25.16
C ASN A 58 9.97 57.93 -24.20
N VAL A 59 9.24 58.99 -24.59
CA VAL A 59 9.12 60.15 -23.74
C VAL A 59 7.95 59.94 -22.76
N ARG A 60 8.18 60.33 -21.49
CA ARG A 60 7.18 60.23 -20.43
C ARG A 60 6.17 61.36 -20.53
N VAL A 61 5.13 61.26 -19.71
CA VAL A 61 4.12 62.27 -19.77
C VAL A 61 4.74 63.64 -19.55
N THR A 62 5.86 63.67 -18.81
CA THR A 62 6.56 64.89 -18.54
C THR A 62 7.54 65.32 -19.64
N GLY A 63 7.70 64.55 -20.71
CA GLY A 63 8.64 64.97 -21.74
C GLY A 63 9.97 64.27 -21.52
N ASP A 64 10.23 63.92 -20.28
CA ASP A 64 11.44 63.17 -19.94
C ASP A 64 11.54 61.92 -20.79
N LYS A 65 12.70 61.72 -21.40
CA LYS A 65 12.89 60.54 -22.25
C LYS A 65 13.47 59.36 -21.48
N ASN A 66 12.93 58.16 -21.72
CA ASN A 66 13.43 56.96 -21.07
C ASN A 66 14.71 56.47 -21.78
N PRO A 67 15.63 55.84 -21.04
CA PRO A 67 16.82 55.34 -21.69
C PRO A 67 16.51 54.18 -22.65
N ASP A 68 17.49 53.79 -23.45
CA ASP A 68 17.27 52.67 -24.35
C ASP A 68 17.59 51.40 -23.56
N TYR A 69 16.90 51.24 -22.42
CA TYR A 69 17.07 50.16 -21.49
C TYR A 69 16.75 48.76 -22.06
N THR A 70 17.57 47.77 -21.64
CA THR A 70 17.43 46.39 -22.12
C THR A 70 17.11 45.39 -21.02
N GLY A 71 17.27 45.82 -19.77
CA GLY A 71 16.94 44.96 -18.64
C GLY A 71 15.89 45.70 -17.79
N THR A 72 16.12 45.79 -16.48
CA THR A 72 15.18 46.55 -15.68
C THR A 72 15.54 48.04 -15.77
N TYR A 73 14.63 48.89 -15.34
CA TYR A 73 14.88 50.33 -15.36
C TYR A 73 14.14 51.01 -14.22
N VAL A 74 14.83 51.78 -13.41
CA VAL A 74 14.16 52.43 -12.29
C VAL A 74 14.25 53.93 -12.40
N PHE A 75 13.15 54.64 -12.21
CA PHE A 75 13.26 56.09 -12.27
C PHE A 75 12.37 56.65 -11.17
N THR A 76 12.62 57.88 -10.75
CA THR A 76 11.76 58.44 -9.73
C THR A 76 10.37 58.72 -10.30
N ASN A 77 9.31 58.25 -9.60
CA ASN A 77 7.94 58.47 -10.06
C ASN A 77 7.67 59.93 -10.46
N ASP A 78 7.04 60.14 -11.60
CA ASP A 78 6.79 61.51 -12.02
C ASP A 78 5.78 62.17 -11.11
N PHE A 79 5.01 61.34 -10.45
CA PHE A 79 4.02 61.83 -9.49
C PHE A 79 4.22 61.06 -8.21
N ALA A 80 5.32 61.37 -7.52
CA ALA A 80 5.65 60.67 -6.28
C ALA A 80 4.60 60.85 -5.17
N ALA A 81 4.39 59.86 -4.33
CA ALA A 81 3.40 60.00 -3.27
C ALA A 81 4.01 60.62 -2.05
N LEU A 82 5.35 60.61 -2.00
CA LEU A 82 6.10 61.17 -0.88
C LEU A 82 7.30 61.94 -1.44
N MET A 83 7.78 62.91 -0.67
CA MET A 83 8.92 63.74 -1.05
C MET A 83 9.92 63.66 0.09
N SER A 84 11.19 63.84 -0.19
CA SER A 84 12.12 63.72 0.91
C SER A 84 12.21 64.93 1.83
N ASP A 85 11.71 66.08 1.35
CA ASP A 85 11.81 67.30 2.12
C ASP A 85 10.51 67.98 2.46
N THR A 86 9.42 67.26 2.44
CA THR A 86 8.17 67.88 2.79
C THR A 86 8.24 68.44 4.20
N PRO A 87 7.59 69.60 4.42
CA PRO A 87 7.59 70.18 5.73
C PRO A 87 6.89 69.27 6.73
N ASP A 88 7.33 69.35 7.98
CA ASP A 88 6.76 68.61 9.07
C ASP A 88 5.35 69.05 9.33
N ALA A 89 4.48 68.13 9.73
CA ALA A 89 3.12 68.48 10.04
C ALA A 89 3.01 68.93 11.50
N PRO A 90 2.03 69.78 11.75
CA PRO A 90 1.72 70.35 13.06
C PRO A 90 1.23 69.33 14.05
N GLU A 91 2.05 68.31 14.29
CA GLU A 91 1.71 67.25 15.21
C GLU A 91 1.25 67.74 16.58
N SER A 92 0.18 67.09 17.04
CA SER A 92 -0.45 67.36 18.31
C SER A 92 -0.86 66.06 18.99
N HIS A 93 -1.52 66.19 20.13
CA HIS A 93 -1.96 65.03 20.88
C HIS A 93 -3.45 64.81 20.79
N ASP A 94 -4.11 65.74 20.10
CA ASP A 94 -5.55 65.74 19.89
C ASP A 94 -6.05 64.34 19.66
N PRO A 95 -6.85 63.88 20.60
CA PRO A 95 -7.40 62.54 20.56
C PRO A 95 -8.35 62.34 19.42
N LEU A 96 -8.74 63.44 18.77
CA LEU A 96 -9.70 63.30 17.69
C LEU A 96 -9.21 63.64 16.32
N MET A 97 -8.48 64.74 16.20
CA MET A 97 -8.02 65.12 14.90
C MET A 97 -6.54 65.41 14.93
N ARG A 98 -5.76 64.38 14.69
CA ARG A 98 -4.32 64.57 14.73
C ARG A 98 -3.68 64.13 13.44
N CYS A 99 -2.57 64.77 13.14
CA CYS A 99 -1.86 64.44 11.91
C CYS A 99 -0.38 64.25 12.18
N GLN A 100 0.32 63.68 11.21
CA GLN A 100 1.73 63.45 11.42
C GLN A 100 2.47 63.65 10.11
N SER A 101 3.78 63.92 10.24
CA SER A 101 4.64 64.14 9.07
C SER A 101 4.80 62.86 8.24
N ALA A 102 5.03 63.06 6.96
CA ALA A 102 5.23 61.97 6.03
C ALA A 102 6.27 62.35 4.98
N ARG A 103 7.44 61.73 5.03
CA ARG A 103 8.47 61.99 4.04
C ARG A 103 8.81 60.66 3.40
N GLY A 104 9.45 60.72 2.25
CA GLY A 104 9.84 59.52 1.57
C GLY A 104 9.98 59.76 0.10
N THR A 105 9.87 58.69 -0.67
CA THR A 105 9.93 58.83 -2.10
C THR A 105 9.19 57.68 -2.75
N SER A 106 9.02 57.78 -4.06
CA SER A 106 8.38 56.75 -4.87
C SER A 106 9.15 56.55 -6.19
N ARG A 107 9.52 55.32 -6.46
CA ARG A 107 10.19 54.97 -7.68
C ARG A 107 9.42 53.94 -8.48
N VAL A 108 9.64 53.97 -9.77
CA VAL A 108 9.00 53.05 -10.69
C VAL A 108 10.02 52.07 -11.24
N ILE A 109 9.64 50.81 -11.29
CA ILE A 109 10.50 49.79 -11.84
C ILE A 109 9.91 49.11 -13.04
N CYS A 110 10.56 49.25 -14.19
CA CYS A 110 10.13 48.55 -15.39
C CYS A 110 10.89 47.24 -15.34
N PHE A 111 10.17 46.13 -15.48
CA PHE A 111 10.75 44.81 -15.36
C PHE A 111 11.73 44.45 -16.45
N SER A 112 11.36 44.86 -17.63
CA SER A 112 12.11 44.66 -18.85
C SER A 112 11.47 45.58 -19.88
N PRO A 113 12.18 45.79 -20.98
CA PRO A 113 11.71 46.67 -22.04
C PRO A 113 10.60 46.02 -22.86
N ASP A 114 10.44 44.72 -22.64
CA ASP A 114 9.41 44.01 -23.34
C ASP A 114 8.06 44.43 -22.75
N HIS A 115 7.31 45.20 -23.54
CA HIS A 115 6.01 45.69 -23.14
C HIS A 115 4.98 44.58 -23.04
N SER A 116 5.27 43.45 -23.67
CA SER A 116 4.31 42.34 -23.64
C SER A 116 4.58 41.16 -22.70
N LYS A 117 5.68 41.18 -21.93
CA LYS A 117 6.04 40.07 -21.06
C LYS A 117 6.15 40.36 -19.58
N THR A 118 5.30 39.63 -18.86
CA THR A 118 5.13 39.64 -17.42
C THR A 118 6.06 38.64 -16.79
N LEU A 119 6.23 38.78 -15.48
CA LEU A 119 7.07 37.93 -14.65
C LEU A 119 7.10 36.44 -14.99
N PRO A 120 5.93 35.79 -15.15
CA PRO A 120 5.96 34.36 -15.44
C PRO A 120 6.60 34.02 -16.81
N GLU A 121 6.59 35.03 -17.69
CA GLU A 121 7.10 34.96 -19.04
C GLU A 121 8.56 35.43 -19.19
N LEU A 122 9.16 35.86 -18.10
CA LEU A 122 10.52 36.32 -18.14
C LEU A 122 11.46 35.17 -17.78
N SER A 123 12.68 35.22 -18.30
CA SER A 123 13.60 34.16 -18.01
C SER A 123 14.05 34.24 -16.59
N VAL A 124 14.52 33.14 -16.09
CA VAL A 124 15.03 33.11 -14.75
C VAL A 124 16.15 34.16 -14.58
N ALA A 125 16.90 34.35 -15.64
CA ALA A 125 17.97 35.32 -15.61
C ALA A 125 17.42 36.73 -15.50
N ALA A 126 16.38 36.98 -16.27
CA ALA A 126 15.79 38.30 -16.21
C ALA A 126 15.15 38.51 -14.84
N LEU A 127 14.54 37.45 -14.30
CA LEU A 127 13.92 37.56 -13.00
C LEU A 127 14.95 37.81 -11.93
N THR A 128 16.10 37.20 -12.11
CA THR A 128 17.15 37.37 -11.10
C THR A 128 17.61 38.82 -11.08
N GLU A 129 17.62 39.46 -12.27
CA GLU A 129 18.02 40.88 -12.40
C GLU A 129 16.95 41.71 -11.67
N ILE A 130 15.70 41.28 -11.79
CA ILE A 130 14.59 41.97 -11.11
C ILE A 130 14.82 41.92 -9.62
N VAL A 131 15.21 40.73 -9.08
CA VAL A 131 15.51 40.60 -7.65
C VAL A 131 16.68 41.52 -7.25
N LYS A 132 17.79 41.49 -8.03
CA LYS A 132 18.96 42.34 -7.75
C LYS A 132 18.58 43.84 -7.70
N THR A 133 17.67 44.18 -8.57
CA THR A 133 17.19 45.53 -8.58
C THR A 133 16.40 45.79 -7.29
N TRP A 134 15.53 44.84 -6.91
CA TRP A 134 14.81 45.04 -5.66
C TRP A 134 15.76 45.21 -4.51
N GLN A 135 16.82 44.40 -4.49
CA GLN A 135 17.78 44.50 -3.42
C GLN A 135 18.49 45.82 -3.45
N GLU A 136 18.94 46.18 -4.64
CA GLU A 136 19.65 47.45 -4.78
C GLU A 136 18.86 48.62 -4.23
N GLN A 137 17.61 48.71 -4.70
CA GLN A 137 16.65 49.76 -4.31
C GLN A 137 16.43 49.78 -2.80
N THR A 138 16.19 48.60 -2.25
CA THR A 138 15.99 48.49 -0.82
C THR A 138 17.20 48.97 -0.01
N ALA A 139 18.42 48.52 -0.41
CA ALA A 139 19.62 48.93 0.33
C ALA A 139 19.85 50.46 0.34
N GLU A 140 19.67 51.08 -0.81
CA GLU A 140 19.86 52.50 -0.96
C GLU A 140 18.82 53.29 -0.17
N LEU A 141 17.56 53.03 -0.43
CA LEU A 141 16.51 53.76 0.31
C LEU A 141 16.56 53.52 1.79
N GLY A 142 16.89 52.27 2.14
CA GLY A 142 16.98 51.87 3.50
C GLY A 142 17.99 52.71 4.23
N LYS A 143 18.92 53.28 3.50
CA LYS A 143 19.91 54.08 4.17
C LYS A 143 19.29 55.33 4.78
N THR A 144 18.21 55.75 4.14
CA THR A 144 17.50 56.97 4.55
C THR A 144 16.16 56.79 5.25
N TYR A 145 15.40 55.82 4.82
CA TYR A 145 14.08 55.58 5.40
C TYR A 145 13.97 54.23 6.06
N PRO A 146 13.25 54.22 7.20
CA PRO A 146 13.03 53.01 7.98
C PRO A 146 12.11 52.01 7.31
N TRP A 147 11.26 52.47 6.39
CA TRP A 147 10.40 51.52 5.73
C TRP A 147 10.49 51.65 4.24
N VAL A 148 10.95 50.57 3.62
CA VAL A 148 11.03 50.57 2.17
C VAL A 148 10.03 49.58 1.63
N GLN A 149 9.02 50.04 0.92
CA GLN A 149 8.02 49.11 0.42
C GLN A 149 8.06 48.78 -1.07
N VAL A 150 8.48 47.56 -1.40
CA VAL A 150 8.49 47.14 -2.78
C VAL A 150 7.16 46.49 -3.10
N PHE A 151 6.58 46.83 -4.22
CA PHE A 151 5.31 46.24 -4.57
C PHE A 151 5.03 46.28 -6.04
N GLU A 152 3.90 45.74 -6.42
CA GLU A 152 3.53 45.75 -7.80
C GLU A 152 2.02 45.63 -7.88
N ASN A 153 1.45 46.35 -8.83
CA ASN A 153 0.03 46.27 -9.10
C ASN A 153 -0.06 45.73 -10.50
N LYS A 154 -0.57 44.51 -10.62
CA LYS A 154 -0.67 43.91 -11.93
C LYS A 154 -2.11 43.74 -12.38
N GLY A 155 -2.41 44.26 -13.55
CA GLY A 155 -3.73 44.15 -14.09
C GLY A 155 -4.65 45.32 -13.73
N ALA A 156 -5.58 45.60 -14.62
CA ALA A 156 -6.53 46.70 -14.43
C ALA A 156 -7.34 46.53 -13.15
N ALA A 157 -7.72 45.27 -12.88
CA ALA A 157 -8.50 44.96 -11.70
C ALA A 157 -7.76 45.30 -10.43
N MET A 158 -6.44 45.42 -10.56
CA MET A 158 -5.54 45.74 -9.46
C MET A 158 -5.02 47.19 -9.44
N GLY A 159 -5.75 48.07 -10.10
CA GLY A 159 -5.44 49.48 -10.07
C GLY A 159 -4.24 50.02 -10.83
N CYS A 160 -3.67 49.17 -11.69
CA CYS A 160 -2.55 49.61 -12.50
C CYS A 160 -3.03 50.74 -13.43
N SER A 161 -2.18 51.75 -13.60
CA SER A 161 -2.51 52.89 -14.46
C SER A 161 -1.69 52.93 -15.76
N ASN A 162 -0.81 51.94 -15.91
CA ASN A 162 0.06 51.81 -17.06
C ASN A 162 0.26 50.34 -17.35
N PRO A 163 0.03 49.94 -18.59
CA PRO A 163 0.12 48.53 -18.96
C PRO A 163 1.53 47.93 -19.06
N HIS A 164 2.58 48.75 -19.01
CA HIS A 164 3.93 48.18 -19.11
C HIS A 164 4.21 47.33 -17.89
N PRO A 165 4.90 46.22 -18.05
CA PRO A 165 5.17 45.40 -16.88
C PRO A 165 6.13 46.05 -15.93
N GLY A 166 5.74 46.15 -14.65
CA GLY A 166 6.63 46.75 -13.69
C GLY A 166 6.00 46.87 -12.35
N GLY A 167 6.80 47.40 -11.43
CA GLY A 167 6.46 47.62 -10.05
C GLY A 167 6.77 49.01 -9.53
N GLN A 168 6.75 49.12 -8.21
CA GLN A 168 7.01 50.39 -7.58
C GLN A 168 7.70 50.18 -6.28
N ILE A 169 8.31 51.25 -5.79
CA ILE A 169 8.95 51.27 -4.51
C ILE A 169 8.58 52.58 -3.83
N TRP A 170 7.87 52.54 -2.72
CA TRP A 170 7.56 53.74 -2.01
C TRP A 170 8.32 53.67 -0.72
N ALA A 171 9.10 54.71 -0.38
CA ALA A 171 9.86 54.74 0.87
C ALA A 171 9.19 55.69 1.85
N ASN A 172 9.24 55.37 3.14
CA ASN A 172 8.56 56.14 4.18
C ASN A 172 9.45 56.48 5.37
N SER A 173 9.30 57.70 5.89
CA SER A 173 10.09 58.13 7.01
C SER A 173 9.59 57.52 8.31
N PHE A 174 8.48 56.80 8.20
CA PHE A 174 7.79 56.15 9.30
C PHE A 174 7.40 54.71 8.95
N LEU A 175 6.93 53.98 9.96
CA LEU A 175 6.49 52.59 9.75
C LEU A 175 5.01 52.64 9.49
N PRO A 176 4.58 52.31 8.28
CA PRO A 176 3.18 52.36 7.93
C PRO A 176 2.38 51.32 8.73
N ASN A 177 1.06 51.46 8.74
CA ASN A 177 0.16 50.59 9.49
C ASN A 177 0.62 49.12 9.59
N GLU A 178 0.62 48.47 8.42
CA GLU A 178 0.98 47.06 8.30
C GLU A 178 2.35 46.74 8.83
N ALA A 179 3.30 47.63 8.57
CA ALA A 179 4.65 47.39 9.04
C ALA A 179 4.75 47.43 10.55
N GLU A 180 4.14 48.46 11.12
CA GLU A 180 4.20 48.59 12.55
C GLU A 180 3.51 47.39 13.21
N ARG A 181 2.41 46.97 12.62
CA ARG A 181 1.66 45.88 13.18
C ARG A 181 2.42 44.57 13.10
N GLU A 182 2.82 44.27 11.89
CA GLU A 182 3.59 43.04 11.67
C GLU A 182 4.83 43.05 12.54
N ASP A 183 5.50 44.20 12.59
CA ASP A 183 6.67 44.29 13.40
C ASP A 183 6.42 43.92 14.85
N ARG A 184 5.42 44.53 15.44
CA ARG A 184 5.08 44.31 16.84
C ARG A 184 4.64 42.88 17.13
N LEU A 185 3.77 42.40 16.26
CA LEU A 185 3.25 41.05 16.44
C LEU A 185 4.35 40.01 16.35
N GLN A 186 5.28 40.19 15.40
CA GLN A 186 6.37 39.25 15.27
C GLN A 186 7.25 39.33 16.50
N LYS A 187 7.48 40.54 16.96
CA LYS A 187 8.31 40.74 18.12
C LYS A 187 7.71 40.05 19.34
N GLU A 188 6.43 40.20 19.51
CA GLU A 188 5.86 39.52 20.66
C GLU A 188 5.98 38.00 20.58
N TYR A 189 5.70 37.45 19.41
CA TYR A 189 5.77 36.00 19.25
C TYR A 189 7.15 35.49 19.58
N PHE A 190 8.11 36.22 19.05
CA PHE A 190 9.50 35.93 19.24
C PHE A 190 9.88 35.95 20.72
N ALA A 191 9.50 37.00 21.38
CA ALA A 191 9.83 37.13 22.77
C ALA A 191 9.27 35.96 23.57
N GLU A 192 8.10 35.52 23.15
CA GLU A 192 7.45 34.42 23.82
C GLU A 192 7.90 33.03 23.35
N GLN A 193 7.84 32.79 22.04
CA GLN A 193 8.21 31.52 21.47
C GLN A 193 9.70 31.28 21.30
N LYS A 194 10.46 32.37 21.32
CA LYS A 194 11.90 32.28 21.16
C LYS A 194 12.33 31.83 19.76
N SER A 195 11.46 31.99 18.79
CA SER A 195 11.73 31.62 17.42
C SER A 195 10.86 32.51 16.54
N PRO A 196 11.26 32.75 15.28
CA PRO A 196 10.49 33.60 14.41
C PRO A 196 9.19 32.98 13.95
N MET A 197 8.11 33.71 14.22
CA MET A 197 6.79 33.30 13.84
C MET A 197 6.72 32.65 12.48
N LEU A 198 7.21 33.35 11.47
CA LEU A 198 7.12 32.81 10.12
C LEU A 198 8.05 31.65 9.85
N VAL A 199 9.12 31.59 10.61
CA VAL A 199 10.07 30.50 10.44
C VAL A 199 9.41 29.22 10.95
N ASP A 200 8.71 29.36 12.08
CA ASP A 200 8.00 28.20 12.59
C ASP A 200 6.86 27.82 11.66
N TYR A 201 6.21 28.83 11.09
CA TYR A 201 5.11 28.61 10.19
C TYR A 201 5.52 27.79 8.98
N VAL A 202 6.65 28.18 8.40
CA VAL A 202 7.15 27.45 7.26
C VAL A 202 7.35 25.96 7.61
N GLN A 203 7.89 25.69 8.74
CA GLN A 203 8.11 24.30 9.11
C GLN A 203 6.81 23.51 9.07
N ARG A 204 5.84 24.09 9.73
CA ARG A 204 4.53 23.46 9.81
C ARG A 204 3.95 23.22 8.43
N GLU A 205 4.06 24.23 7.60
CA GLU A 205 3.49 24.06 6.29
C GLU A 205 4.24 22.99 5.50
N LEU A 206 5.54 22.95 5.68
CA LEU A 206 6.35 21.98 5.00
C LEU A 206 5.92 20.59 5.42
N ALA A 207 5.66 20.41 6.70
CA ALA A 207 5.22 19.10 7.18
C ALA A 207 3.79 18.72 6.76
N ASP A 208 2.96 19.70 6.47
CA ASP A 208 1.60 19.43 6.11
C ASP A 208 1.41 19.23 4.64
N GLY A 209 1.53 20.30 3.89
CA GLY A 209 1.38 20.23 2.44
C GLY A 209 0.02 20.64 1.90
N SER A 210 -1.01 20.62 2.76
CA SER A 210 -2.37 20.96 2.32
C SER A 210 -2.51 22.32 1.64
N ARG A 211 -1.66 23.24 2.05
CA ARG A 211 -1.71 24.58 1.52
C ARG A 211 -0.53 24.97 0.64
N THR A 212 0.36 24.01 0.36
CA THR A 212 1.55 24.24 -0.46
C THR A 212 1.22 24.44 -1.92
N VAL A 213 1.89 25.42 -2.53
CA VAL A 213 1.65 25.72 -3.94
C VAL A 213 2.96 25.62 -4.76
N VAL A 214 4.01 26.14 -4.16
CA VAL A 214 5.32 26.17 -4.75
C VAL A 214 6.33 25.86 -3.68
N GLU A 215 7.21 24.94 -4.04
CA GLU A 215 8.28 24.54 -3.17
C GLU A 215 9.56 24.37 -3.96
N THR A 216 10.54 25.16 -3.60
CA THR A 216 11.80 25.08 -4.28
C THR A 216 12.83 24.77 -3.23
N GLU A 217 14.11 24.74 -3.65
CA GLU A 217 15.12 24.46 -2.67
C GLU A 217 15.11 25.44 -1.53
N HIS A 218 14.97 26.71 -1.87
CA HIS A 218 15.05 27.70 -0.80
C HIS A 218 13.79 28.46 -0.47
N TRP A 219 12.75 28.23 -1.24
CA TRP A 219 11.52 28.95 -1.01
C TRP A 219 10.28 28.08 -0.96
N LEU A 220 9.30 28.62 -0.25
CA LEU A 220 8.01 28.01 -0.12
C LEU A 220 6.91 29.05 -0.42
N ALA A 221 5.93 28.67 -1.24
CA ALA A 221 4.79 29.52 -1.54
C ALA A 221 3.56 28.73 -1.12
N VAL A 222 2.85 29.26 -0.13
CA VAL A 222 1.63 28.57 0.32
C VAL A 222 0.44 29.52 0.22
N VAL A 223 -0.78 28.94 0.33
CA VAL A 223 -1.99 29.74 0.44
C VAL A 223 -2.06 29.76 1.98
N PRO A 224 -1.64 30.85 2.63
CA PRO A 224 -1.59 30.89 4.09
C PRO A 224 -2.91 30.45 4.74
N TYR A 225 -2.78 29.90 5.93
CA TYR A 225 -3.90 29.37 6.66
C TYR A 225 -5.02 30.37 6.76
N TRP A 226 -4.56 31.58 7.06
CA TRP A 226 -5.42 32.74 7.23
C TRP A 226 -5.59 33.59 5.97
N ALA A 227 -5.35 33.04 4.81
CA ALA A 227 -5.52 33.84 3.62
C ALA A 227 -6.87 34.56 3.55
N ALA A 228 -6.83 35.75 2.99
CA ALA A 228 -7.96 36.63 2.79
C ALA A 228 -8.51 36.53 1.38
N TRP A 229 -7.66 36.81 0.39
CA TRP A 229 -8.09 36.73 -0.99
C TRP A 229 -8.20 35.27 -1.43
N PRO A 230 -9.12 34.97 -2.37
CA PRO A 230 -9.37 33.62 -2.85
C PRO A 230 -8.13 32.74 -2.99
N PHE A 231 -7.26 33.16 -3.91
CA PHE A 231 -6.00 32.44 -4.19
C PHE A 231 -4.80 33.22 -3.70
N GLU A 232 -4.99 33.94 -2.59
CA GLU A 232 -3.90 34.66 -2.02
C GLU A 232 -2.71 33.71 -1.68
N THR A 233 -1.47 34.17 -1.80
CA THR A 233 -0.33 33.36 -1.39
C THR A 233 0.65 34.19 -0.57
N LEU A 234 1.50 33.44 0.13
CA LEU A 234 2.55 33.94 0.96
C LEU A 234 3.81 33.22 0.52
N LEU A 235 4.80 33.96 0.05
CA LEU A 235 6.08 33.44 -0.45
C LEU A 235 7.20 33.67 0.57
N LEU A 236 7.79 32.58 1.06
CA LEU A 236 8.80 32.70 2.08
C LEU A 236 10.04 31.84 1.85
N PRO A 237 11.13 32.36 2.39
CA PRO A 237 12.38 31.67 2.33
C PRO A 237 12.32 30.59 3.40
N LYS A 238 12.90 29.44 3.07
CA LYS A 238 12.91 28.32 3.99
C LYS A 238 13.81 28.56 5.16
N ALA A 239 14.80 29.42 4.98
CA ALA A 239 15.73 29.75 6.04
C ALA A 239 15.41 31.11 6.58
N HIS A 240 15.88 31.38 7.78
CA HIS A 240 15.63 32.65 8.43
C HIS A 240 16.39 33.77 7.74
N VAL A 241 15.66 34.76 7.19
CA VAL A 241 16.23 35.92 6.48
C VAL A 241 15.47 37.19 6.87
N LEU A 242 16.21 38.23 7.30
CA LEU A 242 15.63 39.51 7.73
C LEU A 242 15.12 40.40 6.62
N ARG A 243 15.94 40.62 5.59
CA ARG A 243 15.53 41.44 4.48
C ARG A 243 15.97 40.87 3.16
N ILE A 244 15.42 41.43 2.11
CA ILE A 244 15.69 40.98 0.75
C ILE A 244 17.15 41.08 0.40
N THR A 245 17.76 42.06 1.06
CA THR A 245 19.15 42.42 0.93
C THR A 245 20.05 41.41 1.60
N ASP A 246 19.46 40.50 2.36
CA ASP A 246 20.28 39.49 3.01
C ASP A 246 20.29 38.17 2.25
N LEU A 247 19.54 38.08 1.16
CA LEU A 247 19.55 36.83 0.44
C LEU A 247 20.93 36.50 -0.14
N THR A 248 21.31 35.22 -0.10
CA THR A 248 22.54 34.79 -0.71
C THR A 248 22.27 34.74 -2.20
N ASP A 249 23.32 34.62 -3.00
CA ASP A 249 23.10 34.57 -4.43
C ASP A 249 22.27 33.41 -4.84
N ALA A 250 22.44 32.31 -4.13
CA ALA A 250 21.66 31.13 -4.46
C ALA A 250 20.19 31.37 -4.12
N GLN A 251 19.95 31.88 -2.91
CA GLN A 251 18.56 32.16 -2.55
C GLN A 251 18.01 33.10 -3.60
N ARG A 252 18.84 34.05 -3.99
CA ARG A 252 18.44 34.99 -4.97
C ARG A 252 18.04 34.36 -6.31
N SER A 253 18.86 33.47 -6.89
CA SER A 253 18.43 32.91 -8.17
C SER A 253 17.26 31.95 -7.96
N ASP A 254 17.23 31.35 -6.78
CA ASP A 254 16.15 30.44 -6.48
C ASP A 254 14.84 31.20 -6.38
N LEU A 255 14.92 32.42 -5.85
CA LEU A 255 13.75 33.27 -5.73
C LEU A 255 13.20 33.51 -7.11
N ALA A 256 14.07 33.83 -8.04
CA ALA A 256 13.65 34.05 -9.42
C ALA A 256 12.86 32.84 -9.92
N LEU A 257 13.38 31.63 -9.68
CA LEU A 257 12.69 30.40 -10.06
C LEU A 257 11.29 30.26 -9.40
N ALA A 258 11.27 30.43 -8.08
CA ALA A 258 10.05 30.33 -7.31
C ALA A 258 8.99 31.29 -7.87
N LEU A 259 9.41 32.50 -8.20
CA LEU A 259 8.48 33.47 -8.76
C LEU A 259 7.86 33.09 -10.08
N LYS A 260 8.73 32.59 -10.94
CA LYS A 260 8.30 32.17 -12.24
C LYS A 260 7.25 31.09 -12.10
N LYS A 261 7.58 30.12 -11.23
CA LYS A 261 6.68 29.00 -10.99
C LYS A 261 5.34 29.49 -10.41
N LEU A 262 5.46 30.31 -9.33
CA LEU A 262 4.28 30.84 -8.66
C LEU A 262 3.36 31.61 -9.61
N THR A 263 3.92 32.57 -10.31
CA THR A 263 3.12 33.34 -11.24
C THR A 263 2.61 32.55 -12.44
N SER A 264 3.31 31.47 -12.80
CA SER A 264 2.86 30.67 -13.93
C SER A 264 1.62 29.86 -13.53
N ARG A 265 1.66 29.38 -12.30
CA ARG A 265 0.51 28.64 -11.82
C ARG A 265 -0.69 29.56 -11.83
N TYR A 266 -0.48 30.80 -11.32
CA TYR A 266 -1.54 31.81 -11.27
C TYR A 266 -2.12 32.01 -12.63
N ASP A 267 -1.25 32.26 -13.60
CA ASP A 267 -1.75 32.46 -14.92
C ASP A 267 -2.38 31.21 -15.51
N ASN A 268 -1.87 30.06 -15.06
CA ASN A 268 -2.39 28.81 -15.59
C ASN A 268 -3.77 28.47 -15.05
N LEU A 269 -4.05 29.00 -13.86
CA LEU A 269 -5.33 28.77 -13.21
C LEU A 269 -6.53 28.98 -14.11
N PHE A 270 -6.62 30.15 -14.73
CA PHE A 270 -7.73 30.42 -15.61
C PHE A 270 -7.26 30.60 -17.05
N GLN A 271 -5.99 30.26 -17.31
CA GLN A 271 -5.45 30.37 -18.66
C GLN A 271 -5.55 31.79 -19.16
N CYS A 272 -5.10 32.69 -18.30
CA CYS A 272 -5.14 34.10 -18.61
C CYS A 272 -4.19 34.82 -17.68
N SER A 273 -3.80 36.03 -18.10
CA SER A 273 -2.91 36.85 -17.28
C SER A 273 -3.63 37.08 -15.96
N PHE A 274 -3.09 36.59 -14.86
CA PHE A 274 -3.77 36.72 -13.58
C PHE A 274 -3.38 37.95 -12.79
N PRO A 275 -4.35 38.86 -12.54
CA PRO A 275 -4.08 40.10 -11.80
C PRO A 275 -3.84 39.90 -10.32
N TYR A 276 -3.12 40.87 -9.74
CA TYR A 276 -2.83 40.85 -8.35
C TYR A 276 -2.06 42.09 -7.90
N SER A 277 -2.02 42.23 -6.60
CA SER A 277 -1.24 43.21 -5.93
C SER A 277 -0.27 42.40 -5.09
N MET A 278 1.03 42.73 -5.17
CA MET A 278 1.99 41.97 -4.38
C MET A 278 3.07 42.88 -3.76
N GLY A 279 3.79 42.39 -2.76
CA GLY A 279 4.81 43.24 -2.19
C GLY A 279 5.67 42.53 -1.17
N TRP A 280 6.83 43.14 -0.85
CA TRP A 280 7.75 42.54 0.11
C TRP A 280 7.72 43.14 1.49
N HIS A 281 7.75 42.25 2.48
CA HIS A 281 7.80 42.65 3.87
C HIS A 281 9.07 42.07 4.50
N GLY A 282 9.95 42.94 5.02
CA GLY A 282 11.19 42.52 5.66
C GLY A 282 11.41 43.48 6.82
N ALA A 283 12.47 43.24 7.57
CA ALA A 283 12.74 44.09 8.73
C ALA A 283 12.95 45.53 8.34
N PRO A 284 12.44 46.42 9.18
CA PRO A 284 12.62 47.86 8.92
C PRO A 284 14.06 48.29 9.25
N PHE A 285 14.51 49.32 8.55
CA PHE A 285 15.85 49.84 8.79
C PHE A 285 15.79 50.85 9.92
N ASN A 286 15.49 50.35 11.10
CA ASN A 286 15.36 51.19 12.25
C ASN A 286 16.48 50.99 13.26
N GLY A 287 17.48 50.23 12.85
CA GLY A 287 18.60 50.00 13.72
C GLY A 287 18.28 49.25 15.00
N GLU A 288 17.19 48.49 15.01
CA GLU A 288 16.84 47.72 16.19
C GLU A 288 17.17 46.25 15.96
N GLU A 289 16.97 45.43 16.99
CA GLU A 289 17.17 44.00 16.84
C GLU A 289 15.93 43.52 16.11
N ASN A 290 16.13 43.04 14.91
CA ASN A 290 15.05 42.60 14.04
C ASN A 290 15.03 41.09 13.84
N GLN A 291 15.55 40.41 14.85
CA GLN A 291 15.60 38.97 14.79
C GLN A 291 14.22 38.36 14.61
N HIS A 292 13.22 38.97 15.24
CA HIS A 292 11.84 38.51 15.16
C HIS A 292 11.33 38.52 13.75
N TRP A 293 12.04 39.17 12.83
CA TRP A 293 11.55 39.25 11.47
C TRP A 293 11.90 38.09 10.58
N GLN A 294 11.04 37.92 9.59
CA GLN A 294 11.17 36.93 8.57
C GLN A 294 10.65 37.51 7.29
N LEU A 295 11.57 37.70 6.35
CA LEU A 295 11.22 38.24 5.06
C LEU A 295 10.10 37.42 4.40
N HIS A 296 9.24 38.07 3.65
CA HIS A 296 8.16 37.37 3.00
C HIS A 296 7.46 38.28 2.01
N ALA A 297 6.84 37.67 1.03
CA ALA A 297 6.10 38.40 0.05
C ALA A 297 4.65 37.98 0.09
N HIS A 298 3.75 38.93 -0.12
CA HIS A 298 2.34 38.61 -0.15
C HIS A 298 1.83 38.83 -1.55
N PHE A 299 0.96 37.94 -2.01
CA PHE A 299 0.31 38.07 -3.31
C PHE A 299 -1.21 38.12 -3.09
N TYR A 300 -1.87 39.22 -3.45
CA TYR A 300 -3.30 39.38 -3.25
C TYR A 300 -4.01 39.56 -4.57
N PRO A 301 -4.56 38.46 -5.10
CA PRO A 301 -5.20 38.48 -6.38
C PRO A 301 -6.67 38.50 -6.15
N PRO A 302 -7.42 39.23 -6.99
CA PRO A 302 -8.86 39.35 -6.85
C PRO A 302 -9.71 38.29 -7.55
N LEU A 303 -9.17 37.59 -8.53
CA LEU A 303 -10.01 36.61 -9.24
C LEU A 303 -10.54 35.49 -8.31
N LEU A 304 -11.78 35.06 -8.59
CA LEU A 304 -12.39 34.06 -7.73
C LEU A 304 -12.99 32.86 -8.41
N ARG A 305 -13.99 33.11 -9.23
CA ARG A 305 -14.70 32.04 -9.88
C ARG A 305 -14.14 31.69 -11.24
N SER A 306 -13.63 32.72 -11.90
CA SER A 306 -13.07 32.54 -13.20
C SER A 306 -12.30 33.76 -13.63
N ALA A 307 -12.03 33.81 -14.93
CA ALA A 307 -11.30 34.94 -15.49
C ALA A 307 -12.12 36.22 -15.49
N THR A 308 -13.45 36.11 -15.38
CA THR A 308 -14.26 37.31 -15.43
C THR A 308 -15.03 37.57 -14.18
N VAL A 309 -14.80 36.75 -13.16
CA VAL A 309 -15.49 36.91 -11.90
C VAL A 309 -14.53 37.01 -10.71
N ARG A 310 -14.43 38.21 -10.16
CA ARG A 310 -13.54 38.43 -9.05
C ARG A 310 -14.25 38.49 -7.71
N LYS A 311 -13.46 38.58 -6.69
CA LYS A 311 -13.96 38.72 -5.35
C LYS A 311 -14.05 40.22 -5.04
N PHE A 312 -15.08 40.66 -4.31
CA PHE A 312 -15.16 42.07 -3.98
C PHE A 312 -15.14 42.18 -2.47
N MET A 313 -14.16 42.91 -1.93
CA MET A 313 -14.08 43.09 -0.49
C MET A 313 -14.84 44.36 -0.18
N VAL A 314 -16.15 44.20 0.06
CA VAL A 314 -17.04 45.35 0.27
C VAL A 314 -17.78 45.48 1.60
N GLY A 315 -19.11 45.65 1.47
CA GLY A 315 -19.97 45.87 2.64
C GLY A 315 -19.53 45.19 3.93
N TYR A 316 -19.87 43.89 4.06
CA TYR A 316 -19.50 43.20 5.28
C TYR A 316 -17.99 43.25 5.58
N GLU A 317 -17.21 43.05 4.54
CA GLU A 317 -15.78 43.07 4.74
C GLU A 317 -15.29 44.41 5.23
N MET A 318 -15.90 45.50 4.77
CA MET A 318 -15.44 46.81 5.21
C MET A 318 -15.92 47.26 6.57
N LEU A 319 -17.16 46.87 6.85
CA LEU A 319 -17.83 47.25 8.09
C LEU A 319 -17.65 46.26 9.19
N ALA A 320 -17.29 45.04 8.86
CA ALA A 320 -17.11 44.06 9.89
C ALA A 320 -15.83 43.23 9.80
N GLU A 321 -15.79 42.35 8.82
CA GLU A 321 -14.57 41.57 8.74
C GLU A 321 -14.41 40.89 7.42
N THR A 322 -13.16 40.72 7.03
CA THR A 322 -12.89 40.02 5.80
C THR A 322 -13.55 38.62 5.79
N GLN A 323 -14.12 38.28 4.63
CA GLN A 323 -14.80 37.05 4.40
C GLN A 323 -14.28 36.40 3.12
N ARG A 324 -14.25 35.07 3.14
CA ARG A 324 -13.84 34.27 1.99
C ARG A 324 -14.89 33.22 1.66
N ASP A 325 -15.07 32.99 0.37
CA ASP A 325 -16.09 32.07 -0.11
C ASP A 325 -15.64 30.66 -0.43
N LEU A 326 -14.40 30.34 -0.09
CA LEU A 326 -13.80 29.02 -0.32
C LEU A 326 -12.65 28.86 0.65
N THR A 327 -12.30 27.64 1.03
CA THR A 327 -11.23 27.47 2.00
C THR A 327 -9.86 27.71 1.39
N ALA A 328 -8.89 27.92 2.25
CA ALA A 328 -7.53 28.09 1.76
C ALA A 328 -7.07 26.78 1.17
N GLU A 329 -7.55 25.68 1.75
CA GLU A 329 -7.19 24.35 1.27
C GLU A 329 -7.70 24.07 -0.14
N GLN A 330 -8.91 24.55 -0.44
CA GLN A 330 -9.49 24.36 -1.76
C GLN A 330 -8.71 25.17 -2.76
N ALA A 331 -8.36 26.39 -2.33
CA ALA A 331 -7.61 27.30 -3.19
C ALA A 331 -6.26 26.69 -3.59
N ALA A 332 -5.51 26.24 -2.57
CA ALA A 332 -4.21 25.61 -2.74
C ALA A 332 -4.28 24.41 -3.65
N GLU A 333 -5.28 23.56 -3.42
CA GLU A 333 -5.45 22.38 -4.24
C GLU A 333 -5.67 22.72 -5.69
N ARG A 334 -6.48 23.75 -5.95
CA ARG A 334 -6.71 24.13 -7.32
C ARG A 334 -5.43 24.66 -7.95
N LEU A 335 -4.65 25.35 -7.14
CA LEU A 335 -3.41 25.90 -7.63
C LEU A 335 -2.40 24.79 -7.85
N ARG A 336 -2.49 23.68 -7.12
CA ARG A 336 -1.52 22.62 -7.35
C ARG A 336 -1.82 21.84 -8.61
N ALA A 337 -3.09 21.78 -8.97
CA ALA A 337 -3.57 21.05 -10.13
C ALA A 337 -3.03 21.49 -11.50
N VAL A 338 -2.57 22.72 -11.60
CA VAL A 338 -2.09 23.22 -12.87
C VAL A 338 -0.58 23.07 -13.04
N SER A 339 -0.15 23.41 -14.24
CA SER A 339 1.25 23.35 -14.47
C SER A 339 1.94 24.60 -13.92
N ASP A 340 3.22 24.49 -13.59
CA ASP A 340 4.00 25.62 -13.13
C ASP A 340 4.82 26.19 -14.29
N ILE A 341 4.46 25.84 -15.51
CA ILE A 341 5.10 26.34 -16.71
C ILE A 341 4.07 27.19 -17.42
N HIS A 342 4.34 28.50 -17.56
CA HIS A 342 3.40 29.41 -18.24
C HIS A 342 2.87 28.83 -19.55
N PHE A 343 1.56 28.85 -19.73
CA PHE A 343 0.95 28.29 -20.92
C PHE A 343 1.53 28.78 -22.24
N ARG A 344 1.97 30.02 -22.22
CA ARG A 344 2.55 30.67 -23.37
C ARG A 344 3.91 30.09 -23.68
N GLU A 345 4.61 29.70 -22.63
CA GLU A 345 5.92 29.11 -22.84
C GLU A 345 5.84 27.63 -23.17
N SER A 346 4.88 26.94 -22.57
CA SER A 346 4.76 25.53 -22.81
C SER A 346 4.06 25.20 -24.09
N GLY A 347 3.35 26.16 -24.64
CA GLY A 347 2.64 25.89 -25.89
C GLY A 347 1.48 24.89 -25.73
N VAL A 348 1.19 24.47 -24.52
CA VAL A 348 0.08 23.51 -24.33
C VAL A 348 -1.28 24.14 -24.61
N THR B 2 9.46 73.99 5.24
CA THR B 2 8.78 75.26 4.98
C THR B 2 7.41 75.33 5.61
N GLN B 3 6.53 76.19 5.06
CA GLN B 3 5.20 76.29 5.64
C GLN B 3 4.27 75.18 5.19
N PHE B 4 3.94 74.32 6.13
CA PHE B 4 3.07 73.19 5.84
C PHE B 4 1.66 73.59 5.43
N ASN B 5 1.22 72.99 4.33
CA ASN B 5 -0.09 73.18 3.77
C ASN B 5 -0.67 71.80 3.37
N PRO B 6 -1.66 71.38 4.10
CA PRO B 6 -2.26 70.09 3.84
C PRO B 6 -2.64 69.82 2.39
N VAL B 7 -2.97 70.84 1.61
CA VAL B 7 -3.37 70.58 0.21
C VAL B 7 -2.17 70.42 -0.76
N ASP B 8 -1.01 70.69 -0.22
CA ASP B 8 0.17 70.62 -1.02
C ASP B 8 1.15 69.59 -0.49
N HIS B 9 1.12 69.31 0.81
CA HIS B 9 2.09 68.41 1.39
C HIS B 9 1.55 67.11 1.95
N PRO B 10 2.22 66.00 1.61
CA PRO B 10 1.79 64.71 2.09
C PRO B 10 1.87 64.69 3.59
N HIS B 11 0.97 63.94 4.21
CA HIS B 11 0.96 63.85 5.67
C HIS B 11 0.05 62.69 6.00
N ARG B 12 0.04 62.28 7.27
CA ARG B 12 -0.80 61.18 7.74
C ARG B 12 -1.76 61.68 8.78
N ARG B 13 -2.98 61.15 8.66
CA ARG B 13 -4.05 61.49 9.60
C ARG B 13 -4.45 60.23 10.37
N TYR B 14 -4.79 60.38 11.65
CA TYR B 14 -5.17 59.25 12.47
C TYR B 14 -6.68 59.02 12.52
N ASN B 15 -7.06 57.74 12.51
CA ASN B 15 -8.44 57.30 12.60
C ASN B 15 -8.56 56.75 14.01
N PRO B 16 -9.21 57.50 14.90
CA PRO B 16 -9.31 57.09 16.27
C PRO B 16 -10.29 55.95 16.48
N LEU B 17 -11.10 55.68 15.45
CA LEU B 17 -12.06 54.60 15.57
C LEU B 17 -11.37 53.26 15.40
N THR B 18 -10.31 53.27 14.58
CA THR B 18 -9.53 52.06 14.27
C THR B 18 -8.09 52.03 14.81
N GLY B 19 -7.53 53.20 15.19
CA GLY B 19 -6.18 53.35 15.71
C GLY B 19 -5.18 53.18 14.57
N GLN B 20 -5.62 53.49 13.36
CA GLN B 20 -4.78 53.38 12.18
C GLN B 20 -4.59 54.71 11.47
N TRP B 21 -3.55 54.80 10.63
CA TRP B 21 -3.24 56.03 9.91
C TRP B 21 -3.64 55.98 8.47
N ILE B 22 -3.82 57.21 7.94
CA ILE B 22 -4.20 57.39 6.56
C ILE B 22 -3.16 58.27 5.90
N LEU B 23 -2.61 57.80 4.78
CA LEU B 23 -1.62 58.61 4.07
C LEU B 23 -2.28 59.54 3.04
N VAL B 24 -1.99 60.83 3.17
CA VAL B 24 -2.57 61.84 2.25
C VAL B 24 -1.47 62.45 1.35
N SER B 25 -1.67 62.31 0.05
CA SER B 25 -0.78 62.82 -0.98
C SER B 25 -1.68 63.63 -1.91
N PRO B 26 -1.85 64.90 -1.57
CA PRO B 26 -2.72 65.84 -2.21
C PRO B 26 -2.63 66.13 -3.69
N HIS B 27 -1.54 65.75 -4.34
CA HIS B 27 -1.47 66.01 -5.77
C HIS B 27 -1.37 64.75 -6.63
N ARG B 28 -1.57 63.57 -6.01
CA ARG B 28 -1.45 62.28 -6.68
C ARG B 28 -2.35 61.98 -7.85
N ALA B 29 -3.54 62.55 -7.80
CA ALA B 29 -4.52 62.33 -8.84
C ALA B 29 -4.26 63.11 -10.10
N LYS B 30 -3.20 63.92 -10.11
CA LYS B 30 -2.90 64.66 -11.31
C LYS B 30 -2.19 63.78 -12.33
N ARG B 31 -1.68 62.64 -11.87
CA ARG B 31 -0.98 61.75 -12.78
C ARG B 31 -1.93 61.23 -13.84
N PRO B 32 -1.40 60.94 -15.04
CA PRO B 32 -2.27 60.40 -16.06
C PRO B 32 -2.84 59.05 -15.56
N TRP B 33 -4.04 58.76 -16.01
CA TRP B 33 -4.70 57.51 -15.64
C TRP B 33 -4.99 56.67 -16.87
N GLN B 34 -4.25 55.58 -17.05
CA GLN B 34 -4.52 54.75 -18.20
C GLN B 34 -5.02 53.38 -17.74
N GLY B 35 -5.62 53.37 -16.55
CA GLY B 35 -6.15 52.17 -15.93
C GLY B 35 -7.57 51.87 -16.35
N ALA B 36 -8.26 51.11 -15.51
CA ALA B 36 -9.62 50.74 -15.83
C ALA B 36 -10.54 51.92 -15.94
N GLN B 37 -11.60 51.72 -16.72
CA GLN B 37 -12.66 52.72 -16.86
C GLN B 37 -13.91 52.05 -16.33
N GLU B 38 -14.56 52.68 -15.36
CA GLU B 38 -15.79 52.12 -14.83
C GLU B 38 -16.95 52.26 -15.80
N THR B 39 -17.91 51.36 -15.61
CA THR B 39 -19.13 51.31 -16.41
C THR B 39 -20.25 51.86 -15.54
N PRO B 40 -20.75 53.02 -15.91
CA PRO B 40 -21.78 53.61 -15.09
C PRO B 40 -23.14 53.01 -15.33
N ALA B 41 -23.82 52.80 -14.20
CA ALA B 41 -25.15 52.24 -14.17
C ALA B 41 -26.11 52.99 -15.10
N LYS B 42 -26.92 52.22 -15.84
CA LYS B 42 -27.90 52.80 -16.75
C LYS B 42 -28.96 53.58 -15.96
N GLN B 43 -29.50 54.62 -16.58
CA GLN B 43 -30.49 55.42 -15.89
C GLN B 43 -31.90 54.89 -15.97
N VAL B 44 -32.27 54.30 -17.10
CA VAL B 44 -33.62 53.78 -17.27
C VAL B 44 -33.76 52.28 -17.00
N LEU B 45 -34.46 51.99 -15.91
CA LEU B 45 -34.77 50.65 -15.41
C LEU B 45 -36.28 50.53 -15.16
N PRO B 46 -36.87 49.35 -15.35
CA PRO B 46 -38.31 49.19 -15.13
C PRO B 46 -38.63 49.23 -13.64
N ALA B 47 -39.90 49.48 -13.29
CA ALA B 47 -40.27 49.51 -11.88
C ALA B 47 -40.43 48.09 -11.38
N HIS B 48 -40.62 47.21 -12.33
CA HIS B 48 -40.76 45.80 -12.02
C HIS B 48 -40.03 45.03 -13.10
N ASP B 49 -39.22 44.06 -12.70
CA ASP B 49 -38.49 43.21 -13.62
C ASP B 49 -38.94 41.78 -13.40
N PRO B 50 -39.64 41.25 -14.39
CA PRO B 50 -40.20 39.91 -14.39
C PRO B 50 -39.20 38.80 -14.11
N ASP B 51 -37.90 39.10 -14.24
CA ASP B 51 -36.92 38.07 -13.95
C ASP B 51 -36.09 38.39 -12.73
N CYS B 52 -36.41 39.50 -12.08
CA CYS B 52 -35.65 39.92 -10.93
C CYS B 52 -36.01 39.09 -9.73
N PHE B 53 -34.98 38.50 -9.13
CA PHE B 53 -35.16 37.65 -7.94
C PHE B 53 -35.66 38.42 -6.74
N LEU B 54 -35.46 39.74 -6.76
CA LEU B 54 -35.86 40.55 -5.62
C LEU B 54 -37.18 41.29 -5.82
N CYS B 55 -37.70 41.22 -7.04
CA CYS B 55 -38.93 41.87 -7.43
C CYS B 55 -40.13 41.20 -6.79
N ALA B 56 -41.15 42.01 -6.50
CA ALA B 56 -42.37 41.53 -5.90
C ALA B 56 -43.04 40.50 -6.77
N GLY B 57 -43.53 39.44 -6.11
CA GLY B 57 -44.20 38.34 -6.77
C GLY B 57 -43.29 37.41 -7.55
N ASN B 58 -41.98 37.66 -7.55
CA ASN B 58 -41.10 36.80 -8.30
C ASN B 58 -40.54 35.67 -7.48
N VAL B 59 -40.25 34.60 -8.21
CA VAL B 59 -39.68 33.37 -7.65
C VAL B 59 -38.16 33.52 -7.53
N ARG B 60 -37.64 33.24 -6.38
CA ARG B 60 -36.23 33.33 -6.14
C ARG B 60 -35.46 32.19 -6.80
N VAL B 61 -34.14 32.26 -6.69
CA VAL B 61 -33.27 31.27 -7.29
C VAL B 61 -33.60 29.87 -6.80
N THR B 62 -33.93 29.78 -5.53
CA THR B 62 -34.28 28.54 -4.88
C THR B 62 -35.72 28.13 -5.17
N GLY B 63 -36.43 28.94 -5.92
CA GLY B 63 -37.81 28.62 -6.23
C GLY B 63 -38.81 29.17 -5.21
N ASP B 64 -38.33 29.79 -4.15
CA ASP B 64 -39.30 30.34 -3.21
C ASP B 64 -39.95 31.55 -3.85
N LYS B 65 -41.18 31.85 -3.50
CA LYS B 65 -41.81 32.99 -4.12
C LYS B 65 -41.95 34.21 -3.21
N ASN B 66 -41.58 35.33 -3.79
CA ASN B 66 -41.69 36.60 -3.10
C ASN B 66 -43.15 37.01 -3.14
N PRO B 67 -43.66 37.55 -2.04
CA PRO B 67 -45.06 38.01 -2.01
C PRO B 67 -45.14 39.33 -2.76
N ASP B 68 -46.38 39.85 -2.94
CA ASP B 68 -46.65 41.12 -3.60
C ASP B 68 -46.52 42.20 -2.53
N TYR B 69 -45.29 42.34 -2.02
CA TYR B 69 -45.02 43.25 -0.94
C TYR B 69 -45.09 44.71 -1.26
N THR B 70 -45.16 45.45 -0.17
CA THR B 70 -45.19 46.90 -0.23
C THR B 70 -44.09 47.42 0.69
N GLY B 71 -43.52 48.59 0.41
CA GLY B 71 -42.49 49.06 1.30
C GLY B 71 -41.37 48.05 1.26
N THR B 72 -40.61 47.95 2.33
CA THR B 72 -39.50 47.00 2.37
C THR B 72 -39.96 45.54 2.37
N TYR B 73 -39.04 44.65 2.06
CA TYR B 73 -39.26 43.22 2.07
C TYR B 73 -37.95 42.61 2.53
N VAL B 74 -38.01 41.83 3.60
CA VAL B 74 -36.82 41.20 4.12
C VAL B 74 -36.99 39.69 4.09
N PHE B 75 -35.95 38.97 3.71
CA PHE B 75 -36.06 37.51 3.73
C PHE B 75 -34.70 36.94 4.07
N THR B 76 -34.67 35.72 4.56
CA THR B 76 -33.40 35.13 4.85
C THR B 76 -32.66 34.82 3.53
N ASN B 77 -31.38 35.20 3.49
CA ASN B 77 -30.60 34.97 2.28
C ASN B 77 -30.65 33.50 1.90
N ASP B 78 -30.87 33.26 0.61
CA ASP B 78 -30.92 31.93 0.08
C ASP B 78 -29.55 31.25 0.17
N PHE B 79 -28.52 32.04 0.41
CA PHE B 79 -27.18 31.49 0.51
C PHE B 79 -26.56 32.26 1.63
N ALA B 80 -27.08 32.06 2.83
CA ALA B 80 -26.57 32.80 3.95
C ALA B 80 -25.10 32.50 4.22
N ALA B 81 -24.32 33.47 4.69
CA ALA B 81 -22.91 33.23 4.92
C ALA B 81 -22.61 32.63 6.29
N LEU B 82 -23.63 32.63 7.16
CA LEU B 82 -23.53 32.10 8.51
C LEU B 82 -24.87 31.46 8.84
N MET B 83 -24.85 30.54 9.78
CA MET B 83 -26.06 29.81 10.19
C MET B 83 -26.19 29.84 11.65
N SER B 84 -27.41 29.66 12.14
CA SER B 84 -27.66 29.76 13.57
C SER B 84 -27.16 28.60 14.39
N ASP B 85 -27.14 27.44 13.76
CA ASP B 85 -26.73 26.19 14.41
C ASP B 85 -25.41 25.58 13.94
N THR B 86 -24.48 26.35 13.38
CA THR B 86 -23.24 25.71 12.95
C THR B 86 -22.47 25.13 14.13
N PRO B 87 -21.91 23.91 14.00
CA PRO B 87 -21.17 23.35 15.13
C PRO B 87 -19.99 24.21 15.51
N ASP B 88 -19.75 24.25 16.81
CA ASP B 88 -18.64 24.97 17.40
C ASP B 88 -17.34 24.45 16.81
N ALA B 89 -16.38 25.34 16.64
CA ALA B 89 -15.10 24.92 16.11
C ALA B 89 -14.27 24.42 17.27
N PRO B 90 -13.17 23.79 16.92
CA PRO B 90 -12.24 23.29 17.91
C PRO B 90 -11.40 24.49 18.24
N GLU B 91 -11.54 25.00 19.46
CA GLU B 91 -10.79 26.18 19.78
C GLU B 91 -9.47 25.89 20.47
N SER B 92 -8.42 26.55 20.02
CA SER B 92 -7.18 26.31 20.66
C SER B 92 -6.56 27.63 20.91
N HIS B 93 -5.42 27.55 21.51
CA HIS B 93 -4.70 28.73 21.77
C HIS B 93 -3.44 28.73 20.91
N ASP B 94 -3.46 27.97 19.81
CA ASP B 94 -2.29 27.92 18.97
C ASP B 94 -1.91 29.30 18.42
N PRO B 95 -0.60 29.64 18.51
CA PRO B 95 -0.12 30.92 18.04
C PRO B 95 0.04 31.06 16.54
N LEU B 96 -0.16 29.99 15.78
CA LEU B 96 0.00 30.15 14.36
C LEU B 96 -1.19 29.74 13.56
N MET B 97 -1.82 28.65 13.99
CA MET B 97 -2.92 28.15 13.24
C MET B 97 -4.10 27.83 14.10
N ARG B 98 -5.02 28.77 14.20
CA ARG B 98 -6.20 28.51 14.98
C ARG B 98 -7.50 29.05 14.42
N CYS B 99 -8.59 28.41 14.84
CA CYS B 99 -9.87 28.82 14.36
C CYS B 99 -10.84 29.03 15.49
N GLN B 100 -11.95 29.69 15.16
CA GLN B 100 -13.03 29.95 16.11
C GLN B 100 -14.39 29.68 15.49
N SER B 101 -15.40 29.53 16.36
CA SER B 101 -16.75 29.27 15.88
C SER B 101 -17.37 30.51 15.23
N ALA B 102 -18.31 30.25 14.36
CA ALA B 102 -18.96 31.33 13.73
C ALA B 102 -20.41 31.04 13.43
N ARG B 103 -21.29 31.68 14.18
CA ARG B 103 -22.72 31.51 13.97
C ARG B 103 -23.38 32.86 13.70
N GLY B 104 -24.55 32.79 13.08
CA GLY B 104 -25.28 33.99 12.74
C GLY B 104 -26.27 33.71 11.64
N THR B 105 -26.60 34.76 10.89
CA THR B 105 -27.50 34.61 9.78
C THR B 105 -27.30 35.75 8.84
N SER B 106 -27.94 35.66 7.69
CA SER B 106 -27.85 36.68 6.69
C SER B 106 -29.23 36.96 6.12
N ARG B 107 -29.61 38.23 6.10
CA ARG B 107 -30.91 38.59 5.52
C ARG B 107 -30.78 39.62 4.41
N VAL B 108 -31.73 39.57 3.51
CA VAL B 108 -31.73 40.46 2.41
C VAL B 108 -32.87 41.43 2.61
N ILE B 109 -32.62 42.72 2.36
CA ILE B 109 -33.63 43.75 2.49
C ILE B 109 -33.87 44.51 1.20
N CYS B 110 -35.05 44.31 0.64
CA CYS B 110 -35.43 45.02 -0.57
C CYS B 110 -35.96 46.36 -0.10
N PHE B 111 -35.40 47.47 -0.58
CA PHE B 111 -35.81 48.81 -0.14
C PHE B 111 -37.28 49.14 -0.42
N SER B 112 -37.74 48.75 -1.57
CA SER B 112 -39.10 48.92 -1.98
C SER B 112 -39.32 48.04 -3.18
N PRO B 113 -40.58 47.92 -3.60
CA PRO B 113 -40.94 47.13 -4.75
C PRO B 113 -40.50 47.75 -6.07
N ASP B 114 -40.08 49.00 -6.01
CA ASP B 114 -39.61 49.70 -7.21
C ASP B 114 -38.15 49.35 -7.53
N HIS B 115 -38.01 48.50 -8.55
CA HIS B 115 -36.75 47.98 -9.04
C HIS B 115 -35.82 49.07 -9.54
N SER B 116 -36.35 50.26 -9.86
CA SER B 116 -35.49 51.33 -10.38
C SER B 116 -35.24 52.55 -9.51
N LYS B 117 -35.70 52.52 -8.28
CA LYS B 117 -35.52 53.66 -7.40
C LYS B 117 -34.51 53.45 -6.28
N THR B 118 -33.32 54.04 -6.46
CA THR B 118 -32.29 53.96 -5.43
C THR B 118 -32.70 54.85 -4.27
N LEU B 119 -31.99 54.78 -3.17
CA LEU B 119 -32.30 55.61 -2.02
C LEU B 119 -32.65 57.10 -2.25
N PRO B 120 -31.75 57.89 -2.87
CA PRO B 120 -32.02 59.31 -3.07
C PRO B 120 -33.25 59.55 -3.95
N GLU B 121 -33.68 58.49 -4.64
CA GLU B 121 -34.83 58.54 -5.53
C GLU B 121 -36.13 58.28 -4.79
N LEU B 122 -35.98 57.83 -3.54
CA LEU B 122 -37.11 57.49 -2.68
C LEU B 122 -37.57 58.67 -1.85
N SER B 123 -38.84 58.66 -1.47
CA SER B 123 -39.40 59.69 -0.64
C SER B 123 -38.92 59.52 0.80
N VAL B 124 -38.95 60.63 1.56
CA VAL B 124 -38.56 60.61 2.95
C VAL B 124 -39.43 59.60 3.69
N ALA B 125 -40.70 59.51 3.26
CA ALA B 125 -41.65 58.58 3.85
C ALA B 125 -41.14 57.15 3.66
N ALA B 126 -40.83 56.84 2.40
CA ALA B 126 -40.30 55.54 2.02
C ALA B 126 -38.99 55.28 2.74
N LEU B 127 -38.15 56.28 2.77
CA LEU B 127 -36.89 56.12 3.47
C LEU B 127 -37.13 55.86 4.96
N THR B 128 -38.18 56.49 5.51
CA THR B 128 -38.50 56.30 6.92
C THR B 128 -38.88 54.83 7.17
N GLU B 129 -39.62 54.28 6.20
CA GLU B 129 -40.01 52.89 6.28
C GLU B 129 -38.73 52.03 6.35
N ILE B 130 -37.72 52.38 5.58
CA ILE B 130 -36.49 51.61 5.61
C ILE B 130 -35.81 51.68 6.96
N VAL B 131 -35.81 52.86 7.54
CA VAL B 131 -35.22 53.03 8.83
C VAL B 131 -35.96 52.16 9.82
N LYS B 132 -37.28 52.16 9.75
CA LYS B 132 -38.05 51.33 10.68
C LYS B 132 -37.63 49.83 10.58
N THR B 133 -37.52 49.33 9.34
CA THR B 133 -37.12 47.96 9.11
C THR B 133 -35.73 47.69 9.66
N TRP B 134 -34.77 48.60 9.41
CA TRP B 134 -33.42 48.40 9.95
C TRP B 134 -33.46 48.24 11.46
N GLN B 135 -34.37 49.05 12.07
CA GLN B 135 -34.51 49.04 13.51
C GLN B 135 -35.11 47.71 13.98
N GLU B 136 -36.19 47.33 13.31
CA GLU B 136 -36.83 46.10 13.68
C GLU B 136 -35.85 44.95 13.55
N GLN B 137 -35.14 44.93 12.45
CA GLN B 137 -34.19 43.86 12.21
C GLN B 137 -33.11 43.87 13.26
N THR B 138 -32.64 45.06 13.61
CA THR B 138 -31.60 45.15 14.61
C THR B 138 -32.08 44.67 15.97
N ALA B 139 -33.23 45.17 16.37
CA ALA B 139 -33.76 44.76 17.66
C ALA B 139 -33.96 43.25 17.73
N GLU B 140 -34.58 42.70 16.66
CA GLU B 140 -34.89 41.28 16.52
C GLU B 140 -33.67 40.36 16.68
N LEU B 141 -32.73 40.47 15.77
CA LEU B 141 -31.48 39.69 15.76
C LEU B 141 -30.63 39.95 16.98
N GLY B 142 -30.70 41.16 17.51
CA GLY B 142 -29.94 41.54 18.70
C GLY B 142 -30.32 40.71 19.94
N LYS B 143 -31.46 40.06 19.84
CA LYS B 143 -31.92 39.23 20.92
C LYS B 143 -31.09 37.99 21.01
N THR B 144 -30.57 37.57 19.85
CA THR B 144 -29.75 36.38 19.79
C THR B 144 -28.26 36.63 19.51
N TYR B 145 -27.97 37.64 18.72
CA TYR B 145 -26.59 37.90 18.35
C TYR B 145 -26.08 39.22 18.90
N PRO B 146 -24.84 39.20 19.34
CA PRO B 146 -24.24 40.42 19.89
C PRO B 146 -23.90 41.46 18.81
N TRP B 147 -23.67 41.00 17.59
CA TRP B 147 -23.35 41.88 16.47
C TRP B 147 -24.29 41.72 15.33
N VAL B 148 -24.97 42.84 15.04
CA VAL B 148 -25.95 42.93 13.97
C VAL B 148 -25.39 43.94 12.99
N GLN B 149 -25.15 43.48 11.76
CA GLN B 149 -24.55 44.34 10.74
C GLN B 149 -25.46 44.71 9.57
N VAL B 150 -26.00 45.93 9.63
CA VAL B 150 -26.83 46.43 8.55
C VAL B 150 -25.90 47.06 7.53
N PHE B 151 -26.09 46.73 6.25
CA PHE B 151 -25.24 47.29 5.22
C PHE B 151 -25.90 47.31 3.86
N GLU B 152 -25.22 47.93 2.91
CA GLU B 152 -25.70 47.98 1.56
C GLU B 152 -24.52 48.06 0.61
N ASN B 153 -24.58 47.25 -0.46
CA ASN B 153 -23.61 47.18 -1.56
C ASN B 153 -24.33 47.72 -2.75
N LYS B 154 -23.95 48.91 -3.18
CA LYS B 154 -24.66 49.54 -4.26
C LYS B 154 -23.80 49.75 -5.47
N GLY B 155 -24.22 49.18 -6.58
CA GLY B 155 -23.50 49.33 -7.83
C GLY B 155 -22.49 48.22 -8.08
N ALA B 156 -22.30 47.92 -9.37
CA ALA B 156 -21.38 46.91 -9.86
C ALA B 156 -19.99 47.04 -9.26
N ALA B 157 -19.52 48.29 -9.17
CA ALA B 157 -18.21 48.56 -8.59
C ALA B 157 -18.16 48.20 -7.11
N MET B 158 -19.34 48.05 -6.51
CA MET B 158 -19.39 47.72 -5.10
C MET B 158 -19.72 46.28 -4.85
N GLY B 159 -19.42 45.47 -5.84
CA GLY B 159 -19.64 44.06 -5.76
C GLY B 159 -21.07 43.63 -5.55
N CYS B 160 -22.04 44.49 -5.94
CA CYS B 160 -23.44 44.09 -5.82
C CYS B 160 -23.64 42.94 -6.79
N SER B 161 -24.50 41.95 -6.44
CA SER B 161 -24.76 40.77 -7.27
C SER B 161 -26.17 40.71 -7.83
N ASN B 162 -26.93 41.79 -7.60
CA ASN B 162 -28.32 41.94 -8.06
C ASN B 162 -28.67 43.43 -8.07
N PRO B 163 -29.21 43.90 -9.19
CA PRO B 163 -29.57 45.33 -9.37
C PRO B 163 -30.73 45.86 -8.53
N HIS B 164 -31.59 45.02 -8.01
CA HIS B 164 -32.69 45.56 -7.23
C HIS B 164 -32.18 46.37 -6.05
N PRO B 165 -32.76 47.51 -5.86
CA PRO B 165 -32.35 48.37 -4.76
C PRO B 165 -32.55 47.75 -3.39
N GLY B 166 -31.46 47.45 -2.69
CA GLY B 166 -31.61 46.82 -1.39
C GLY B 166 -30.30 46.65 -0.64
N GLY B 167 -30.38 46.05 0.55
CA GLY B 167 -29.21 45.87 1.36
C GLY B 167 -29.20 44.53 2.05
N GLN B 168 -28.39 44.42 3.08
CA GLN B 168 -28.29 43.17 3.83
C GLN B 168 -28.07 43.37 5.31
N ILE B 169 -28.36 42.31 6.06
CA ILE B 169 -28.15 42.33 7.48
C ILE B 169 -27.49 41.02 7.81
N TRP B 170 -26.27 41.09 8.32
CA TRP B 170 -25.63 39.86 8.68
C TRP B 170 -25.46 39.93 10.16
N ALA B 171 -25.92 38.90 10.87
CA ALA B 171 -25.77 38.83 12.31
C ALA B 171 -24.67 37.84 12.69
N ASN B 172 -23.95 38.13 13.79
CA ASN B 172 -22.85 37.29 14.24
C ASN B 172 -22.85 37.00 15.72
N SER B 173 -22.46 35.78 16.01
CA SER B 173 -22.36 35.31 17.37
C SER B 173 -21.11 35.86 18.02
N PHE B 174 -20.28 36.56 17.23
CA PHE B 174 -19.07 37.15 17.77
C PHE B 174 -18.99 38.60 17.27
N LEU B 175 -18.06 39.37 17.83
CA LEU B 175 -17.88 40.74 17.38
C LEU B 175 -16.83 40.69 16.28
N PRO B 176 -17.19 41.02 15.03
CA PRO B 176 -16.21 40.98 13.95
C PRO B 176 -15.11 42.04 14.18
N ASN B 177 -14.01 41.89 13.45
CA ASN B 177 -12.86 42.74 13.58
C ASN B 177 -13.16 44.22 13.87
N GLU B 178 -13.90 44.83 12.94
CA GLU B 178 -14.25 46.25 13.02
C GLU B 178 -14.96 46.65 14.32
N ALA B 179 -15.94 45.80 14.70
CA ALA B 179 -16.75 45.92 15.91
C ALA B 179 -15.90 45.82 17.16
N GLU B 180 -15.05 44.81 17.22
CA GLU B 180 -14.20 44.67 18.37
C GLU B 180 -13.28 45.85 18.61
N ARG B 181 -12.70 46.35 17.55
CA ARG B 181 -11.77 47.45 17.68
C ARG B 181 -12.47 48.78 17.96
N GLU B 182 -13.55 49.03 17.22
CA GLU B 182 -14.29 50.27 17.44
C GLU B 182 -14.75 50.29 18.88
N ASP B 183 -15.26 49.16 19.37
CA ASP B 183 -15.72 49.06 20.76
C ASP B 183 -14.60 49.35 21.76
N ARG B 184 -13.46 48.71 21.53
CA ARG B 184 -12.33 48.87 22.38
C ARG B 184 -11.83 50.32 22.43
N LEU B 185 -11.61 50.87 21.25
CA LEU B 185 -11.10 52.23 21.15
C LEU B 185 -12.08 53.24 21.72
N GLN B 186 -13.35 53.05 21.42
CA GLN B 186 -14.34 53.97 21.98
C GLN B 186 -14.37 53.86 23.48
N LYS B 187 -14.21 52.63 23.98
CA LYS B 187 -14.25 52.44 25.40
C LYS B 187 -13.07 53.08 26.07
N GLU B 188 -11.93 52.97 25.41
CA GLU B 188 -10.78 53.54 26.00
C GLU B 188 -10.88 55.05 26.08
N TYR B 189 -11.39 55.61 25.02
CA TYR B 189 -11.56 57.03 25.00
C TYR B 189 -12.46 57.53 26.11
N PHE B 190 -13.55 56.83 26.26
CA PHE B 190 -14.56 57.15 27.24
C PHE B 190 -14.01 57.08 28.63
N ALA B 191 -13.26 56.04 28.88
CA ALA B 191 -12.70 55.92 30.20
C ALA B 191 -11.81 57.10 30.52
N GLU B 192 -11.19 57.62 29.50
CA GLU B 192 -10.26 58.71 29.73
C GLU B 192 -10.88 60.09 29.66
N GLN B 193 -11.81 60.24 28.75
CA GLN B 193 -12.44 61.52 28.58
C GLN B 193 -13.76 61.65 29.31
N LYS B 194 -14.38 60.53 29.68
CA LYS B 194 -15.67 60.55 30.37
C LYS B 194 -16.76 61.14 29.48
N SER B 195 -16.53 61.05 28.17
CA SER B 195 -17.42 61.55 27.15
C SER B 195 -17.34 60.64 25.92
N PRO B 196 -18.43 60.42 25.19
CA PRO B 196 -18.35 59.53 24.04
C PRO B 196 -17.53 60.12 22.91
N MET B 197 -16.61 59.32 22.35
CA MET B 197 -15.73 59.76 21.27
C MET B 197 -16.37 60.49 20.10
N LEU B 198 -17.40 59.90 19.51
CA LEU B 198 -18.06 60.48 18.38
C LEU B 198 -19.02 61.58 18.77
N VAL B 199 -19.37 61.60 20.04
CA VAL B 199 -20.23 62.68 20.45
C VAL B 199 -19.36 63.96 20.41
N ASP B 200 -18.21 63.84 21.03
CA ASP B 200 -17.28 64.95 21.03
C ASP B 200 -16.93 65.34 19.62
N TYR B 201 -16.68 64.33 18.80
CA TYR B 201 -16.32 64.52 17.40
C TYR B 201 -17.37 65.35 16.72
N VAL B 202 -18.60 64.99 16.97
CA VAL B 202 -19.68 65.74 16.37
C VAL B 202 -19.59 67.22 16.77
N GLN B 203 -19.34 67.48 18.03
CA GLN B 203 -19.25 68.86 18.46
C GLN B 203 -18.09 69.59 17.81
N ARG B 204 -16.94 68.94 17.76
CA ARG B 204 -15.79 69.55 17.14
C ARG B 204 -16.06 69.92 15.69
N GLU B 205 -16.82 69.09 15.00
CA GLU B 205 -17.14 69.36 13.61
C GLU B 205 -18.12 70.49 13.46
N LEU B 206 -18.99 70.60 14.45
CA LEU B 206 -20.02 71.61 14.43
C LEU B 206 -19.38 72.98 14.58
N ALA B 207 -18.30 73.00 15.35
CA ALA B 207 -17.51 74.15 15.63
C ALA B 207 -16.50 74.44 14.52
N ASP B 208 -16.61 73.72 13.39
CA ASP B 208 -15.66 73.93 12.31
C ASP B 208 -16.35 74.15 10.99
N GLY B 209 -17.03 73.12 10.53
CA GLY B 209 -17.77 73.21 9.30
C GLY B 209 -16.99 72.85 8.07
N SER B 210 -15.66 72.78 8.17
CA SER B 210 -14.85 72.47 6.99
C SER B 210 -15.16 71.16 6.25
N ARG B 211 -15.47 70.14 7.03
CA ARG B 211 -15.75 68.83 6.47
C ARG B 211 -17.24 68.49 6.44
N THR B 212 -18.07 69.45 6.82
CA THR B 212 -19.51 69.22 6.82
C THR B 212 -20.07 69.14 5.42
N VAL B 213 -20.95 68.13 5.21
CA VAL B 213 -21.58 67.86 3.93
C VAL B 213 -23.10 67.98 3.95
N VAL B 214 -23.67 67.50 5.05
CA VAL B 214 -25.10 67.51 5.29
C VAL B 214 -25.32 67.81 6.75
N GLU B 215 -26.26 68.70 7.03
CA GLU B 215 -26.56 68.99 8.41
C GLU B 215 -28.05 69.15 8.52
N THR B 216 -28.62 68.48 9.49
CA THR B 216 -30.06 68.57 9.69
C THR B 216 -30.27 68.84 11.15
N GLU B 217 -31.54 68.86 11.54
CA GLU B 217 -31.80 69.11 12.93
C GLU B 217 -31.15 68.10 13.88
N HIS B 218 -31.27 66.82 13.55
CA HIS B 218 -30.71 65.80 14.42
C HIS B 218 -29.45 65.09 13.90
N TRP B 219 -29.06 65.34 12.64
CA TRP B 219 -27.90 64.66 12.09
C TRP B 219 -26.87 65.55 11.46
N LEU B 220 -25.71 64.94 11.34
CA LEU B 220 -24.58 65.55 10.71
C LEU B 220 -23.88 64.53 9.82
N ALA B 221 -23.57 64.95 8.60
CA ALA B 221 -22.83 64.11 7.68
C ALA B 221 -21.55 64.87 7.28
N VAL B 222 -20.37 64.29 7.55
CA VAL B 222 -19.11 64.94 7.19
C VAL B 222 -18.16 64.00 6.49
N VAL B 223 -17.14 64.55 5.82
CA VAL B 223 -16.11 63.71 5.22
C VAL B 223 -15.20 63.63 6.44
N PRO B 224 -15.17 62.51 7.15
CA PRO B 224 -14.38 62.46 8.37
C PRO B 224 -12.96 62.96 8.17
N TYR B 225 -12.42 63.51 9.23
CA TYR B 225 -11.09 64.04 9.23
C TYR B 225 -10.11 62.99 8.68
N TRP B 226 -10.29 61.73 9.14
CA TRP B 226 -9.49 60.54 8.79
C TRP B 226 -10.04 59.68 7.68
N ALA B 227 -10.90 60.24 6.84
CA ALA B 227 -11.50 59.57 5.72
C ALA B 227 -10.47 58.87 4.84
N ALA B 228 -10.82 57.65 4.47
CA ALA B 228 -10.00 56.81 3.62
C ALA B 228 -10.40 57.00 2.16
N TRP B 229 -11.64 56.61 1.83
CA TRP B 229 -12.18 56.71 0.48
C TRP B 229 -12.30 58.17 0.07
N PRO B 230 -12.15 58.44 -1.23
CA PRO B 230 -12.16 59.82 -1.71
C PRO B 230 -13.30 60.70 -1.14
N PHE B 231 -14.51 60.31 -1.40
CA PHE B 231 -15.68 61.07 -0.95
C PHE B 231 -16.41 60.36 0.20
N GLU B 232 -15.69 59.64 1.03
CA GLU B 232 -16.30 58.95 2.16
C GLU B 232 -16.95 59.94 3.14
N THR B 233 -18.06 59.52 3.73
CA THR B 233 -18.74 60.34 4.72
C THR B 233 -19.04 59.49 5.93
N LEU B 234 -19.21 60.17 7.03
CA LEU B 234 -19.55 59.57 8.31
C LEU B 234 -20.83 60.28 8.68
N LEU B 235 -21.91 59.51 8.87
CA LEU B 235 -23.26 60.00 9.18
C LEU B 235 -23.65 59.73 10.61
N LEU B 236 -23.91 60.79 11.38
CA LEU B 236 -24.21 60.51 12.75
C LEU B 236 -25.14 61.48 13.42
N PRO B 237 -25.78 61.00 14.48
CA PRO B 237 -26.74 61.81 15.24
C PRO B 237 -26.03 62.82 16.10
N LYS B 238 -26.52 64.05 16.14
CA LYS B 238 -25.86 65.04 16.94
C LYS B 238 -25.91 64.68 18.41
N ALA B 239 -26.99 63.98 18.81
CA ALA B 239 -27.20 63.55 20.19
C ALA B 239 -26.70 62.14 20.43
N HIS B 240 -26.28 61.89 21.66
CA HIS B 240 -25.78 60.57 22.03
C HIS B 240 -26.84 59.53 21.82
N VAL B 241 -26.55 58.58 20.96
CA VAL B 241 -27.48 57.51 20.68
C VAL B 241 -26.69 56.22 20.59
N LEU B 242 -27.01 55.24 21.42
CA LEU B 242 -26.32 53.97 21.43
C LEU B 242 -26.52 53.12 20.20
N ARG B 243 -27.75 52.87 19.81
CA ARG B 243 -28.11 52.05 18.67
C ARG B 243 -29.20 52.67 17.84
N ILE B 244 -29.38 52.11 16.66
CA ILE B 244 -30.40 52.62 15.77
C ILE B 244 -31.81 52.45 16.33
N THR B 245 -31.95 51.46 17.20
CA THR B 245 -33.26 51.18 17.79
C THR B 245 -33.65 52.21 18.83
N ASP B 246 -32.66 52.97 19.28
CA ASP B 246 -32.83 54.01 20.29
C ASP B 246 -33.20 55.36 19.74
N LEU B 247 -33.34 55.47 18.44
CA LEU B 247 -33.70 56.76 17.88
C LEU B 247 -35.12 57.15 18.25
N THR B 248 -35.36 58.44 18.46
CA THR B 248 -36.71 58.94 18.71
C THR B 248 -37.38 59.01 17.35
N ASP B 249 -38.70 59.03 17.32
CA ASP B 249 -39.34 59.08 16.00
C ASP B 249 -38.93 60.30 15.19
N ALA B 250 -38.64 61.36 15.90
CA ALA B 250 -38.22 62.58 15.21
C ALA B 250 -36.84 62.35 14.61
N GLN B 251 -35.95 61.77 15.43
CA GLN B 251 -34.61 61.48 14.95
C GLN B 251 -34.67 60.61 13.73
N ARG B 252 -35.58 59.64 13.79
CA ARG B 252 -35.77 58.70 12.70
C ARG B 252 -36.28 59.34 11.43
N SER B 253 -37.33 60.16 11.55
CA SER B 253 -37.82 60.81 10.36
C SER B 253 -36.74 61.76 9.82
N ASP B 254 -35.96 62.32 10.75
CA ASP B 254 -34.91 63.24 10.39
C ASP B 254 -33.79 62.50 9.67
N LEU B 255 -33.52 61.28 10.09
CA LEU B 255 -32.45 60.47 9.44
C LEU B 255 -32.81 60.21 8.00
N ALA B 256 -34.09 60.02 7.74
CA ALA B 256 -34.47 59.77 6.38
C ALA B 256 -34.20 60.98 5.52
N LEU B 257 -34.47 62.11 6.12
CA LEU B 257 -34.26 63.34 5.39
C LEU B 257 -32.77 63.49 5.08
N ALA B 258 -31.96 63.22 6.10
CA ALA B 258 -30.51 63.34 5.97
C ALA B 258 -29.96 62.42 4.88
N LEU B 259 -30.51 61.21 4.88
CA LEU B 259 -30.12 60.20 3.91
C LEU B 259 -30.48 60.61 2.50
N LYS B 260 -31.63 61.20 2.34
CA LYS B 260 -32.00 61.58 1.02
C LYS B 260 -31.09 62.67 0.55
N LYS B 261 -30.85 63.60 1.46
CA LYS B 261 -29.97 64.73 1.11
C LYS B 261 -28.54 64.24 0.78
N LEU B 262 -28.00 63.41 1.65
CA LEU B 262 -26.65 62.92 1.45
C LEU B 262 -26.53 62.17 0.15
N THR B 263 -27.37 61.17 -0.01
CA THR B 263 -27.31 60.41 -1.22
C THR B 263 -27.62 61.21 -2.49
N SER B 264 -28.37 62.31 -2.39
CA SER B 264 -28.66 63.12 -3.57
C SER B 264 -27.41 63.90 -3.94
N ARG B 265 -26.71 64.35 -2.93
CA ARG B 265 -25.49 65.04 -3.21
C ARG B 265 -24.52 64.07 -3.90
N TYR B 266 -24.36 62.87 -3.34
CA TYR B 266 -23.49 61.87 -3.96
C TYR B 266 -23.85 61.66 -5.44
N ASP B 267 -25.13 61.44 -5.76
CA ASP B 267 -25.47 61.24 -7.15
C ASP B 267 -25.20 62.46 -8.03
N ASN B 268 -25.33 63.63 -7.44
CA ASN B 268 -25.15 64.89 -8.15
C ASN B 268 -23.69 65.22 -8.45
N LEU B 269 -22.79 64.69 -7.63
CA LEU B 269 -21.36 64.92 -7.83
C LEU B 269 -20.89 64.68 -9.27
N PHE B 270 -21.28 63.53 -9.83
CA PHE B 270 -20.93 63.15 -11.19
C PHE B 270 -22.18 62.91 -12.04
N GLN B 271 -23.36 63.31 -11.54
CA GLN B 271 -24.59 63.11 -12.31
C GLN B 271 -24.76 61.68 -12.85
N CYS B 272 -24.67 60.72 -11.94
CA CYS B 272 -24.79 59.30 -12.19
C CYS B 272 -25.18 58.63 -10.90
N SER B 273 -25.59 57.38 -10.94
CA SER B 273 -25.93 56.72 -9.69
C SER B 273 -24.62 56.37 -9.05
N PHE B 274 -24.29 57.07 -7.98
CA PHE B 274 -23.04 56.92 -7.28
C PHE B 274 -22.91 55.63 -6.48
N PRO B 275 -21.95 54.79 -6.82
CA PRO B 275 -21.84 53.56 -6.05
C PRO B 275 -21.16 53.75 -4.69
N TYR B 276 -21.42 52.78 -3.77
CA TYR B 276 -20.82 52.73 -2.47
C TYR B 276 -21.21 51.45 -1.73
N SER B 277 -20.52 51.26 -0.62
CA SER B 277 -20.79 50.28 0.40
C SER B 277 -21.03 51.16 1.64
N MET B 278 -22.13 50.94 2.37
CA MET B 278 -22.42 51.72 3.58
C MET B 278 -22.92 50.76 4.64
N GLY B 279 -22.84 51.14 5.89
CA GLY B 279 -23.34 50.26 6.94
C GLY B 279 -23.48 51.02 8.24
N TRP B 280 -24.11 50.39 9.20
CA TRP B 280 -24.31 51.01 10.49
C TRP B 280 -23.54 50.30 11.56
N HIS B 281 -23.00 51.11 12.45
CA HIS B 281 -22.23 50.69 13.61
C HIS B 281 -22.85 51.28 14.85
N GLY B 282 -23.23 50.41 15.78
CA GLY B 282 -23.81 50.83 17.02
C GLY B 282 -23.39 49.86 18.09
N ALA B 283 -23.81 50.14 19.32
CA ALA B 283 -23.44 49.24 20.40
C ALA B 283 -23.87 47.78 20.14
N PRO B 284 -23.00 46.91 20.56
CA PRO B 284 -23.22 45.50 20.46
C PRO B 284 -24.25 45.10 21.52
N PHE B 285 -24.94 43.97 21.31
CA PHE B 285 -25.89 43.45 22.29
C PHE B 285 -25.15 42.44 23.17
N ASN B 286 -24.32 42.96 24.04
CA ASN B 286 -23.52 42.07 24.86
C ASN B 286 -23.77 42.20 26.33
N GLY B 287 -24.83 42.90 26.65
CA GLY B 287 -25.18 43.07 28.04
C GLY B 287 -24.19 43.84 28.88
N GLU B 288 -23.29 44.59 28.22
CA GLU B 288 -22.28 45.36 28.94
C GLU B 288 -22.59 46.85 28.94
N GLU B 289 -21.78 47.59 29.72
CA GLU B 289 -21.77 49.05 29.85
C GLU B 289 -21.35 49.60 28.50
N ASN B 290 -22.31 50.15 27.74
CA ASN B 290 -22.04 50.64 26.39
C ASN B 290 -22.16 52.15 26.18
N GLN B 291 -22.08 52.92 27.24
CA GLN B 291 -22.19 54.37 27.11
C GLN B 291 -21.13 54.96 26.15
N HIS B 292 -20.01 54.27 25.98
CA HIS B 292 -18.93 54.77 25.11
C HIS B 292 -19.28 54.82 23.63
N TRP B 293 -20.33 54.11 23.27
CA TRP B 293 -20.81 54.02 21.91
C TRP B 293 -21.62 55.21 21.46
N GLN B 294 -21.56 55.41 20.17
CA GLN B 294 -22.26 56.42 19.43
C GLN B 294 -22.61 55.83 18.08
N LEU B 295 -23.89 55.71 17.81
CA LEU B 295 -24.38 55.18 16.55
C LEU B 295 -23.85 56.00 15.39
N HIS B 296 -23.52 55.35 14.29
CA HIS B 296 -23.05 56.11 13.15
C HIS B 296 -23.06 55.25 11.93
N ALA B 297 -23.10 55.89 10.81
CA ALA B 297 -23.06 55.19 9.53
C ALA B 297 -21.84 55.61 8.71
N HIS B 298 -21.21 54.64 8.03
CA HIS B 298 -20.11 54.92 7.16
C HIS B 298 -20.52 54.67 5.72
N PHE B 299 -20.11 55.59 4.80
CA PHE B 299 -20.37 55.45 3.39
C PHE B 299 -18.99 55.41 2.74
N TYR B 300 -18.69 54.32 2.02
CA TYR B 300 -17.41 54.09 1.35
C TYR B 300 -17.62 53.99 -0.13
N PRO B 301 -17.58 55.14 -0.78
CA PRO B 301 -17.79 55.22 -2.23
C PRO B 301 -16.43 55.13 -2.96
N PRO B 302 -16.37 54.33 -4.03
CA PRO B 302 -15.06 54.16 -4.73
C PRO B 302 -14.70 55.19 -5.81
N LEU B 303 -15.70 55.96 -6.31
CA LEU B 303 -15.47 56.94 -7.36
C LEU B 303 -14.48 58.04 -6.96
N LEU B 304 -13.61 58.42 -7.92
CA LEU B 304 -12.64 59.42 -7.58
C LEU B 304 -12.59 60.59 -8.52
N ARG B 305 -12.31 60.31 -9.78
CA ARG B 305 -12.16 61.41 -10.69
C ARG B 305 -13.39 61.76 -11.44
N SER B 306 -14.25 60.79 -11.62
CA SER B 306 -15.41 61.01 -12.39
C SER B 306 -16.25 59.80 -12.29
N ALA B 307 -17.22 59.77 -13.19
CA ALA B 307 -18.16 58.67 -13.29
C ALA B 307 -17.51 57.39 -13.75
N THR B 308 -16.35 57.45 -14.41
CA THR B 308 -15.72 56.22 -14.89
C THR B 308 -14.35 55.91 -14.31
N VAL B 309 -13.91 56.66 -13.31
CA VAL B 309 -12.59 56.42 -12.76
C VAL B 309 -12.64 56.38 -11.24
N ARG B 310 -12.35 55.20 -10.70
CA ARG B 310 -12.42 55.01 -9.27
C ARG B 310 -11.07 54.97 -8.61
N LYS B 311 -11.12 54.96 -7.28
CA LYS B 311 -9.94 54.83 -6.48
C LYS B 311 -9.68 53.35 -6.24
N PHE B 312 -8.42 52.97 -6.28
CA PHE B 312 -8.09 51.57 -6.03
C PHE B 312 -7.25 51.47 -4.79
N MET B 313 -7.66 50.62 -3.88
CA MET B 313 -6.88 50.38 -2.66
C MET B 313 -6.16 49.08 -2.93
N VAL B 314 -4.98 49.20 -3.49
CA VAL B 314 -4.22 48.06 -3.90
C VAL B 314 -2.86 47.95 -3.25
N GLY B 315 -1.85 47.88 -4.11
CA GLY B 315 -0.50 47.67 -3.64
C GLY B 315 -0.05 48.30 -2.35
N TYR B 316 0.25 49.59 -2.41
CA TYR B 316 0.75 50.23 -1.23
C TYR B 316 -0.24 50.15 -0.11
N GLU B 317 -1.50 50.36 -0.48
CA GLU B 317 -2.55 50.33 0.53
C GLU B 317 -2.64 49.01 1.30
N MET B 318 -2.54 47.90 0.59
CA MET B 318 -2.66 46.63 1.27
C MET B 318 -1.42 46.19 2.00
N LEU B 319 -0.28 46.53 1.41
CA LEU B 319 0.94 46.12 2.04
C LEU B 319 1.41 47.10 3.06
N ALA B 320 0.92 48.34 3.05
CA ALA B 320 1.45 49.29 4.01
C ALA B 320 0.40 50.14 4.69
N GLU B 321 -0.26 51.00 3.91
CA GLU B 321 -1.23 51.82 4.59
C GLU B 321 -2.15 52.48 3.62
N THR B 322 -3.37 52.68 4.08
CA THR B 322 -4.37 53.33 3.23
C THR B 322 -3.86 54.70 2.77
N GLN B 323 -4.18 55.05 1.52
CA GLN B 323 -3.73 56.33 1.01
C GLN B 323 -4.84 57.00 0.22
N ARG B 324 -4.81 58.36 0.23
CA ARG B 324 -5.77 59.22 -0.46
C ARG B 324 -5.04 60.31 -1.26
N ASP B 325 -5.67 60.65 -2.38
CA ASP B 325 -5.17 61.60 -3.35
C ASP B 325 -5.70 63.03 -3.27
N LEU B 326 -6.56 63.30 -2.27
CA LEU B 326 -7.14 64.61 -2.05
C LEU B 326 -7.46 64.68 -0.57
N THR B 327 -7.60 65.87 -0.04
CA THR B 327 -7.87 65.98 1.37
C THR B 327 -9.35 65.87 1.69
N ALA B 328 -9.62 65.56 2.95
CA ALA B 328 -11.00 65.42 3.42
C ALA B 328 -11.70 66.74 3.13
N GLU B 329 -10.96 67.84 3.39
CA GLU B 329 -11.48 69.17 3.16
C GLU B 329 -11.83 69.42 1.68
N GLN B 330 -10.92 69.09 0.76
CA GLN B 330 -11.24 69.27 -0.63
C GLN B 330 -12.46 68.46 -1.02
N ALA B 331 -12.51 67.22 -0.57
CA ALA B 331 -13.65 66.42 -0.95
C ALA B 331 -14.97 67.01 -0.41
N ALA B 332 -14.94 67.41 0.85
CA ALA B 332 -16.13 67.96 1.47
C ALA B 332 -16.64 69.15 0.66
N GLU B 333 -15.71 69.98 0.22
CA GLU B 333 -16.07 71.13 -0.59
C GLU B 333 -16.81 70.75 -1.85
N ARG B 334 -16.26 69.76 -2.53
CA ARG B 334 -16.85 69.30 -3.75
C ARG B 334 -18.25 68.82 -3.54
N LEU B 335 -18.46 68.12 -2.42
CA LEU B 335 -19.79 67.59 -2.08
C LEU B 335 -20.82 68.71 -1.81
N ARG B 336 -20.35 69.76 -1.12
CA ARG B 336 -21.14 70.92 -0.75
C ARG B 336 -21.51 71.76 -1.93
N ALA B 337 -20.69 71.64 -2.95
CA ALA B 337 -20.87 72.40 -4.16
C ALA B 337 -22.06 72.00 -4.99
N VAL B 338 -22.60 70.82 -4.77
CA VAL B 338 -23.73 70.40 -5.58
C VAL B 338 -25.05 70.56 -4.82
N SER B 339 -26.12 70.47 -5.61
CA SER B 339 -27.48 70.54 -5.08
C SER B 339 -27.82 69.27 -4.28
N ASP B 340 -28.61 69.44 -3.22
CA ASP B 340 -29.05 68.31 -2.41
C ASP B 340 -30.36 67.77 -2.97
N ILE B 341 -30.72 68.32 -4.13
CA ILE B 341 -31.89 67.89 -4.86
C ILE B 341 -31.48 66.93 -5.94
N HIS B 342 -31.92 65.69 -5.85
CA HIS B 342 -31.58 64.70 -6.83
C HIS B 342 -31.79 65.13 -8.25
N PHE B 343 -30.71 65.04 -9.04
CA PHE B 343 -30.74 65.44 -10.45
C PHE B 343 -31.89 64.90 -11.31
N ARG B 344 -32.61 63.91 -10.82
CA ARG B 344 -33.72 63.39 -11.56
C ARG B 344 -34.93 63.18 -10.67
N GLU B 345 -35.40 64.28 -10.08
CA GLU B 345 -36.56 64.24 -9.20
C GLU B 345 -37.85 64.64 -9.94
N THR C 2 -15.59 -70.79 -6.16
CA THR C 2 -15.07 -69.95 -7.22
C THR C 2 -13.70 -70.43 -7.73
N GLN C 3 -13.50 -70.19 -9.02
CA GLN C 3 -12.26 -70.55 -9.67
C GLN C 3 -11.34 -69.33 -9.73
N PHE C 4 -10.17 -69.46 -9.06
CA PHE C 4 -9.14 -68.43 -8.98
C PHE C 4 -8.59 -67.98 -10.34
N ASN C 5 -8.60 -66.68 -10.54
CA ASN C 5 -8.10 -66.10 -11.77
C ASN C 5 -7.26 -64.88 -11.41
N PRO C 6 -5.96 -65.10 -11.30
CA PRO C 6 -5.01 -64.07 -10.93
C PRO C 6 -5.27 -62.73 -11.61
N VAL C 7 -5.84 -62.77 -12.81
CA VAL C 7 -6.10 -61.53 -13.50
C VAL C 7 -7.26 -60.74 -12.92
N ASP C 8 -8.12 -61.43 -12.13
CA ASP C 8 -9.27 -60.78 -11.50
C ASP C 8 -9.21 -60.84 -9.98
N HIS C 9 -8.58 -61.89 -9.46
CA HIS C 9 -8.48 -62.12 -8.05
C HIS C 9 -7.26 -61.67 -7.32
N PRO C 10 -7.50 -60.90 -6.25
CA PRO C 10 -6.40 -60.48 -5.43
C PRO C 10 -5.64 -61.70 -4.92
N HIS C 11 -4.36 -61.49 -4.64
CA HIS C 11 -3.48 -62.53 -4.14
C HIS C 11 -2.13 -61.93 -3.87
N ARG C 12 -1.29 -62.72 -3.21
CA ARG C 12 0.05 -62.28 -2.88
C ARG C 12 1.06 -63.20 -3.50
N ARG C 13 2.17 -62.63 -3.96
CA ARG C 13 3.27 -63.33 -4.60
C ARG C 13 4.51 -63.16 -3.73
N TYR C 14 5.34 -64.20 -3.64
CA TYR C 14 6.54 -64.14 -2.81
C TYR C 14 7.79 -63.70 -3.58
N ASN C 15 8.64 -62.92 -2.90
CA ASN C 15 9.92 -62.41 -3.44
C ASN C 15 11.02 -63.16 -2.71
N PRO C 16 11.55 -64.15 -3.43
CA PRO C 16 12.58 -65.01 -2.89
C PRO C 16 13.88 -64.29 -2.60
N LEU C 17 14.08 -63.11 -3.22
CA LEU C 17 15.29 -62.30 -2.99
C LEU C 17 15.23 -61.52 -1.69
N THR C 18 14.01 -61.20 -1.26
CA THR C 18 13.89 -60.42 -0.03
C THR C 18 13.06 -61.09 1.02
N GLY C 19 12.41 -62.22 0.67
CA GLY C 19 11.59 -62.94 1.63
C GLY C 19 10.29 -62.23 1.95
N GLN C 20 9.87 -61.37 1.05
CA GLN C 20 8.64 -60.66 1.29
C GLN C 20 7.60 -60.94 0.24
N TRP C 21 6.40 -60.50 0.61
CA TRP C 21 5.21 -60.65 -0.21
C TRP C 21 4.83 -59.33 -0.88
N ILE C 22 4.17 -59.49 -2.01
CA ILE C 22 3.66 -58.37 -2.81
C ILE C 22 2.18 -58.62 -3.03
N LEU C 23 1.36 -57.65 -2.68
CA LEU C 23 -0.08 -57.79 -2.87
C LEU C 23 -0.51 -57.36 -4.26
N VAL C 24 -1.18 -58.27 -5.01
CA VAL C 24 -1.64 -57.98 -6.37
C VAL C 24 -3.13 -57.76 -6.39
N SER C 25 -3.57 -56.62 -6.90
CA SER C 25 -5.00 -56.28 -6.97
C SER C 25 -5.31 -55.80 -8.40
N PRO C 26 -5.54 -56.78 -9.27
CA PRO C 26 -5.68 -56.57 -10.69
C PRO C 26 -6.57 -55.48 -11.25
N HIS C 27 -7.49 -54.93 -10.47
CA HIS C 27 -8.33 -53.94 -11.07
C HIS C 27 -8.30 -52.58 -10.37
N ARG C 28 -7.45 -52.45 -9.36
CA ARG C 28 -7.31 -51.20 -8.61
C ARG C 28 -7.16 -49.99 -9.53
N ALA C 29 -6.53 -50.19 -10.69
CA ALA C 29 -6.31 -49.11 -11.64
C ALA C 29 -7.59 -48.59 -12.28
N LYS C 30 -8.71 -49.25 -12.02
CA LYS C 30 -9.97 -48.78 -12.59
C LYS C 30 -10.54 -47.57 -11.83
N ARG C 31 -10.04 -47.36 -10.62
CA ARG C 31 -10.53 -46.25 -9.83
C ARG C 31 -10.23 -44.94 -10.50
N PRO C 32 -10.94 -43.90 -10.08
CA PRO C 32 -10.75 -42.55 -10.60
C PRO C 32 -9.44 -41.97 -10.10
N TRP C 33 -8.71 -41.31 -11.00
CA TRP C 33 -7.44 -40.68 -10.64
C TRP C 33 -7.55 -39.17 -10.69
N GLN C 34 -7.60 -38.55 -9.52
CA GLN C 34 -7.68 -37.11 -9.41
C GLN C 34 -6.50 -36.58 -8.60
N GLY C 35 -5.40 -37.33 -8.68
CA GLY C 35 -4.17 -36.97 -7.98
C GLY C 35 -3.14 -36.35 -8.92
N ALA C 36 -1.87 -36.46 -8.52
CA ALA C 36 -0.73 -35.94 -9.26
C ALA C 36 -0.73 -36.31 -10.73
N GLN C 37 -0.38 -35.31 -11.52
CA GLN C 37 -0.24 -35.50 -12.96
C GLN C 37 1.25 -35.37 -13.20
N GLU C 38 1.87 -36.39 -13.80
CA GLU C 38 3.31 -36.32 -14.04
C GLU C 38 3.65 -35.27 -15.08
N THR C 39 4.90 -34.87 -15.03
CA THR C 39 5.45 -33.90 -15.94
C THR C 39 6.50 -34.57 -16.80
N PRO C 40 6.03 -35.06 -17.95
CA PRO C 40 6.88 -35.76 -18.88
C PRO C 40 8.05 -34.93 -19.36
N ALA C 41 9.18 -35.63 -19.42
CA ALA C 41 10.42 -35.05 -19.87
C ALA C 41 10.24 -34.50 -21.30
N LYS C 42 10.91 -33.36 -21.59
CA LYS C 42 10.86 -32.72 -22.90
C LYS C 42 11.81 -33.35 -23.92
N GLN C 43 11.46 -33.26 -25.19
CA GLN C 43 12.28 -33.82 -26.24
C GLN C 43 13.55 -33.01 -26.41
N VAL C 44 13.42 -31.99 -27.26
CA VAL C 44 14.49 -31.06 -27.63
C VAL C 44 15.57 -30.74 -26.60
N LEU C 45 16.64 -31.48 -26.74
CA LEU C 45 17.79 -31.30 -25.92
C LEU C 45 19.01 -31.06 -26.78
N PRO C 46 19.89 -30.21 -26.27
CA PRO C 46 21.11 -29.89 -26.96
C PRO C 46 22.14 -30.96 -26.59
N ALA C 47 23.09 -31.23 -27.48
CA ALA C 47 24.13 -32.22 -27.17
C ALA C 47 25.07 -31.73 -26.06
N HIS C 48 25.23 -30.42 -26.01
CA HIS C 48 26.07 -29.80 -25.00
C HIS C 48 25.33 -28.63 -24.34
N ASP C 49 25.35 -28.63 -23.01
CA ASP C 49 24.73 -27.59 -22.20
C ASP C 49 25.80 -26.75 -21.53
N PRO C 50 25.79 -25.48 -21.89
CA PRO C 50 26.74 -24.52 -21.40
C PRO C 50 26.78 -24.37 -19.91
N ASP C 51 25.61 -24.60 -19.30
CA ASP C 51 25.43 -24.46 -17.88
C ASP C 51 25.53 -25.75 -17.09
N CYS C 52 25.31 -26.89 -17.75
CA CYS C 52 25.32 -28.24 -17.16
C CYS C 52 26.59 -28.53 -16.39
N PHE C 53 26.43 -28.89 -15.12
CA PHE C 53 27.59 -29.18 -14.31
C PHE C 53 28.25 -30.49 -14.69
N LEU C 54 27.52 -31.28 -15.47
CA LEU C 54 28.01 -32.60 -15.89
C LEU C 54 28.50 -32.69 -17.33
N CYS C 55 28.36 -31.60 -18.11
CA CYS C 55 28.79 -31.60 -19.51
C CYS C 55 30.30 -31.49 -19.63
N ALA C 56 30.84 -31.97 -20.74
CA ALA C 56 32.30 -31.87 -20.93
C ALA C 56 32.81 -30.40 -20.94
N GLY C 57 33.97 -30.17 -20.31
CA GLY C 57 34.63 -28.88 -20.31
C GLY C 57 33.92 -27.76 -19.56
N ASN C 58 32.97 -28.12 -18.72
CA ASN C 58 32.24 -27.12 -17.93
C ASN C 58 32.70 -27.19 -16.50
N VAL C 59 32.52 -26.14 -15.72
CA VAL C 59 32.95 -26.20 -14.33
C VAL C 59 31.79 -26.69 -13.50
N ARG C 60 32.14 -27.47 -12.49
CA ARG C 60 31.16 -28.06 -11.58
C ARG C 60 30.71 -27.04 -10.54
N VAL C 61 29.76 -27.41 -9.71
CA VAL C 61 29.29 -26.51 -8.69
C VAL C 61 30.42 -26.02 -7.81
N THR C 62 31.47 -26.83 -7.66
CA THR C 62 32.59 -26.42 -6.81
C THR C 62 33.67 -25.63 -7.58
N GLY C 63 33.48 -25.39 -8.87
CA GLY C 63 34.52 -24.70 -9.60
C GLY C 63 35.45 -25.68 -10.31
N ASP C 64 35.37 -26.96 -9.97
CA ASP C 64 36.25 -27.90 -10.68
C ASP C 64 35.77 -28.03 -12.11
N LYS C 65 36.69 -28.03 -13.08
CA LYS C 65 36.27 -28.15 -14.47
C LYS C 65 36.33 -29.57 -14.99
N ASN C 66 35.33 -29.96 -15.76
CA ASN C 66 35.32 -31.30 -16.33
C ASN C 66 36.23 -31.33 -17.56
N PRO C 67 36.82 -32.48 -17.80
CA PRO C 67 37.66 -32.66 -18.95
C PRO C 67 36.83 -32.62 -20.19
N ASP C 68 37.54 -32.60 -21.30
CA ASP C 68 36.94 -32.61 -22.63
C ASP C 68 36.61 -34.02 -23.04
N TYR C 69 35.90 -34.70 -22.14
CA TYR C 69 35.55 -36.08 -22.35
C TYR C 69 34.71 -36.37 -23.58
N THR C 70 34.99 -37.52 -24.20
CA THR C 70 34.27 -37.92 -25.39
C THR C 70 33.46 -39.20 -25.24
N GLY C 71 33.82 -40.02 -24.26
CA GLY C 71 33.12 -41.28 -24.03
C GLY C 71 32.46 -41.17 -22.68
N THR C 72 32.75 -42.05 -21.74
CA THR C 72 32.19 -41.91 -20.42
C THR C 72 33.17 -41.10 -19.57
N TYR C 73 32.69 -40.64 -18.42
CA TYR C 73 33.49 -39.87 -17.51
C TYR C 73 33.03 -40.14 -16.09
N VAL C 74 33.99 -40.39 -15.22
CA VAL C 74 33.75 -40.67 -13.81
C VAL C 74 34.51 -39.73 -12.91
N PHE C 75 33.84 -39.24 -11.88
CA PHE C 75 34.52 -38.38 -10.96
C PHE C 75 33.95 -38.64 -9.59
N THR C 76 34.68 -38.25 -8.58
CA THR C 76 34.19 -38.40 -7.24
C THR C 76 33.09 -37.34 -7.00
N ASN C 77 31.92 -37.81 -6.56
CA ASN C 77 30.80 -36.92 -6.30
C ASN C 77 31.25 -35.77 -5.42
N ASP C 78 30.83 -34.57 -5.83
CA ASP C 78 31.20 -33.39 -5.06
C ASP C 78 30.57 -33.39 -3.67
N PHE C 79 29.49 -34.15 -3.51
CA PHE C 79 28.78 -34.23 -2.25
C PHE C 79 28.57 -35.71 -1.98
N ALA C 80 29.66 -36.42 -1.83
CA ALA C 80 29.67 -37.86 -1.63
C ALA C 80 28.90 -38.26 -0.40
N ALA C 81 28.14 -39.35 -0.47
CA ALA C 81 27.38 -39.79 0.71
C ALA C 81 28.23 -40.52 1.73
N LEU C 82 29.39 -41.01 1.30
CA LEU C 82 30.26 -41.74 2.21
C LEU C 82 31.70 -41.30 2.00
N MET C 83 32.51 -41.49 3.01
CA MET C 83 33.92 -41.10 2.94
C MET C 83 34.79 -42.26 3.37
N SER C 84 35.97 -42.34 2.77
CA SER C 84 36.91 -43.40 3.06
C SER C 84 37.43 -43.36 4.48
N ASP C 85 37.36 -42.23 5.10
CA ASP C 85 37.95 -42.26 6.40
C ASP C 85 37.17 -41.67 7.54
N THR C 86 35.87 -41.74 7.45
CA THR C 86 35.02 -41.23 8.52
C THR C 86 35.34 -41.91 9.84
N PRO C 87 35.24 -41.21 10.98
CA PRO C 87 35.54 -41.85 12.24
C PRO C 87 34.58 -42.96 12.57
N ASP C 88 35.03 -43.93 13.38
CA ASP C 88 34.19 -45.05 13.77
C ASP C 88 33.00 -44.59 14.62
N ALA C 89 31.84 -45.19 14.40
CA ALA C 89 30.68 -44.84 15.20
C ALA C 89 30.77 -45.66 16.48
N PRO C 90 30.31 -45.09 17.58
CA PRO C 90 30.35 -45.80 18.85
C PRO C 90 29.36 -46.95 18.93
N GLU C 91 29.87 -48.14 18.63
CA GLU C 91 29.13 -49.38 18.68
C GLU C 91 28.66 -49.69 20.12
N SER C 92 27.64 -50.52 20.24
CA SER C 92 27.09 -50.92 21.53
C SER C 92 26.09 -52.05 21.33
N HIS C 93 25.57 -52.56 22.47
CA HIS C 93 24.57 -53.64 22.49
C HIS C 93 23.10 -53.19 22.56
N ASP C 94 22.87 -51.96 23.05
CA ASP C 94 21.56 -51.33 23.16
C ASP C 94 20.51 -51.86 22.17
N PRO C 95 19.53 -52.53 22.73
CA PRO C 95 18.50 -53.10 21.88
C PRO C 95 17.54 -52.08 21.31
N LEU C 96 17.67 -50.80 21.71
CA LEU C 96 16.77 -49.77 21.20
C LEU C 96 17.41 -48.79 20.23
N MET C 97 18.46 -48.09 20.67
CA MET C 97 19.18 -47.10 19.86
C MET C 97 20.64 -47.44 19.75
N ARG C 98 21.02 -47.91 18.57
CA ARG C 98 22.38 -48.25 18.34
C ARG C 98 22.78 -47.90 16.93
N CYS C 99 24.07 -47.60 16.78
CA CYS C 99 24.61 -47.24 15.48
C CYS C 99 25.86 -48.04 15.14
N GLN C 100 26.21 -47.95 13.86
CA GLN C 100 27.39 -48.60 13.30
C GLN C 100 28.09 -47.68 12.33
N SER C 101 29.37 -47.97 12.14
CA SER C 101 30.21 -47.22 11.22
C SER C 101 29.78 -47.34 9.75
N ALA C 102 30.03 -46.24 9.03
CA ALA C 102 29.72 -46.15 7.62
C ALA C 102 30.84 -45.45 6.82
N ARG C 103 31.58 -46.24 6.03
CA ARG C 103 32.66 -45.71 5.20
C ARG C 103 32.38 -46.09 3.74
N GLY C 104 32.98 -45.36 2.81
CA GLY C 104 32.75 -45.65 1.42
C GLY C 104 33.05 -44.43 0.59
N THR C 105 32.44 -44.39 -0.56
CA THR C 105 32.61 -43.25 -1.40
C THR C 105 31.46 -43.22 -2.38
N SER C 106 31.41 -42.13 -3.13
CA SER C 106 30.39 -41.93 -4.14
C SER C 106 31.00 -41.34 -5.38
N ARG C 107 30.78 -42.01 -6.50
CA ARG C 107 31.30 -41.54 -7.78
C ARG C 107 30.17 -41.33 -8.77
N VAL C 108 30.32 -40.29 -9.64
CA VAL C 108 29.32 -39.97 -10.64
C VAL C 108 29.77 -40.37 -12.02
N ILE C 109 28.89 -41.01 -12.78
CA ILE C 109 29.22 -41.42 -14.14
C ILE C 109 28.40 -40.76 -15.19
N CYS C 110 29.07 -39.97 -16.03
CA CYS C 110 28.38 -39.39 -17.17
C CYS C 110 28.39 -40.41 -18.28
N PHE C 111 27.22 -40.78 -18.78
CA PHE C 111 27.18 -41.80 -19.82
C PHE C 111 27.95 -41.46 -21.08
N SER C 112 27.87 -40.22 -21.51
CA SER C 112 28.56 -39.76 -22.70
C SER C 112 28.51 -38.27 -22.60
N PRO C 113 29.18 -37.54 -23.47
CA PRO C 113 29.13 -36.11 -23.28
C PRO C 113 27.86 -35.50 -23.83
N ASP C 114 27.16 -36.28 -24.64
CA ASP C 114 25.92 -35.84 -25.23
C ASP C 114 24.87 -35.69 -24.13
N HIS C 115 24.62 -34.44 -23.80
CA HIS C 115 23.71 -34.00 -22.78
C HIS C 115 22.29 -34.49 -22.93
N SER C 116 21.90 -34.80 -24.17
CA SER C 116 20.54 -35.24 -24.49
C SER C 116 20.29 -36.68 -24.89
N LYS C 117 21.31 -37.52 -24.97
CA LYS C 117 21.12 -38.89 -25.36
C LYS C 117 21.11 -39.82 -24.17
N THR C 118 19.95 -40.44 -23.94
CA THR C 118 19.77 -41.39 -22.85
C THR C 118 20.17 -42.76 -23.34
N LEU C 119 20.34 -43.68 -22.39
CA LEU C 119 20.73 -45.04 -22.69
C LEU C 119 20.17 -45.63 -23.98
N PRO C 120 18.84 -45.79 -24.12
CA PRO C 120 18.29 -46.41 -25.32
C PRO C 120 18.65 -45.66 -26.57
N GLU C 121 19.19 -44.47 -26.39
CA GLU C 121 19.54 -43.67 -27.54
C GLU C 121 21.00 -43.75 -27.92
N LEU C 122 21.76 -44.48 -27.12
CA LEU C 122 23.17 -44.66 -27.38
C LEU C 122 23.39 -45.90 -28.24
N SER C 123 24.52 -45.90 -28.93
CA SER C 123 24.90 -46.99 -29.80
C SER C 123 25.39 -48.10 -28.94
N VAL C 124 25.25 -49.32 -29.46
CA VAL C 124 25.70 -50.50 -28.76
C VAL C 124 27.15 -50.34 -28.34
N ALA C 125 27.89 -49.61 -29.17
CA ALA C 125 29.30 -49.39 -28.86
C ALA C 125 29.49 -48.44 -27.68
N ALA C 126 28.68 -47.38 -27.58
CA ALA C 126 28.85 -46.49 -26.45
C ALA C 126 28.38 -47.20 -25.19
N LEU C 127 27.35 -48.05 -25.39
CA LEU C 127 26.78 -48.81 -24.29
C LEU C 127 27.75 -49.77 -23.72
N THR C 128 28.53 -50.35 -24.62
CA THR C 128 29.57 -51.28 -24.24
C THR C 128 30.61 -50.56 -23.39
N GLU C 129 30.89 -49.30 -23.75
CA GLU C 129 31.85 -48.47 -23.01
C GLU C 129 31.34 -48.25 -21.57
N ILE C 130 30.03 -48.02 -21.46
CA ILE C 130 29.45 -47.84 -20.14
C ILE C 130 29.61 -49.11 -19.34
N VAL C 131 29.36 -50.26 -20.00
CA VAL C 131 29.52 -51.53 -19.31
C VAL C 131 30.95 -51.68 -18.82
N LYS C 132 31.90 -51.32 -19.69
CA LYS C 132 33.30 -51.41 -19.29
C LYS C 132 33.56 -50.51 -18.07
N THR C 133 33.01 -49.29 -18.15
CA THR C 133 33.17 -48.36 -17.05
C THR C 133 32.65 -48.96 -15.74
N TRP C 134 31.46 -49.59 -15.83
CA TRP C 134 30.91 -50.22 -14.64
C TRP C 134 31.88 -51.23 -14.06
N GLN C 135 32.45 -52.09 -14.93
CA GLN C 135 33.40 -53.13 -14.50
C GLN C 135 34.61 -52.53 -13.79
N GLU C 136 35.19 -51.54 -14.47
CA GLU C 136 36.37 -50.86 -13.94
C GLU C 136 36.22 -50.30 -12.53
N GLN C 137 35.11 -49.60 -12.35
CA GLN C 137 34.76 -48.99 -11.06
C GLN C 137 34.52 -50.05 -9.99
N THR C 138 33.76 -51.07 -10.38
CA THR C 138 33.47 -52.15 -9.47
C THR C 138 34.74 -52.87 -9.07
N ALA C 139 35.53 -53.23 -10.07
CA ALA C 139 36.77 -53.91 -9.76
C ALA C 139 37.62 -53.08 -8.83
N GLU C 140 37.70 -51.81 -9.14
CA GLU C 140 38.54 -50.98 -8.35
C GLU C 140 38.09 -50.76 -6.95
N LEU C 141 36.84 -50.36 -6.84
CA LEU C 141 36.31 -50.10 -5.51
C LEU C 141 36.22 -51.36 -4.67
N GLY C 142 35.98 -52.46 -5.39
CA GLY C 142 35.87 -53.75 -4.74
C GLY C 142 37.12 -54.13 -4.00
N LYS C 143 38.25 -53.59 -4.45
CA LYS C 143 39.49 -53.93 -3.77
C LYS C 143 39.41 -53.52 -2.32
N THR C 144 38.76 -52.39 -2.08
CA THR C 144 38.62 -51.83 -0.76
C THR C 144 37.30 -51.98 -0.01
N TYR C 145 36.20 -51.99 -0.74
CA TYR C 145 34.85 -52.10 -0.17
C TYR C 145 34.09 -53.39 -0.53
N PRO C 146 33.49 -54.03 0.47
CA PRO C 146 32.77 -55.24 0.21
C PRO C 146 31.54 -55.05 -0.65
N TRP C 147 30.93 -53.85 -0.57
CA TRP C 147 29.72 -53.56 -1.35
C TRP C 147 29.86 -52.37 -2.28
N VAL C 148 29.70 -52.66 -3.57
CA VAL C 148 29.80 -51.64 -4.57
C VAL C 148 28.45 -51.56 -5.24
N GLN C 149 27.78 -50.41 -5.11
CA GLN C 149 26.47 -50.32 -5.71
C GLN C 149 26.38 -49.43 -6.93
N VAL C 150 26.26 -50.01 -8.12
CA VAL C 150 26.12 -49.21 -9.32
C VAL C 150 24.63 -48.94 -9.52
N PHE C 151 24.28 -47.70 -9.81
CA PHE C 151 22.87 -47.37 -10.03
C PHE C 151 22.70 -46.17 -10.94
N GLU C 152 21.45 -45.82 -11.17
CA GLU C 152 21.13 -44.69 -11.99
C GLU C 152 19.74 -44.21 -11.59
N ASN C 153 19.61 -42.90 -11.43
CA ASN C 153 18.32 -42.25 -11.16
C ASN C 153 18.00 -41.54 -12.46
N LYS C 154 16.96 -42.05 -13.15
CA LYS C 154 16.52 -41.53 -14.43
C LYS C 154 15.19 -40.79 -14.37
N GLY C 155 15.23 -39.49 -14.65
CA GLY C 155 14.00 -38.71 -14.65
C GLY C 155 13.72 -38.04 -13.32
N ALA C 156 13.04 -36.91 -13.46
CA ALA C 156 12.67 -36.14 -12.28
C ALA C 156 11.82 -36.99 -11.32
N ALA C 157 10.92 -37.83 -11.89
CA ALA C 157 10.08 -38.70 -11.07
C ALA C 157 10.91 -39.58 -10.15
N MET C 158 12.13 -39.86 -10.61
CA MET C 158 13.03 -40.72 -9.85
C MET C 158 14.11 -40.03 -9.04
N GLY C 159 13.91 -38.78 -8.68
CA GLY C 159 14.87 -38.15 -7.83
C GLY C 159 16.17 -37.62 -8.44
N CYS C 160 16.30 -37.60 -9.81
CA CYS C 160 17.50 -37.08 -10.50
C CYS C 160 17.67 -35.64 -10.05
N SER C 161 18.90 -35.16 -9.88
CA SER C 161 19.08 -33.79 -9.44
C SER C 161 19.82 -33.00 -10.48
N ASN C 162 20.02 -33.67 -11.63
CA ASN C 162 20.75 -33.17 -12.79
C ASN C 162 20.32 -33.97 -14.00
N PRO C 163 19.95 -33.24 -15.05
CA PRO C 163 19.46 -33.80 -16.30
C PRO C 163 20.49 -34.49 -17.22
N HIS C 164 21.80 -34.34 -16.97
CA HIS C 164 22.76 -35.01 -17.87
C HIS C 164 22.67 -36.54 -17.70
N PRO C 165 22.65 -37.29 -18.81
CA PRO C 165 22.55 -38.74 -18.73
C PRO C 165 23.71 -39.35 -17.95
N GLY C 166 23.39 -40.03 -16.85
CA GLY C 166 24.43 -40.63 -16.05
C GLY C 166 23.93 -41.45 -14.92
N GLY C 167 24.85 -42.03 -14.21
CA GLY C 167 24.51 -42.85 -13.08
C GLY C 167 25.43 -42.54 -11.95
N GLN C 168 25.42 -43.44 -10.97
CA GLN C 168 26.27 -43.24 -9.82
C GLN C 168 26.78 -44.56 -9.31
N ILE C 169 27.85 -44.43 -8.49
CA ILE C 169 28.43 -45.58 -7.82
C ILE C 169 28.71 -45.25 -6.37
N TRP C 170 28.02 -45.96 -5.45
CA TRP C 170 28.28 -45.76 -4.03
C TRP C 170 28.83 -47.06 -3.50
N ALA C 171 30.00 -46.94 -2.91
CA ALA C 171 30.71 -48.08 -2.31
C ALA C 171 30.46 -48.08 -0.79
N ASN C 172 30.27 -49.25 -0.23
CA ASN C 172 30.03 -49.31 1.18
C ASN C 172 31.01 -50.21 1.87
N SER C 173 31.35 -49.84 3.07
CA SER C 173 32.24 -50.65 3.82
C SER C 173 31.46 -51.72 4.59
N PHE C 174 30.17 -51.82 4.32
CA PHE C 174 29.34 -52.79 5.00
C PHE C 174 28.40 -53.33 3.96
N LEU C 175 27.57 -54.29 4.36
CA LEU C 175 26.61 -54.82 3.40
C LEU C 175 25.28 -54.12 3.69
N PRO C 176 24.83 -53.24 2.80
CA PRO C 176 23.56 -52.56 3.03
C PRO C 176 22.42 -53.56 3.08
N ASN C 177 21.33 -53.15 3.73
CA ASN C 177 20.16 -53.99 3.91
C ASN C 177 19.84 -54.96 2.77
N GLU C 178 19.78 -54.49 1.52
CA GLU C 178 19.40 -55.36 0.41
C GLU C 178 20.47 -56.37 0.03
N ALA C 179 21.73 -55.95 0.19
CA ALA C 179 22.88 -56.79 -0.12
C ALA C 179 22.91 -57.93 0.89
N GLU C 180 22.77 -57.58 2.17
CA GLU C 180 22.79 -58.57 3.21
C GLU C 180 21.69 -59.62 3.05
N ARG C 181 20.48 -59.13 2.85
CA ARG C 181 19.34 -60.01 2.69
C ARG C 181 19.43 -60.87 1.44
N GLU C 182 19.78 -60.27 0.30
CA GLU C 182 19.92 -61.03 -0.92
C GLU C 182 21.03 -62.08 -0.80
N ASP C 183 22.13 -61.69 -0.17
CA ASP C 183 23.22 -62.62 -0.03
C ASP C 183 22.77 -63.82 0.77
N ARG C 184 22.19 -63.53 1.91
CA ARG C 184 21.70 -64.57 2.82
C ARG C 184 20.64 -65.50 2.23
N LEU C 185 19.65 -64.93 1.55
CA LEU C 185 18.63 -65.77 0.99
C LEU C 185 19.12 -66.64 -0.15
N GLN C 186 20.06 -66.11 -0.95
CA GLN C 186 20.58 -66.88 -2.07
C GLN C 186 21.43 -68.00 -1.52
N LYS C 187 22.15 -67.64 -0.47
CA LYS C 187 23.01 -68.63 0.15
C LYS C 187 22.16 -69.78 0.69
N GLU C 188 21.05 -69.47 1.40
CA GLU C 188 20.16 -70.49 1.95
C GLU C 188 19.55 -71.36 0.86
N TYR C 189 19.13 -70.76 -0.25
CA TYR C 189 18.56 -71.51 -1.33
C TYR C 189 19.59 -72.50 -1.91
N PHE C 190 20.76 -71.98 -2.21
CA PHE C 190 21.81 -72.78 -2.78
C PHE C 190 22.16 -74.00 -1.94
N ALA C 191 22.24 -73.79 -0.62
CA ALA C 191 22.55 -74.86 0.30
C ALA C 191 21.48 -75.92 0.26
N GLU C 192 20.26 -75.53 -0.05
CA GLU C 192 19.20 -76.51 -0.10
C GLU C 192 19.00 -77.05 -1.50
N GLN C 193 19.13 -76.20 -2.47
CA GLN C 193 18.95 -76.67 -3.82
C GLN C 193 20.24 -76.99 -4.53
N LYS C 194 21.38 -76.57 -3.98
CA LYS C 194 22.66 -76.88 -4.62
C LYS C 194 22.82 -76.29 -6.02
N SER C 195 22.01 -75.28 -6.28
CA SER C 195 22.00 -74.55 -7.53
C SER C 195 21.68 -73.10 -7.17
N PRO C 196 22.15 -72.12 -7.98
CA PRO C 196 21.87 -70.71 -7.72
C PRO C 196 20.43 -70.33 -8.04
N MET C 197 19.79 -69.71 -7.06
CA MET C 197 18.40 -69.30 -7.17
C MET C 197 18.03 -68.66 -8.48
N LEU C 198 18.82 -67.64 -8.84
CA LEU C 198 18.55 -66.89 -10.02
C LEU C 198 18.88 -67.62 -11.29
N VAL C 199 19.80 -68.56 -11.14
CA VAL C 199 20.17 -69.37 -12.28
C VAL C 199 18.98 -70.28 -12.60
N ASP C 200 18.45 -70.87 -11.51
CA ASP C 200 17.29 -71.72 -11.62
C ASP C 200 16.11 -70.90 -12.15
N TYR C 201 15.95 -69.74 -11.54
CA TYR C 201 14.87 -68.83 -11.93
C TYR C 201 14.92 -68.54 -13.42
N VAL C 202 16.11 -68.31 -13.93
CA VAL C 202 16.22 -68.03 -15.33
C VAL C 202 15.74 -69.21 -16.15
N GLN C 203 16.13 -70.38 -15.68
CA GLN C 203 15.74 -71.55 -16.40
C GLN C 203 14.24 -71.65 -16.45
N ARG C 204 13.62 -71.47 -15.28
CA ARG C 204 12.16 -71.50 -15.21
C ARG C 204 11.51 -70.52 -16.17
N GLU C 205 12.05 -69.30 -16.23
CA GLU C 205 11.50 -68.28 -17.11
C GLU C 205 11.67 -68.59 -18.58
N LEU C 206 12.85 -69.08 -18.97
CA LEU C 206 13.03 -69.41 -20.38
C LEU C 206 11.99 -70.43 -20.83
N ALA C 207 11.68 -71.34 -19.91
CA ALA C 207 10.71 -72.39 -20.16
C ALA C 207 9.30 -71.83 -20.25
N ASP C 208 9.01 -70.87 -19.37
CA ASP C 208 7.71 -70.25 -19.34
C ASP C 208 7.44 -69.30 -20.48
N GLY C 209 8.16 -68.17 -20.45
CA GLY C 209 8.04 -67.13 -21.47
C GLY C 209 6.92 -66.12 -21.17
N SER C 210 6.05 -66.43 -20.25
CA SER C 210 4.97 -65.51 -19.97
C SER C 210 5.39 -64.13 -19.46
N ARG C 211 6.50 -64.04 -18.76
CA ARG C 211 6.95 -62.75 -18.23
C ARG C 211 8.21 -62.23 -18.95
N THR C 212 8.60 -62.90 -20.05
CA THR C 212 9.78 -62.52 -20.81
C THR C 212 9.57 -61.27 -21.63
N VAL C 213 10.52 -60.31 -21.52
CA VAL C 213 10.39 -59.05 -22.26
C VAL C 213 11.50 -58.83 -23.29
N VAL C 214 12.68 -59.35 -22.95
CA VAL C 214 13.83 -59.23 -23.83
C VAL C 214 14.66 -60.48 -23.70
N GLU C 215 15.13 -60.96 -24.82
CA GLU C 215 15.96 -62.14 -24.78
C GLU C 215 17.00 -62.09 -25.86
N THR C 216 18.25 -62.19 -25.38
CA THR C 216 19.40 -62.15 -26.27
C THR C 216 20.20 -63.43 -26.10
N GLU C 217 21.36 -63.50 -26.74
CA GLU C 217 22.18 -64.70 -26.60
C GLU C 217 22.57 -64.98 -25.16
N HIS C 218 23.08 -63.97 -24.46
CA HIS C 218 23.51 -64.24 -23.10
C HIS C 218 22.67 -63.61 -21.97
N TRP C 219 21.60 -62.94 -22.34
CA TRP C 219 20.82 -62.28 -21.32
C TRP C 219 19.34 -62.45 -21.47
N LEU C 220 18.72 -62.36 -20.33
CA LEU C 220 17.30 -62.40 -20.23
C LEU C 220 16.75 -61.29 -19.30
N ALA C 221 15.67 -60.68 -19.79
CA ALA C 221 14.89 -59.68 -19.09
C ALA C 221 13.41 -60.08 -19.03
N VAL C 222 12.88 -60.12 -17.81
CA VAL C 222 11.48 -60.44 -17.61
C VAL C 222 10.88 -59.50 -16.59
N VAL C 223 9.56 -59.57 -16.47
CA VAL C 223 8.90 -58.83 -15.41
C VAL C 223 8.92 -59.94 -14.32
N PRO C 224 9.79 -59.84 -13.33
CA PRO C 224 9.86 -60.91 -12.35
C PRO C 224 8.49 -61.26 -11.84
N TYR C 225 8.39 -62.52 -11.49
CA TYR C 225 7.15 -63.04 -10.98
C TYR C 225 6.63 -62.17 -9.85
N TRP C 226 7.53 -61.81 -8.93
CA TRP C 226 7.23 -61.02 -7.75
C TRP C 226 7.50 -59.52 -7.90
N ALA C 227 7.36 -59.00 -9.13
CA ALA C 227 7.64 -57.58 -9.39
C ALA C 227 6.82 -56.67 -8.51
N ALA C 228 7.40 -55.54 -8.10
CA ALA C 228 6.70 -54.57 -7.26
C ALA C 228 6.18 -53.42 -8.11
N TRP C 229 7.09 -52.79 -8.83
CA TRP C 229 6.74 -51.67 -9.70
C TRP C 229 5.98 -52.17 -10.91
N PRO C 230 5.06 -51.36 -11.44
CA PRO C 230 4.24 -51.77 -12.57
C PRO C 230 4.94 -52.50 -13.71
N PHE C 231 5.97 -51.88 -14.27
CA PHE C 231 6.67 -52.48 -15.39
C PHE C 231 8.13 -52.76 -15.02
N GLU C 232 8.29 -53.11 -13.74
CA GLU C 232 9.57 -53.47 -13.17
C GLU C 232 10.18 -54.64 -13.93
N THR C 233 11.48 -54.63 -14.13
CA THR C 233 12.11 -55.73 -14.82
C THR C 233 13.31 -56.16 -14.02
N LEU C 234 13.77 -57.34 -14.41
CA LEU C 234 14.90 -58.02 -13.84
C LEU C 234 15.72 -58.51 -15.01
N LEU C 235 16.95 -58.01 -15.08
CA LEU C 235 17.83 -58.34 -16.17
C LEU C 235 18.92 -59.26 -15.69
N LEU C 236 19.03 -60.42 -16.36
CA LEU C 236 20.05 -61.31 -15.89
C LEU C 236 20.68 -62.16 -16.98
N PRO C 237 21.91 -62.55 -16.70
CA PRO C 237 22.65 -63.35 -17.62
C PRO C 237 22.12 -64.77 -17.63
N LYS C 238 22.16 -65.35 -18.80
CA LYS C 238 21.69 -66.71 -18.93
C LYS C 238 22.61 -67.71 -18.27
N ALA C 239 23.90 -67.38 -18.20
CA ALA C 239 24.90 -68.23 -17.57
C ALA C 239 25.22 -67.71 -16.18
N HIS C 240 25.70 -68.62 -15.33
CA HIS C 240 26.06 -68.27 -13.97
C HIS C 240 27.23 -67.30 -13.98
N VAL C 241 27.00 -66.11 -13.47
CA VAL C 241 28.05 -65.09 -13.40
C VAL C 241 27.92 -64.43 -12.07
N LEU C 242 29.04 -64.39 -11.33
CA LEU C 242 29.08 -63.82 -9.99
C LEU C 242 29.02 -62.30 -9.88
N ARG C 243 29.80 -61.59 -10.70
CA ARG C 243 29.83 -60.14 -10.69
C ARG C 243 29.95 -59.59 -12.09
N ILE C 244 29.70 -58.30 -12.23
CA ILE C 244 29.74 -57.71 -13.54
C ILE C 244 31.11 -57.78 -14.15
N THR C 245 32.10 -57.87 -13.28
CA THR C 245 33.50 -57.92 -13.64
C THR C 245 33.87 -59.29 -14.20
N ASP C 246 32.94 -60.21 -14.11
CA ASP C 246 33.19 -61.54 -14.61
C ASP C 246 32.67 -61.79 -16.00
N LEU C 247 31.85 -60.88 -16.51
CA LEU C 247 31.33 -61.12 -17.83
C LEU C 247 32.41 -61.28 -18.87
N THR C 248 32.19 -62.13 -19.85
CA THR C 248 33.18 -62.23 -20.88
C THR C 248 33.01 -61.05 -21.80
N ASP C 249 33.98 -60.77 -22.67
CA ASP C 249 33.79 -59.65 -23.58
C ASP C 249 32.54 -59.81 -24.40
N ALA C 250 32.23 -61.05 -24.80
CA ALA C 250 31.02 -61.30 -25.57
C ALA C 250 29.75 -61.00 -24.78
N GLN C 251 29.74 -61.46 -23.52
CA GLN C 251 28.62 -61.24 -22.61
C GLN C 251 28.43 -59.73 -22.40
N ARG C 252 29.54 -59.00 -22.40
CA ARG C 252 29.53 -57.55 -22.24
C ARG C 252 28.89 -56.86 -23.44
N SER C 253 29.38 -57.10 -24.65
CA SER C 253 28.76 -56.48 -25.81
C SER C 253 27.26 -56.88 -25.91
N ASP C 254 26.94 -58.12 -25.55
CA ASP C 254 25.57 -58.55 -25.62
C ASP C 254 24.70 -57.85 -24.56
N LEU C 255 25.29 -57.62 -23.39
CA LEU C 255 24.57 -56.90 -22.34
C LEU C 255 24.14 -55.50 -22.85
N ALA C 256 25.02 -54.81 -23.57
CA ALA C 256 24.73 -53.51 -24.13
C ALA C 256 23.54 -53.60 -25.09
N LEU C 257 23.54 -54.60 -25.94
CA LEU C 257 22.42 -54.74 -26.86
C LEU C 257 21.14 -55.01 -26.07
N ALA C 258 21.28 -55.82 -25.03
CA ALA C 258 20.13 -56.15 -24.22
C ALA C 258 19.58 -54.92 -23.53
N LEU C 259 20.50 -54.11 -22.99
CA LEU C 259 20.16 -52.86 -22.32
C LEU C 259 19.49 -51.91 -23.29
N LYS C 260 20.02 -51.85 -24.50
CA LYS C 260 19.46 -50.99 -25.53
C LYS C 260 18.02 -51.42 -25.85
N LYS C 261 17.80 -52.74 -25.91
CA LYS C 261 16.47 -53.26 -26.23
C LYS C 261 15.45 -53.00 -25.14
N LEU C 262 15.86 -53.29 -23.92
CA LEU C 262 15.03 -53.14 -22.75
C LEU C 262 14.61 -51.71 -22.56
N THR C 263 15.58 -50.81 -22.51
CA THR C 263 15.25 -49.41 -22.30
C THR C 263 14.48 -48.78 -23.45
N SER C 264 14.58 -49.37 -24.65
CA SER C 264 13.88 -48.93 -25.83
C SER C 264 12.43 -49.36 -25.72
N ARG C 265 12.20 -50.59 -25.31
CA ARG C 265 10.83 -51.00 -25.15
C ARG C 265 10.18 -50.08 -24.10
N TYR C 266 10.93 -49.78 -23.03
CA TYR C 266 10.44 -48.91 -21.97
C TYR C 266 10.02 -47.55 -22.52
N ASP C 267 10.89 -46.97 -23.34
CA ASP C 267 10.55 -45.67 -23.90
C ASP C 267 9.41 -45.75 -24.88
N ASN C 268 9.29 -46.87 -25.52
CA ASN C 268 8.26 -46.98 -26.50
C ASN C 268 6.90 -47.20 -25.91
N LEU C 269 6.90 -47.63 -24.66
CA LEU C 269 5.65 -47.92 -23.98
C LEU C 269 4.64 -46.78 -24.09
N PHE C 270 5.07 -45.59 -23.67
CA PHE C 270 4.23 -44.39 -23.70
C PHE C 270 4.86 -43.38 -24.63
N GLN C 271 5.79 -43.87 -25.43
CA GLN C 271 6.47 -43.01 -26.38
C GLN C 271 7.04 -41.74 -25.78
N CYS C 272 7.70 -41.93 -24.66
CA CYS C 272 8.33 -40.82 -23.96
C CYS C 272 9.58 -41.34 -23.24
N SER C 273 10.37 -40.46 -22.65
CA SER C 273 11.53 -40.92 -21.91
C SER C 273 11.04 -41.52 -20.61
N PHE C 274 11.17 -42.81 -20.49
CA PHE C 274 10.70 -43.53 -19.31
C PHE C 274 11.65 -43.46 -18.13
N PRO C 275 11.19 -42.84 -17.07
CA PRO C 275 12.01 -42.72 -15.89
C PRO C 275 12.09 -44.03 -15.17
N TYR C 276 13.08 -44.12 -14.34
CA TYR C 276 13.32 -45.27 -13.51
C TYR C 276 14.52 -45.09 -12.65
N SER C 277 14.66 -46.08 -11.77
CA SER C 277 15.82 -46.23 -10.90
C SER C 277 16.30 -47.65 -11.24
N MET C 278 17.58 -47.81 -11.61
CA MET C 278 18.13 -49.14 -11.93
C MET C 278 19.43 -49.36 -11.18
N GLY C 279 19.80 -50.61 -10.97
CA GLY C 279 21.04 -50.93 -10.26
C GLY C 279 21.50 -52.38 -10.46
N TRP C 280 22.77 -52.62 -10.18
CA TRP C 280 23.25 -53.96 -10.37
C TRP C 280 23.53 -54.60 -9.05
N HIS C 281 23.13 -55.88 -8.95
CA HIS C 281 23.39 -56.66 -7.76
C HIS C 281 24.29 -57.84 -8.15
N GLY C 282 25.44 -58.00 -7.46
CA GLY C 282 26.36 -59.11 -7.71
C GLY C 282 27.02 -59.49 -6.41
N ALA C 283 27.83 -60.56 -6.43
CA ALA C 283 28.52 -60.98 -5.23
C ALA C 283 29.32 -59.84 -4.59
N PRO C 284 29.29 -59.78 -3.25
CA PRO C 284 30.07 -58.76 -2.54
C PRO C 284 31.54 -59.18 -2.54
N PHE C 285 32.40 -58.23 -2.22
CA PHE C 285 33.82 -58.45 -2.12
C PHE C 285 34.18 -58.66 -0.67
N ASN C 286 33.57 -59.68 -0.08
CA ASN C 286 33.83 -60.00 1.31
C ASN C 286 34.78 -61.19 1.42
N GLY C 287 35.28 -61.68 0.28
CA GLY C 287 36.22 -62.79 0.28
C GLY C 287 35.65 -64.16 0.59
N GLU C 288 34.33 -64.24 0.70
CA GLU C 288 33.70 -65.51 0.99
C GLU C 288 33.33 -66.27 -0.26
N GLU C 289 32.81 -67.46 -0.05
CA GLU C 289 32.35 -68.27 -1.13
C GLU C 289 30.99 -67.71 -1.55
N ASN C 290 30.94 -67.18 -2.75
CA ASN C 290 29.77 -66.54 -3.32
C ASN C 290 29.16 -67.28 -4.51
N GLN C 291 29.36 -68.58 -4.60
CA GLN C 291 28.80 -69.30 -5.72
C GLN C 291 27.27 -69.20 -5.75
N HIS C 292 26.69 -68.88 -4.59
CA HIS C 292 25.25 -68.79 -4.54
C HIS C 292 24.73 -67.55 -5.26
N TRP C 293 25.62 -66.63 -5.55
CA TRP C 293 25.23 -65.43 -6.25
C TRP C 293 24.97 -65.55 -7.73
N GLN C 294 24.16 -64.66 -8.19
CA GLN C 294 23.83 -64.56 -9.57
C GLN C 294 23.70 -63.08 -9.90
N LEU C 295 24.60 -62.59 -10.73
CA LEU C 295 24.58 -61.19 -11.14
C LEU C 295 23.22 -60.78 -11.73
N HIS C 296 22.73 -59.60 -11.38
CA HIS C 296 21.47 -59.15 -11.94
C HIS C 296 21.25 -57.68 -11.73
N ALA C 297 20.38 -57.18 -12.57
CA ALA C 297 20.00 -55.78 -12.52
C ALA C 297 18.48 -55.65 -12.38
N HIS C 298 18.08 -54.71 -11.53
CA HIS C 298 16.68 -54.44 -11.33
C HIS C 298 16.34 -53.07 -11.90
N PHE C 299 15.22 -52.98 -12.58
CA PHE C 299 14.77 -51.73 -13.11
C PHE C 299 13.44 -51.39 -12.43
N TYR C 300 13.35 -50.29 -11.69
CA TYR C 300 12.10 -49.89 -10.98
C TYR C 300 11.55 -48.57 -11.49
N PRO C 301 10.63 -48.66 -12.43
CA PRO C 301 10.03 -47.51 -13.08
C PRO C 301 8.72 -47.16 -12.40
N PRO C 302 8.46 -45.86 -12.23
CA PRO C 302 7.23 -45.45 -11.55
C PRO C 302 5.96 -45.38 -12.41
N LEU C 303 6.09 -45.21 -13.75
CA LEU C 303 4.93 -45.04 -14.61
C LEU C 303 3.93 -46.14 -14.54
N LEU C 304 2.65 -45.76 -14.54
CA LEU C 304 1.61 -46.77 -14.42
C LEU C 304 0.62 -46.76 -15.55
N ARG C 305 -0.22 -45.73 -15.61
CA ARG C 305 -1.26 -45.68 -16.63
C ARG C 305 -0.89 -44.98 -17.92
N SER C 306 0.05 -44.04 -17.84
CA SER C 306 0.47 -43.28 -19.00
C SER C 306 1.73 -42.49 -18.71
N ALA C 307 2.07 -41.59 -19.59
CA ALA C 307 3.25 -40.80 -19.36
C ALA C 307 3.04 -39.81 -18.23
N THR C 308 1.79 -39.69 -17.83
CA THR C 308 1.52 -38.72 -16.79
C THR C 308 0.95 -39.29 -15.53
N VAL C 309 0.68 -40.61 -15.53
CA VAL C 309 0.17 -41.25 -14.33
C VAL C 309 1.10 -42.31 -13.77
N ARG C 310 1.68 -41.99 -12.61
CA ARG C 310 2.59 -42.92 -11.98
C ARG C 310 2.01 -43.63 -10.79
N LYS C 311 2.71 -44.66 -10.38
CA LYS C 311 2.25 -45.38 -9.20
C LYS C 311 2.87 -44.76 -7.98
N PHE C 312 2.11 -44.65 -6.90
CA PHE C 312 2.62 -44.13 -5.63
C PHE C 312 2.77 -45.23 -4.56
N MET C 313 3.98 -45.40 -4.04
CA MET C 313 4.21 -46.39 -2.99
C MET C 313 4.06 -45.64 -1.71
N VAL C 314 2.82 -45.56 -1.22
CA VAL C 314 2.52 -44.77 -0.03
C VAL C 314 1.90 -45.49 1.15
N GLY C 315 0.80 -44.93 1.70
CA GLY C 315 0.13 -45.44 2.88
C GLY C 315 0.15 -46.96 3.12
N TYR C 316 -0.66 -47.69 2.37
CA TYR C 316 -0.71 -49.12 2.55
C TYR C 316 0.67 -49.76 2.36
N GLU C 317 1.34 -49.35 1.29
CA GLU C 317 2.63 -49.90 0.96
C GLU C 317 3.65 -49.77 2.04
N MET C 318 3.69 -48.59 2.65
CA MET C 318 4.66 -48.30 3.68
C MET C 318 4.33 -48.83 5.07
N LEU C 319 3.05 -48.97 5.34
CA LEU C 319 2.65 -49.42 6.63
C LEU C 319 2.34 -50.88 6.68
N ALA C 320 2.05 -51.49 5.52
CA ALA C 320 1.70 -52.89 5.48
C ALA C 320 2.52 -53.65 4.45
N GLU C 321 2.19 -53.47 3.20
CA GLU C 321 2.98 -54.18 2.22
C GLU C 321 2.79 -53.64 0.82
N THR C 322 3.82 -53.84 0.01
CA THR C 322 3.82 -53.40 -1.38
C THR C 322 2.64 -53.95 -2.13
N GLN C 323 2.06 -53.10 -2.95
CA GLN C 323 0.90 -53.48 -3.71
C GLN C 323 1.01 -53.06 -5.17
N ARG C 324 0.45 -53.86 -6.09
CA ARG C 324 0.45 -53.58 -7.52
C ARG C 324 -0.96 -53.69 -8.03
N ASP C 325 -1.25 -52.89 -9.04
CA ASP C 325 -2.58 -52.81 -9.60
C ASP C 325 -2.82 -53.63 -10.84
N LEU C 326 -1.74 -54.24 -11.37
CA LEU C 326 -1.77 -55.08 -12.56
C LEU C 326 -0.84 -56.28 -12.38
N THR C 327 -1.05 -57.37 -13.10
CA THR C 327 -0.16 -58.49 -12.90
C THR C 327 1.12 -58.35 -13.71
N ALA C 328 2.12 -59.10 -13.27
CA ALA C 328 3.40 -59.12 -13.93
C ALA C 328 3.24 -59.57 -15.37
N GLU C 329 2.33 -60.52 -15.59
CA GLU C 329 2.07 -61.07 -16.89
C GLU C 329 1.45 -60.07 -17.80
N GLN C 330 0.56 -59.25 -17.22
CA GLN C 330 -0.07 -58.21 -18.02
C GLN C 330 1.01 -57.20 -18.39
N ALA C 331 1.82 -56.83 -17.40
CA ALA C 331 2.87 -55.88 -17.62
C ALA C 331 3.81 -56.33 -18.72
N ALA C 332 4.25 -57.57 -18.64
CA ALA C 332 5.18 -58.13 -19.64
C ALA C 332 4.59 -58.17 -21.04
N GLU C 333 3.33 -58.54 -21.10
CA GLU C 333 2.66 -58.60 -22.37
C GLU C 333 2.69 -57.22 -23.04
N ARG C 334 2.39 -56.20 -22.25
CA ARG C 334 2.40 -54.84 -22.74
C ARG C 334 3.77 -54.46 -23.27
N LEU C 335 4.79 -54.92 -22.56
CA LEU C 335 6.15 -54.62 -22.97
C LEU C 335 6.55 -55.35 -24.24
N ARG C 336 6.08 -56.57 -24.38
CA ARG C 336 6.44 -57.31 -25.55
C ARG C 336 5.70 -56.80 -26.77
N ALA C 337 4.64 -56.02 -26.57
CA ALA C 337 3.84 -55.53 -27.69
C ALA C 337 4.50 -54.44 -28.51
N VAL C 338 5.39 -53.70 -27.88
CA VAL C 338 6.05 -52.62 -28.59
C VAL C 338 7.32 -53.06 -29.30
N SER C 339 7.92 -52.11 -29.98
CA SER C 339 9.16 -52.33 -30.67
C SER C 339 10.31 -52.14 -29.68
N ASP C 340 11.41 -52.86 -29.92
CA ASP C 340 12.61 -52.78 -29.09
C ASP C 340 13.63 -51.83 -29.72
N ILE C 341 13.16 -51.09 -30.73
CA ILE C 341 13.93 -50.08 -31.42
C ILE C 341 13.42 -48.71 -30.96
N HIS C 342 14.28 -47.93 -30.34
CA HIS C 342 13.94 -46.62 -29.84
C HIS C 342 13.19 -45.80 -30.87
N PHE C 343 12.06 -45.19 -30.46
CA PHE C 343 11.18 -44.37 -31.32
C PHE C 343 11.78 -43.23 -32.15
N ARG C 344 12.89 -42.66 -31.70
CA ARG C 344 13.52 -41.58 -32.43
C ARG C 344 14.56 -42.08 -33.43
N GLU C 345 14.92 -43.37 -33.34
CA GLU C 345 15.92 -43.98 -34.23
C GLU C 345 15.27 -44.87 -35.29
N THR D 2 40.32 -38.21 14.65
CA THR D 2 39.15 -37.35 14.80
C THR D 2 38.01 -38.05 15.51
N GLN D 3 37.27 -37.29 16.29
CA GLN D 3 36.16 -37.84 17.02
C GLN D 3 34.87 -37.85 16.25
N PHE D 4 34.21 -39.00 16.23
CA PHE D 4 32.93 -39.11 15.56
C PHE D 4 31.90 -38.11 16.10
N ASN D 5 31.22 -37.44 15.19
CA ASN D 5 30.16 -36.51 15.51
C ASN D 5 29.01 -36.79 14.55
N PRO D 6 27.85 -37.22 15.09
CA PRO D 6 26.71 -37.56 14.23
C PRO D 6 26.26 -36.48 13.24
N VAL D 7 26.43 -35.21 13.57
CA VAL D 7 25.99 -34.22 12.62
C VAL D 7 27.05 -34.00 11.56
N ASP D 8 28.19 -34.64 11.77
CA ASP D 8 29.31 -34.47 10.84
C ASP D 8 29.71 -35.69 10.04
N HIS D 9 29.61 -36.86 10.67
CA HIS D 9 30.02 -38.13 10.07
C HIS D 9 28.89 -39.08 9.76
N PRO D 10 28.96 -39.69 8.62
CA PRO D 10 27.98 -40.64 8.26
C PRO D 10 28.07 -41.88 9.16
N HIS D 11 26.92 -42.53 9.31
CA HIS D 11 26.80 -43.71 10.12
C HIS D 11 25.47 -44.35 9.78
N ARG D 12 25.24 -45.52 10.37
CA ARG D 12 24.00 -46.21 10.16
C ARG D 12 23.27 -46.37 11.48
N ARG D 13 21.94 -46.34 11.42
CA ARG D 13 21.18 -46.52 12.65
C ARG D 13 20.26 -47.73 12.50
N TYR D 14 20.08 -48.48 13.57
CA TYR D 14 19.20 -49.63 13.47
C TYR D 14 17.73 -49.38 13.83
N ASN D 15 16.82 -49.93 13.04
CA ASN D 15 15.39 -49.86 13.34
C ASN D 15 14.99 -51.23 13.94
N PRO D 16 14.82 -51.26 15.27
CA PRO D 16 14.50 -52.49 15.94
C PRO D 16 13.11 -53.00 15.62
N LEU D 17 12.26 -52.17 15.04
CA LEU D 17 10.92 -52.64 14.70
C LEU D 17 10.98 -53.39 13.39
N THR D 18 12.02 -53.11 12.61
CA THR D 18 12.08 -53.78 11.33
C THR D 18 13.33 -54.61 11.15
N GLY D 19 14.30 -54.37 12.05
CA GLY D 19 15.53 -55.13 11.97
C GLY D 19 16.36 -54.73 10.76
N GLN D 20 16.22 -53.47 10.35
CA GLN D 20 16.93 -52.91 9.19
C GLN D 20 17.73 -51.68 9.58
N TRP D 21 18.72 -51.33 8.76
CA TRP D 21 19.54 -50.15 9.03
C TRP D 21 19.11 -48.95 8.17
N ILE D 22 19.49 -47.76 8.63
CA ILE D 22 19.23 -46.50 7.92
C ILE D 22 20.57 -45.81 7.84
N LEU D 23 20.95 -45.45 6.62
CA LEU D 23 22.21 -44.76 6.41
C LEU D 23 21.99 -43.26 6.53
N VAL D 24 22.78 -42.65 7.39
CA VAL D 24 22.69 -41.24 7.64
C VAL D 24 23.94 -40.54 7.11
N SER D 25 23.74 -39.51 6.23
CA SER D 25 24.80 -38.70 5.63
C SER D 25 24.38 -37.25 5.81
N PRO D 26 24.77 -36.73 6.97
CA PRO D 26 24.42 -35.44 7.49
C PRO D 26 24.75 -34.21 6.71
N HIS D 27 25.44 -34.35 5.61
CA HIS D 27 25.75 -33.14 4.87
C HIS D 27 25.21 -33.19 3.46
N ARG D 28 24.56 -34.30 3.14
CA ARG D 28 24.08 -34.50 1.80
C ARG D 28 23.16 -33.47 1.20
N ALA D 29 22.40 -32.73 2.01
CA ALA D 29 21.45 -31.77 1.45
C ALA D 29 22.05 -30.42 1.06
N LYS D 30 23.40 -30.31 1.20
CA LYS D 30 24.18 -29.12 0.85
C LYS D 30 24.44 -29.08 -0.64
N ARG D 31 24.23 -30.21 -1.26
CA ARG D 31 24.42 -30.35 -2.69
C ARG D 31 23.37 -29.60 -3.47
N PRO D 32 23.74 -29.22 -4.70
CA PRO D 32 22.83 -28.52 -5.57
C PRO D 32 21.69 -29.44 -5.96
N TRP D 33 20.48 -28.87 -5.91
CA TRP D 33 19.24 -29.52 -6.31
C TRP D 33 18.65 -28.88 -7.56
N GLN D 34 18.70 -29.60 -8.67
CA GLN D 34 18.15 -29.12 -9.91
C GLN D 34 17.14 -30.08 -10.41
N GLY D 35 16.53 -30.76 -9.46
CA GLY D 35 15.54 -31.73 -9.83
C GLY D 35 14.13 -31.18 -9.69
N ALA D 36 13.18 -32.10 -9.51
CA ALA D 36 11.79 -31.74 -9.38
C ALA D 36 11.51 -30.70 -8.30
N GLN D 37 10.50 -29.89 -8.58
CA GLN D 37 10.01 -28.85 -7.68
C GLN D 37 8.57 -29.26 -7.38
N GLU D 38 8.26 -29.38 -6.09
CA GLU D 38 6.95 -29.80 -5.65
C GLU D 38 5.99 -28.67 -5.77
N THR D 39 4.81 -29.03 -6.20
CA THR D 39 3.79 -28.04 -6.34
C THR D 39 2.97 -28.03 -5.06
N PRO D 40 3.07 -26.93 -4.30
CA PRO D 40 2.33 -26.88 -3.06
C PRO D 40 0.83 -26.82 -3.26
N ALA D 41 0.10 -27.20 -2.21
CA ALA D 41 -1.36 -27.25 -2.20
C ALA D 41 -2.03 -25.89 -2.00
N LYS D 42 -3.07 -25.63 -2.80
CA LYS D 42 -3.80 -24.36 -2.68
C LYS D 42 -4.24 -24.19 -1.23
N GLN D 43 -4.04 -22.99 -0.68
CA GLN D 43 -4.43 -22.75 0.70
C GLN D 43 -5.94 -22.56 0.82
N VAL D 44 -6.49 -22.00 -0.28
CA VAL D 44 -7.90 -21.66 -0.45
C VAL D 44 -8.80 -22.71 -1.09
N LEU D 45 -9.72 -23.26 -0.27
CA LEU D 45 -10.70 -24.23 -0.69
C LEU D 45 -12.09 -24.02 -0.06
N PRO D 46 -13.10 -24.41 -0.84
CA PRO D 46 -14.49 -24.32 -0.46
C PRO D 46 -14.79 -25.46 0.49
N ALA D 47 -15.63 -25.19 1.48
CA ALA D 47 -16.03 -26.19 2.46
C ALA D 47 -16.86 -27.25 1.79
N HIS D 48 -17.29 -26.92 0.58
CA HIS D 48 -18.08 -27.84 -0.18
C HIS D 48 -17.85 -27.67 -1.64
N ASP D 49 -17.73 -28.81 -2.29
CA ASP D 49 -17.50 -28.88 -3.69
C ASP D 49 -18.50 -29.80 -4.32
N PRO D 50 -19.43 -29.17 -4.99
CA PRO D 50 -20.51 -29.81 -5.69
C PRO D 50 -20.05 -30.97 -6.53
N ASP D 51 -18.76 -31.00 -6.84
CA ASP D 51 -18.27 -32.10 -7.66
C ASP D 51 -17.68 -33.31 -6.91
N CYS D 52 -16.88 -33.00 -5.91
CA CYS D 52 -16.17 -33.96 -5.06
C CYS D 52 -17.00 -35.17 -4.64
N PHE D 53 -16.48 -36.32 -5.03
CA PHE D 53 -17.10 -37.61 -4.75
C PHE D 53 -17.10 -37.95 -3.29
N LEU D 54 -16.42 -37.14 -2.51
CA LEU D 54 -16.35 -37.40 -1.10
C LEU D 54 -17.12 -36.40 -0.28
N CYS D 55 -17.62 -35.39 -0.96
CA CYS D 55 -18.37 -34.37 -0.29
C CYS D 55 -19.76 -34.88 0.12
N ALA D 56 -20.24 -34.37 1.25
CA ALA D 56 -21.55 -34.74 1.75
C ALA D 56 -22.65 -34.49 0.73
N GLY D 57 -23.58 -35.42 0.58
CA GLY D 57 -24.69 -35.26 -0.35
C GLY D 57 -24.39 -35.45 -1.83
N ASN D 58 -23.13 -35.59 -2.22
CA ASN D 58 -22.82 -35.77 -3.62
C ASN D 58 -22.88 -37.22 -4.03
N VAL D 59 -22.89 -37.43 -5.33
CA VAL D 59 -22.90 -38.77 -5.90
C VAL D 59 -21.46 -39.22 -6.13
N ARG D 60 -21.22 -40.50 -5.97
CA ARG D 60 -19.90 -41.02 -6.19
C ARG D 60 -19.75 -41.42 -7.63
N VAL D 61 -18.53 -41.75 -8.00
CA VAL D 61 -18.25 -42.15 -9.36
C VAL D 61 -19.27 -43.17 -9.82
N THR D 62 -19.65 -44.03 -8.88
CA THR D 62 -20.60 -45.09 -9.11
C THR D 62 -22.04 -44.65 -9.21
N GLY D 63 -22.36 -43.50 -8.61
CA GLY D 63 -23.71 -43.01 -8.61
C GLY D 63 -24.30 -43.15 -7.23
N ASP D 64 -23.52 -43.77 -6.34
CA ASP D 64 -23.93 -43.97 -4.97
C ASP D 64 -23.87 -42.61 -4.31
N LYS D 65 -25.00 -42.18 -3.76
CA LYS D 65 -25.11 -40.89 -3.11
C LYS D 65 -24.67 -40.91 -1.67
N ASN D 66 -23.88 -39.91 -1.33
CA ASN D 66 -23.40 -39.73 0.00
C ASN D 66 -24.45 -39.04 0.82
N PRO D 67 -24.61 -39.46 2.02
CA PRO D 67 -25.58 -38.79 2.83
C PRO D 67 -25.07 -37.42 3.16
N ASP D 68 -25.99 -36.59 3.65
CA ASP D 68 -25.67 -35.26 4.10
C ASP D 68 -25.02 -35.45 5.47
N TYR D 69 -23.83 -36.07 5.44
CA TYR D 69 -23.18 -36.39 6.68
C TYR D 69 -22.60 -35.27 7.49
N THR D 70 -22.41 -35.64 8.74
CA THR D 70 -21.80 -34.78 9.73
C THR D 70 -20.72 -35.60 10.45
N GLY D 71 -19.66 -34.93 10.83
CA GLY D 71 -18.55 -35.63 11.45
C GLY D 71 -17.92 -36.49 10.35
N THR D 72 -17.45 -37.67 10.71
CA THR D 72 -16.85 -38.53 9.71
C THR D 72 -17.89 -39.32 8.95
N TYR D 73 -17.48 -39.84 7.82
CA TYR D 73 -18.31 -40.65 6.97
C TYR D 73 -17.43 -41.76 6.47
N VAL D 74 -17.87 -42.99 6.73
CA VAL D 74 -17.12 -44.17 6.32
C VAL D 74 -17.95 -44.91 5.33
N PHE D 75 -17.30 -45.39 4.26
CA PHE D 75 -17.97 -46.15 3.22
C PHE D 75 -17.00 -47.18 2.58
N THR D 76 -17.53 -48.28 2.07
CA THR D 76 -16.71 -49.30 1.41
C THR D 76 -16.12 -48.70 0.14
N ASN D 77 -14.81 -48.74 0.02
CA ASN D 77 -14.20 -48.17 -1.15
C ASN D 77 -14.89 -48.67 -2.38
N ASP D 78 -15.21 -47.78 -3.31
CA ASP D 78 -15.84 -48.23 -4.54
C ASP D 78 -14.94 -49.12 -5.41
N PHE D 79 -13.64 -49.12 -5.13
CA PHE D 79 -12.65 -49.91 -5.84
C PHE D 79 -11.76 -50.52 -4.79
N ALA D 80 -12.33 -51.44 -4.02
CA ALA D 80 -11.53 -52.04 -2.97
C ALA D 80 -10.38 -52.87 -3.53
N ALA D 81 -9.29 -52.86 -2.77
CA ALA D 81 -8.11 -53.63 -3.12
C ALA D 81 -8.29 -55.05 -2.61
N LEU D 82 -9.17 -55.25 -1.62
CA LEU D 82 -9.39 -56.60 -1.10
C LEU D 82 -10.88 -56.91 -1.02
N MET D 83 -11.21 -58.20 -1.12
CA MET D 83 -12.58 -58.74 -1.07
C MET D 83 -12.69 -59.78 0.00
N SER D 84 -13.87 -59.89 0.59
CA SER D 84 -14.07 -60.82 1.68
C SER D 84 -14.20 -62.25 1.22
N ASP D 85 -14.60 -62.41 -0.04
CA ASP D 85 -14.82 -63.73 -0.55
C ASP D 85 -13.97 -64.10 -1.74
N THR D 86 -12.80 -63.51 -1.86
CA THR D 86 -11.98 -63.90 -2.98
C THR D 86 -11.61 -65.37 -2.83
N PRO D 87 -11.69 -66.13 -3.93
CA PRO D 87 -11.34 -67.53 -3.87
C PRO D 87 -9.88 -67.69 -3.49
N ASP D 88 -9.59 -68.86 -2.94
CA ASP D 88 -8.23 -69.14 -2.54
C ASP D 88 -7.30 -69.13 -3.74
N ALA D 89 -6.04 -68.77 -3.45
CA ALA D 89 -4.97 -68.76 -4.42
C ALA D 89 -4.31 -70.13 -4.28
N PRO D 90 -4.00 -70.75 -5.40
CA PRO D 90 -3.40 -72.06 -5.35
C PRO D 90 -2.00 -72.02 -4.77
N GLU D 91 -1.76 -72.87 -3.76
CA GLU D 91 -0.46 -72.95 -3.11
C GLU D 91 0.51 -73.97 -3.68
N SER D 92 1.68 -73.50 -4.11
CA SER D 92 2.67 -74.34 -4.75
C SER D 92 3.81 -74.79 -3.88
N HIS D 93 4.09 -73.97 -2.89
CA HIS D 93 5.17 -74.28 -2.00
C HIS D 93 6.48 -74.20 -2.77
N ASP D 94 6.39 -73.61 -3.97
CA ASP D 94 7.53 -73.42 -4.87
C ASP D 94 8.51 -72.33 -4.40
N PRO D 95 9.78 -72.69 -4.28
CA PRO D 95 10.80 -71.75 -3.80
C PRO D 95 10.99 -70.55 -4.68
N LEU D 96 10.60 -70.63 -5.96
CA LEU D 96 10.77 -69.52 -6.90
C LEU D 96 9.47 -68.79 -7.25
N MET D 97 8.48 -69.52 -7.67
CA MET D 97 7.20 -68.94 -8.02
C MET D 97 6.13 -69.50 -7.09
N ARG D 98 5.59 -68.65 -6.23
CA ARG D 98 4.58 -69.01 -5.27
C ARG D 98 3.61 -67.88 -4.91
N CYS D 99 2.37 -68.24 -4.62
CA CYS D 99 1.29 -67.32 -4.30
C CYS D 99 0.60 -67.70 -2.99
N GLN D 100 -0.12 -66.74 -2.44
CA GLN D 100 -0.89 -66.97 -1.24
C GLN D 100 -2.19 -66.22 -1.43
N SER D 101 -3.22 -66.62 -0.67
CA SER D 101 -4.53 -65.98 -0.77
C SER D 101 -4.54 -64.58 -0.16
N ALA D 102 -5.50 -63.79 -0.61
CA ALA D 102 -5.62 -62.45 -0.10
C ALA D 102 -7.07 -62.00 -0.04
N ARG D 103 -7.58 -61.87 1.19
CA ARG D 103 -8.94 -61.44 1.44
C ARG D 103 -8.94 -60.27 2.41
N GLY D 104 -10.07 -59.55 2.46
CA GLY D 104 -10.26 -58.40 3.33
C GLY D 104 -11.17 -57.39 2.65
N THR D 105 -11.03 -56.13 3.03
CA THR D 105 -11.81 -55.07 2.44
C THR D 105 -11.11 -53.74 2.60
N SER D 106 -11.70 -52.74 1.97
CA SER D 106 -11.19 -51.39 1.98
C SER D 106 -12.32 -50.40 2.22
N ARG D 107 -12.08 -49.47 3.11
CA ARG D 107 -13.09 -48.47 3.39
C ARG D 107 -12.45 -47.11 3.40
N VAL D 108 -13.23 -46.12 3.03
CA VAL D 108 -12.73 -44.77 3.00
C VAL D 108 -13.38 -43.99 4.11
N ILE D 109 -12.57 -43.18 4.77
CA ILE D 109 -13.06 -42.34 5.84
C ILE D 109 -12.89 -40.88 5.51
N CYS D 110 -14.00 -40.16 5.47
CA CYS D 110 -14.02 -38.72 5.25
C CYS D 110 -13.88 -38.11 6.62
N PHE D 111 -12.89 -37.26 6.81
CA PHE D 111 -12.68 -36.70 8.13
C PHE D 111 -13.83 -35.86 8.65
N SER D 112 -14.45 -35.08 7.76
CA SER D 112 -15.57 -34.24 8.10
C SER D 112 -16.15 -33.80 6.78
N PRO D 113 -17.33 -33.18 6.83
CA PRO D 113 -18.00 -32.70 5.63
C PRO D 113 -17.26 -31.52 4.98
N ASP D 114 -16.50 -30.76 5.79
CA ASP D 114 -15.74 -29.61 5.31
C ASP D 114 -14.55 -30.01 4.42
N HIS D 115 -14.77 -29.92 3.12
CA HIS D 115 -13.77 -30.25 2.12
C HIS D 115 -12.47 -29.46 2.22
N SER D 116 -12.50 -28.35 2.93
CA SER D 116 -11.33 -27.49 3.05
C SER D 116 -10.51 -27.62 4.33
N LYS D 117 -10.96 -28.35 5.32
CA LYS D 117 -10.11 -28.37 6.52
C LYS D 117 -9.31 -29.64 6.73
N THR D 118 -8.00 -29.54 6.80
CA THR D 118 -7.15 -30.69 7.03
C THR D 118 -7.06 -30.95 8.53
N LEU D 119 -6.49 -32.07 8.95
CA LEU D 119 -6.37 -32.44 10.34
C LEU D 119 -6.01 -31.37 11.36
N PRO D 120 -4.91 -30.66 11.13
CA PRO D 120 -4.46 -29.64 12.08
C PRO D 120 -5.42 -28.46 12.12
N GLU D 121 -6.19 -28.35 11.04
CA GLU D 121 -7.18 -27.31 10.88
C GLU D 121 -8.54 -27.68 11.51
N LEU D 122 -8.69 -28.88 12.11
CA LEU D 122 -9.94 -29.32 12.76
C LEU D 122 -9.89 -29.20 14.29
N SER D 123 -11.03 -28.97 14.94
CA SER D 123 -11.02 -28.85 16.38
C SER D 123 -10.62 -30.15 17.03
N VAL D 124 -10.25 -30.04 18.28
CA VAL D 124 -9.87 -31.21 19.03
C VAL D 124 -11.09 -32.13 19.16
N ALA D 125 -12.26 -31.50 19.17
CA ALA D 125 -13.46 -32.30 19.27
C ALA D 125 -13.65 -33.09 18.00
N ALA D 126 -13.45 -32.41 16.87
CA ALA D 126 -13.58 -33.02 15.55
C ALA D 126 -12.60 -34.17 15.41
N LEU D 127 -11.39 -33.89 15.89
CA LEU D 127 -10.33 -34.90 15.89
C LEU D 127 -10.73 -36.09 16.78
N THR D 128 -11.32 -35.81 17.95
CA THR D 128 -11.75 -36.89 18.84
C THR D 128 -12.77 -37.79 18.15
N GLU D 129 -13.61 -37.16 17.35
CA GLU D 129 -14.59 -37.93 16.64
C GLU D 129 -13.87 -38.80 15.66
N ILE D 130 -12.78 -38.29 15.10
CA ILE D 130 -12.04 -39.12 14.17
C ILE D 130 -11.48 -40.31 14.90
N VAL D 131 -10.89 -40.05 16.07
CA VAL D 131 -10.35 -41.14 16.83
C VAL D 131 -11.43 -42.18 17.07
N LYS D 132 -12.61 -41.74 17.46
CA LYS D 132 -13.68 -42.68 17.71
C LYS D 132 -13.96 -43.58 16.52
N THR D 133 -14.00 -43.00 15.34
CA THR D 133 -14.26 -43.78 14.14
C THR D 133 -13.16 -44.82 13.88
N TRP D 134 -11.93 -44.41 14.14
CA TRP D 134 -10.80 -45.32 13.95
C TRP D 134 -11.00 -46.57 14.79
N GLN D 135 -11.33 -46.36 16.05
CA GLN D 135 -11.55 -47.47 16.98
C GLN D 135 -12.71 -48.35 16.58
N GLU D 136 -13.81 -47.70 16.23
CA GLU D 136 -14.96 -48.44 15.85
C GLU D 136 -14.64 -49.29 14.67
N GLN D 137 -13.97 -48.69 13.70
CA GLN D 137 -13.59 -49.38 12.48
C GLN D 137 -12.65 -50.57 12.76
N THR D 138 -11.69 -50.33 13.66
CA THR D 138 -10.75 -51.35 14.06
C THR D 138 -11.47 -52.49 14.76
N ALA D 139 -12.26 -52.14 15.78
CA ALA D 139 -12.98 -53.17 16.53
C ALA D 139 -13.88 -54.06 15.65
N GLU D 140 -14.59 -53.44 14.74
CA GLU D 140 -15.48 -54.15 13.86
C GLU D 140 -14.73 -55.01 12.88
N LEU D 141 -13.75 -54.42 12.21
CA LEU D 141 -13.02 -55.22 11.24
C LEU D 141 -12.22 -56.34 11.88
N GLY D 142 -11.72 -56.05 13.08
CA GLY D 142 -10.93 -57.01 13.84
C GLY D 142 -11.68 -58.28 14.18
N LYS D 143 -13.01 -58.22 14.22
CA LYS D 143 -13.80 -59.39 14.54
C LYS D 143 -13.63 -60.41 13.46
N THR D 144 -13.33 -59.91 12.27
CA THR D 144 -13.17 -60.72 11.08
C THR D 144 -11.73 -60.90 10.54
N TYR D 145 -10.91 -59.84 10.56
CA TYR D 145 -9.55 -59.91 10.02
C TYR D 145 -8.46 -59.70 11.04
N PRO D 146 -7.40 -60.46 10.88
CA PRO D 146 -6.33 -60.35 11.86
C PRO D 146 -5.60 -59.04 11.76
N TRP D 147 -5.62 -58.49 10.54
CA TRP D 147 -4.95 -57.23 10.28
C TRP D 147 -5.82 -56.10 9.77
N VAL D 148 -5.91 -55.06 10.63
CA VAL D 148 -6.68 -53.81 10.38
C VAL D 148 -5.70 -52.64 10.24
N GLN D 149 -5.59 -52.14 9.00
CA GLN D 149 -4.67 -51.04 8.69
C GLN D 149 -5.35 -49.70 8.43
N VAL D 150 -5.25 -48.85 9.44
CA VAL D 150 -5.82 -47.53 9.31
C VAL D 150 -4.67 -46.67 8.79
N PHE D 151 -4.97 -45.86 7.79
CA PHE D 151 -3.93 -44.99 7.26
C PHE D 151 -4.50 -43.74 6.60
N GLU D 152 -3.61 -42.89 6.12
CA GLU D 152 -4.04 -41.68 5.47
C GLU D 152 -2.96 -41.25 4.50
N ASN D 153 -3.36 -40.92 3.29
CA ASN D 153 -2.43 -40.41 2.28
C ASN D 153 -2.80 -38.95 2.09
N LYS D 154 -1.97 -38.04 2.55
CA LYS D 154 -2.24 -36.65 2.42
C LYS D 154 -1.28 -35.91 1.51
N GLY D 155 -1.88 -35.29 0.49
CA GLY D 155 -1.13 -34.48 -0.45
C GLY D 155 -0.86 -35.22 -1.73
N ALA D 156 -0.75 -34.47 -2.83
CA ALA D 156 -0.49 -35.04 -4.15
C ALA D 156 0.81 -35.81 -4.15
N ALA D 157 1.72 -35.33 -3.30
CA ALA D 157 3.03 -35.98 -3.21
C ALA D 157 2.94 -37.33 -2.58
N MET D 158 1.85 -37.51 -1.82
CA MET D 158 1.61 -38.75 -1.14
C MET D 158 0.60 -39.65 -1.81
N GLY D 159 0.40 -39.43 -3.09
CA GLY D 159 -0.50 -40.30 -3.82
C GLY D 159 -2.00 -40.20 -3.57
N CYS D 160 -2.44 -39.07 -3.00
CA CYS D 160 -3.86 -38.84 -2.78
C CYS D 160 -4.50 -38.85 -4.18
N SER D 161 -5.68 -39.47 -4.34
CA SER D 161 -6.38 -39.53 -5.61
C SER D 161 -7.62 -38.66 -5.58
N ASN D 162 -7.82 -37.97 -4.43
CA ASN D 162 -8.99 -37.09 -4.20
C ASN D 162 -8.66 -36.07 -3.10
N PRO D 163 -8.86 -34.78 -3.37
CA PRO D 163 -8.53 -33.71 -2.44
C PRO D 163 -9.39 -33.62 -1.17
N HIS D 164 -10.53 -34.31 -1.05
CA HIS D 164 -11.29 -34.21 0.21
C HIS D 164 -10.48 -34.82 1.39
N PRO D 165 -10.37 -34.12 2.50
CA PRO D 165 -9.64 -34.63 3.65
C PRO D 165 -10.17 -35.95 4.21
N GLY D 166 -9.33 -36.94 4.32
CA GLY D 166 -9.79 -38.21 4.83
C GLY D 166 -8.71 -39.29 4.77
N GLY D 167 -9.08 -40.51 5.15
CA GLY D 167 -8.14 -41.62 5.17
C GLY D 167 -8.73 -42.93 4.66
N GLN D 168 -8.08 -44.02 5.03
CA GLN D 168 -8.57 -45.27 4.54
C GLN D 168 -8.31 -46.35 5.56
N ILE D 169 -9.10 -47.43 5.41
CA ILE D 169 -9.00 -48.62 6.21
C ILE D 169 -8.97 -49.85 5.31
N TRP D 170 -7.82 -50.56 5.31
CA TRP D 170 -7.64 -51.80 4.55
C TRP D 170 -7.46 -52.92 5.56
N ALA D 171 -8.37 -53.91 5.53
CA ALA D 171 -8.26 -55.06 6.43
C ALA D 171 -7.81 -56.26 5.61
N ASN D 172 -6.97 -57.07 6.25
CA ASN D 172 -6.38 -58.23 5.64
C ASN D 172 -6.59 -59.52 6.41
N SER D 173 -6.83 -60.57 5.63
CA SER D 173 -7.04 -61.88 6.18
C SER D 173 -5.70 -62.48 6.61
N PHE D 174 -4.65 -61.67 6.50
CA PHE D 174 -3.31 -62.07 6.83
C PHE D 174 -2.55 -60.90 7.41
N LEU D 175 -1.38 -61.20 7.97
CA LEU D 175 -0.49 -60.20 8.51
C LEU D 175 0.41 -59.73 7.37
N PRO D 176 0.26 -58.50 6.90
CA PRO D 176 1.12 -58.05 5.81
C PRO D 176 2.61 -57.93 6.23
N ASN D 177 3.51 -57.76 5.25
CA ASN D 177 4.91 -57.68 5.60
C ASN D 177 5.27 -56.89 6.85
N GLU D 178 4.88 -55.62 6.87
CA GLU D 178 5.24 -54.78 7.99
C GLU D 178 4.72 -55.29 9.32
N ALA D 179 3.50 -55.83 9.29
CA ALA D 179 2.88 -56.33 10.52
C ALA D 179 3.59 -57.58 11.02
N GLU D 180 3.81 -58.51 10.10
CA GLU D 180 4.46 -59.74 10.44
C GLU D 180 5.78 -59.47 11.13
N ARG D 181 6.57 -58.61 10.51
CA ARG D 181 7.89 -58.26 11.01
C ARG D 181 7.88 -57.56 12.35
N GLU D 182 7.06 -56.54 12.45
CA GLU D 182 6.98 -55.80 13.69
C GLU D 182 6.46 -56.69 14.83
N ASP D 183 5.55 -57.61 14.46
CA ASP D 183 4.96 -58.53 15.43
C ASP D 183 6.04 -59.46 15.98
N ARG D 184 6.81 -59.97 15.05
CA ARG D 184 7.87 -60.85 15.44
C ARG D 184 8.99 -60.17 16.18
N LEU D 185 9.41 -58.99 15.72
CA LEU D 185 10.52 -58.35 16.39
C LEU D 185 10.13 -57.86 17.75
N GLN D 186 8.90 -57.37 17.87
CA GLN D 186 8.42 -56.92 19.17
C GLN D 186 8.26 -58.07 20.15
N LYS D 187 7.90 -59.25 19.59
CA LYS D 187 7.71 -60.46 20.39
C LYS D 187 9.03 -60.95 20.96
N GLU D 188 10.05 -61.05 20.11
CA GLU D 188 11.40 -61.49 20.49
C GLU D 188 12.00 -60.57 21.53
N TYR D 189 11.70 -59.27 21.44
CA TYR D 189 12.25 -58.31 22.38
C TYR D 189 11.70 -58.52 23.75
N PHE D 190 10.38 -58.73 23.79
CA PHE D 190 9.65 -58.95 25.03
C PHE D 190 10.15 -60.21 25.74
N ALA D 191 10.26 -61.28 24.96
CA ALA D 191 10.73 -62.57 25.39
C ALA D 191 12.06 -62.46 26.13
N GLU D 192 12.85 -61.47 25.77
CA GLU D 192 14.16 -61.27 26.36
C GLU D 192 14.18 -60.21 27.44
N GLN D 193 13.43 -59.15 27.20
CA GLN D 193 13.40 -58.04 28.13
C GLN D 193 12.27 -58.10 29.13
N LYS D 194 11.26 -58.91 28.81
CA LYS D 194 10.12 -59.01 29.69
C LYS D 194 9.49 -57.65 29.84
N SER D 195 9.58 -56.90 28.76
CA SER D 195 9.05 -55.56 28.72
C SER D 195 8.84 -55.20 27.27
N PRO D 196 7.80 -54.44 26.95
CA PRO D 196 7.55 -54.13 25.56
C PRO D 196 8.51 -53.12 25.01
N MET D 197 8.99 -53.44 23.83
CA MET D 197 9.96 -52.62 23.12
C MET D 197 9.61 -51.15 23.12
N LEU D 198 8.49 -50.80 22.49
CA LEU D 198 8.10 -49.40 22.41
C LEU D 198 7.80 -48.73 23.73
N VAL D 199 7.40 -49.55 24.67
CA VAL D 199 7.11 -48.99 25.97
C VAL D 199 8.41 -48.48 26.57
N ASP D 200 9.44 -49.32 26.49
CA ASP D 200 10.75 -48.94 27.00
C ASP D 200 11.32 -47.74 26.24
N TYR D 201 11.05 -47.77 24.93
CA TYR D 201 11.51 -46.72 24.05
C TYR D 201 11.00 -45.38 24.53
N VAL D 202 9.72 -45.37 24.88
CA VAL D 202 9.13 -44.13 25.37
C VAL D 202 9.87 -43.70 26.61
N GLN D 203 10.15 -44.69 27.43
CA GLN D 203 10.86 -44.41 28.67
C GLN D 203 12.18 -43.73 28.39
N ARG D 204 12.88 -44.35 27.47
CA ARG D 204 14.17 -43.86 27.04
C ARG D 204 14.09 -42.44 26.48
N GLU D 205 13.09 -42.18 25.63
CA GLU D 205 12.98 -40.88 25.04
C GLU D 205 12.64 -39.80 26.03
N LEU D 206 11.84 -40.17 27.05
CA LEU D 206 11.43 -39.20 28.07
C LEU D 206 12.63 -38.68 28.80
N ALA D 207 13.51 -39.62 29.12
CA ALA D 207 14.76 -39.33 29.79
C ALA D 207 15.73 -38.49 28.92
N ASP D 208 15.59 -38.51 27.59
CA ASP D 208 16.49 -37.80 26.69
C ASP D 208 15.98 -36.45 26.23
N GLY D 209 14.93 -36.47 25.41
CA GLY D 209 14.34 -35.24 24.93
C GLY D 209 14.86 -34.71 23.61
N SER D 210 16.07 -35.09 23.23
CA SER D 210 16.61 -34.60 21.98
C SER D 210 15.76 -34.93 20.75
N ARG D 211 15.01 -36.02 20.78
CA ARG D 211 14.23 -36.32 19.60
C ARG D 211 12.74 -35.98 19.73
N THR D 212 12.34 -35.44 20.89
CA THR D 212 10.95 -35.08 21.13
C THR D 212 10.42 -33.84 20.40
N VAL D 213 9.21 -34.01 19.87
CA VAL D 213 8.55 -32.97 19.12
C VAL D 213 7.24 -32.52 19.78
N VAL D 214 6.52 -33.46 20.32
CA VAL D 214 5.25 -33.19 20.99
C VAL D 214 5.16 -34.05 22.23
N GLU D 215 4.80 -33.44 23.37
CA GLU D 215 4.62 -34.23 24.58
C GLU D 215 3.34 -33.85 25.32
N THR D 216 2.43 -34.79 25.50
CA THR D 216 1.19 -34.47 26.22
C THR D 216 1.09 -35.28 27.46
N GLU D 217 -0.08 -35.20 28.10
CA GLU D 217 -0.21 -35.95 29.31
C GLU D 217 0.00 -37.43 29.10
N HIS D 218 -0.66 -37.95 28.07
CA HIS D 218 -0.65 -39.36 27.73
C HIS D 218 0.10 -39.75 26.45
N TRP D 219 0.61 -38.77 25.73
CA TRP D 219 1.27 -39.13 24.49
C TRP D 219 2.65 -38.56 24.32
N LEU D 220 3.38 -39.18 23.40
CA LEU D 220 4.70 -38.72 23.06
C LEU D 220 4.85 -38.85 21.55
N ALA D 221 5.32 -37.80 20.89
CA ALA D 221 5.59 -37.80 19.47
C ALA D 221 7.08 -37.46 19.34
N VAL D 222 7.83 -38.35 18.70
CA VAL D 222 9.26 -38.16 18.48
C VAL D 222 9.64 -38.42 17.04
N VAL D 223 10.84 -37.94 16.72
CA VAL D 223 11.45 -38.21 15.42
C VAL D 223 12.25 -39.42 15.87
N PRO D 224 11.75 -40.63 15.54
CA PRO D 224 12.36 -41.86 16.01
C PRO D 224 13.85 -41.91 15.76
N TYR D 225 14.59 -42.46 16.71
CA TYR D 225 16.02 -42.55 16.56
C TYR D 225 16.42 -43.02 15.16
N TRP D 226 15.72 -44.04 14.67
CA TRP D 226 15.97 -44.66 13.35
C TRP D 226 15.10 -44.16 12.22
N ALA D 227 14.57 -42.93 12.37
CA ALA D 227 13.71 -42.38 11.34
C ALA D 227 14.32 -42.44 9.94
N ALA D 228 13.47 -42.75 8.97
CA ALA D 228 13.85 -42.82 7.58
C ALA D 228 13.56 -41.50 6.85
N TRP D 229 12.30 -41.04 6.87
CA TRP D 229 11.91 -39.80 6.19
C TRP D 229 12.49 -38.63 6.94
N PRO D 230 12.74 -37.52 6.25
CA PRO D 230 13.36 -36.39 6.90
C PRO D 230 12.76 -35.98 8.24
N PHE D 231 11.47 -35.64 8.16
CA PHE D 231 10.69 -35.19 9.33
C PHE D 231 9.71 -36.23 9.84
N GLU D 232 10.06 -37.50 9.64
CA GLU D 232 9.23 -38.57 10.11
C GLU D 232 9.05 -38.52 11.62
N THR D 233 7.85 -38.91 12.09
CA THR D 233 7.64 -38.96 13.50
C THR D 233 6.95 -40.28 13.84
N LEU D 234 7.09 -40.57 15.12
CA LEU D 234 6.52 -41.75 15.74
C LEU D 234 5.72 -41.23 16.94
N LEU D 235 4.41 -41.43 16.91
CA LEU D 235 3.52 -40.98 17.97
C LEU D 235 3.03 -42.18 18.77
N LEU D 236 3.21 -42.15 20.10
CA LEU D 236 2.78 -43.29 20.90
C LEU D 236 2.32 -42.93 22.29
N PRO D 237 1.56 -43.84 22.87
CA PRO D 237 1.06 -43.60 24.20
C PRO D 237 2.15 -43.88 25.19
N LYS D 238 2.17 -43.07 26.25
CA LYS D 238 3.16 -43.22 27.31
C LYS D 238 2.91 -44.50 28.08
N ALA D 239 1.65 -44.91 28.10
CA ALA D 239 1.30 -46.14 28.78
C ALA D 239 1.16 -47.32 27.82
N HIS D 240 1.18 -48.50 28.40
CA HIS D 240 1.01 -49.72 27.63
C HIS D 240 -0.40 -49.90 27.06
N VAL D 241 -0.51 -49.83 25.74
CA VAL D 241 -1.75 -50.00 25.02
C VAL D 241 -1.47 -50.93 23.86
N LEU D 242 -2.32 -51.94 23.68
CA LEU D 242 -2.13 -52.88 22.59
C LEU D 242 -2.74 -52.41 21.28
N ARG D 243 -3.96 -51.88 21.36
CA ARG D 243 -4.65 -51.41 20.18
C ARG D 243 -5.38 -50.09 20.42
N ILE D 244 -5.72 -49.44 19.32
CA ILE D 244 -6.38 -48.17 19.48
C ILE D 244 -7.67 -48.33 20.26
N THR D 245 -8.29 -49.48 20.06
CA THR D 245 -9.55 -49.77 20.74
C THR D 245 -9.43 -49.81 22.27
N ASP D 246 -8.22 -49.86 22.79
CA ASP D 246 -8.06 -49.92 24.22
C ASP D 246 -7.78 -48.60 24.89
N LEU D 247 -7.72 -47.52 24.13
CA LEU D 247 -7.43 -46.29 24.85
C LEU D 247 -8.57 -45.83 25.73
N THR D 248 -8.26 -45.25 26.88
CA THR D 248 -9.28 -44.73 27.75
C THR D 248 -9.83 -43.48 27.10
N ASP D 249 -10.91 -42.94 27.64
CA ASP D 249 -11.47 -41.74 27.05
C ASP D 249 -10.54 -40.54 27.17
N ALA D 250 -9.74 -40.54 28.21
CA ALA D 250 -8.84 -39.44 28.37
C ALA D 250 -7.71 -39.55 27.37
N GLN D 251 -7.23 -40.79 27.26
CA GLN D 251 -6.14 -41.05 26.33
C GLN D 251 -6.65 -40.69 24.97
N ARG D 252 -7.92 -41.06 24.74
CA ARG D 252 -8.56 -40.76 23.47
C ARG D 252 -8.61 -39.25 23.20
N SER D 253 -9.15 -38.45 24.11
CA SER D 253 -9.16 -37.01 23.86
C SER D 253 -7.74 -36.39 23.82
N ASP D 254 -6.83 -36.94 24.62
CA ASP D 254 -5.47 -36.47 24.63
C ASP D 254 -4.74 -36.76 23.31
N LEU D 255 -5.13 -37.81 22.63
CA LEU D 255 -4.54 -38.16 21.36
C LEU D 255 -4.92 -37.14 20.31
N ALA D 256 -6.15 -36.66 20.44
CA ALA D 256 -6.71 -35.66 19.55
C ALA D 256 -5.89 -34.39 19.70
N LEU D 257 -5.60 -34.11 20.96
CA LEU D 257 -4.77 -32.97 21.29
C LEU D 257 -3.39 -33.09 20.66
N ALA D 258 -2.75 -34.23 20.96
CA ALA D 258 -1.43 -34.53 20.44
C ALA D 258 -1.40 -34.50 18.93
N LEU D 259 -2.43 -35.03 18.28
CA LEU D 259 -2.49 -35.02 16.83
C LEU D 259 -2.57 -33.60 16.31
N LYS D 260 -3.37 -32.77 16.96
CA LYS D 260 -3.48 -31.41 16.48
C LYS D 260 -2.16 -30.67 16.62
N LYS D 261 -1.51 -30.89 17.75
CA LYS D 261 -0.24 -30.23 17.96
C LYS D 261 0.80 -30.67 16.93
N LEU D 262 0.93 -31.96 16.77
CA LEU D 262 1.91 -32.50 15.83
C LEU D 262 1.67 -32.01 14.42
N THR D 263 0.47 -32.23 13.93
CA THR D 263 0.13 -31.81 12.59
C THR D 263 0.31 -30.30 12.40
N SER D 264 0.17 -29.55 13.47
CA SER D 264 0.34 -28.09 13.37
C SER D 264 1.80 -27.73 13.17
N ARG D 265 2.66 -28.34 14.00
CA ARG D 265 4.09 -28.10 13.88
C ARG D 265 4.59 -28.37 12.47
N TYR D 266 4.03 -29.43 11.86
CA TYR D 266 4.36 -29.89 10.53
C TYR D 266 3.98 -28.84 9.51
N ASP D 267 2.72 -28.35 9.58
CA ASP D 267 2.28 -27.31 8.66
C ASP D 267 3.08 -26.00 8.85
N ASN D 268 3.42 -25.74 10.11
CA ASN D 268 4.17 -24.54 10.45
C ASN D 268 5.59 -24.61 9.95
N LEU D 269 6.10 -25.81 9.83
CA LEU D 269 7.46 -26.00 9.38
C LEU D 269 7.77 -25.22 8.13
N PHE D 270 6.96 -25.42 7.12
CA PHE D 270 7.20 -24.72 5.89
C PHE D 270 6.05 -23.80 5.63
N GLN D 271 5.23 -23.53 6.62
CA GLN D 271 4.12 -22.64 6.36
C GLN D 271 3.31 -23.04 5.13
N CYS D 272 2.87 -24.30 5.10
CA CYS D 272 2.08 -24.82 3.98
C CYS D 272 1.39 -26.09 4.46
N SER D 273 0.49 -26.66 3.69
CA SER D 273 -0.15 -27.91 4.14
C SER D 273 0.85 -29.03 3.89
N PHE D 274 1.38 -29.60 4.97
CA PHE D 274 2.42 -30.61 4.88
C PHE D 274 1.92 -31.98 4.49
N PRO D 275 2.32 -32.48 3.33
CA PRO D 275 1.87 -33.80 2.90
C PRO D 275 2.56 -34.91 3.69
N TYR D 276 1.91 -36.06 3.72
CA TYR D 276 2.47 -37.19 4.44
C TYR D 276 1.58 -38.40 4.26
N SER D 277 2.05 -39.56 4.73
CA SER D 277 1.33 -40.83 4.79
C SER D 277 1.49 -41.22 6.26
N MET D 278 0.40 -41.64 6.90
CA MET D 278 0.52 -42.01 8.30
C MET D 278 -0.37 -43.22 8.51
N GLY D 279 -0.12 -43.92 9.60
CA GLY D 279 -0.96 -45.07 9.86
C GLY D 279 -0.75 -45.61 11.24
N TRP D 280 -1.68 -46.48 11.65
CA TRP D 280 -1.61 -47.07 12.99
C TRP D 280 -1.18 -48.53 12.97
N HIS D 281 -0.26 -48.84 13.88
CA HIS D 281 0.25 -50.18 14.09
C HIS D 281 -0.14 -50.58 15.50
N GLY D 282 -0.76 -51.76 15.62
CA GLY D 282 -1.17 -52.21 16.95
C GLY D 282 -1.38 -53.71 16.91
N ALA D 283 -1.71 -54.29 18.07
CA ALA D 283 -1.90 -55.73 18.15
C ALA D 283 -2.80 -56.30 17.08
N PRO D 284 -2.37 -57.38 16.46
CA PRO D 284 -3.20 -58.00 15.47
C PRO D 284 -4.40 -58.67 16.15
N PHE D 285 -5.38 -58.98 15.33
CA PHE D 285 -6.59 -59.67 15.76
C PHE D 285 -6.44 -61.17 15.62
N ASN D 286 -5.52 -61.67 16.43
CA ASN D 286 -5.22 -63.06 16.50
C ASN D 286 -5.62 -63.48 17.93
N GLY D 287 -5.76 -64.75 18.23
CA GLY D 287 -6.18 -65.05 19.57
C GLY D 287 -5.00 -65.11 20.49
N GLU D 288 -3.94 -64.46 20.06
CA GLU D 288 -2.74 -64.53 20.85
C GLU D 288 -2.49 -63.45 21.84
N GLU D 289 -1.57 -63.82 22.76
CA GLU D 289 -1.12 -62.90 23.78
C GLU D 289 -0.21 -61.98 23.03
N ASN D 290 -0.66 -60.77 22.99
CA ASN D 290 0.03 -59.74 22.27
C ASN D 290 0.59 -58.71 23.23
N GLN D 291 1.03 -59.15 24.38
CA GLN D 291 1.54 -58.25 25.39
C GLN D 291 2.79 -57.50 24.95
N HIS D 292 3.44 -58.06 23.94
CA HIS D 292 4.66 -57.50 23.41
C HIS D 292 4.39 -56.31 22.52
N TRP D 293 3.13 -56.18 22.12
CA TRP D 293 2.72 -55.08 21.26
C TRP D 293 2.61 -53.75 22.00
N GLN D 294 2.80 -52.66 21.26
CA GLN D 294 2.68 -51.29 21.73
C GLN D 294 2.05 -50.48 20.62
N LEU D 295 0.87 -49.96 20.91
CA LEU D 295 0.18 -49.15 19.90
C LEU D 295 1.01 -47.91 19.50
N HIS D 296 1.04 -47.62 18.19
CA HIS D 296 1.77 -46.49 17.68
C HIS D 296 1.36 -46.07 16.26
N ALA D 297 1.62 -44.80 15.94
CA ALA D 297 1.35 -44.27 14.63
C ALA D 297 2.66 -43.77 13.99
N HIS D 298 2.74 -44.00 12.72
CA HIS D 298 3.89 -43.53 11.97
C HIS D 298 3.47 -42.43 11.03
N PHE D 299 4.29 -41.36 10.97
CA PHE D 299 4.03 -40.30 10.01
C PHE D 299 5.23 -40.28 9.10
N TYR D 300 4.99 -40.45 7.79
CA TYR D 300 6.05 -40.46 6.77
C TYR D 300 5.85 -39.36 5.73
N PRO D 301 6.40 -38.16 6.03
CA PRO D 301 6.29 -36.98 5.20
C PRO D 301 7.51 -36.87 4.26
N PRO D 302 7.24 -36.53 3.01
CA PRO D 302 8.26 -36.43 1.98
C PRO D 302 9.06 -35.15 1.93
N LEU D 303 8.51 -34.05 2.42
CA LEU D 303 9.22 -32.79 2.36
C LEU D 303 10.57 -32.77 3.02
N LEU D 304 11.54 -32.13 2.35
CA LEU D 304 12.87 -32.10 2.93
C LEU D 304 13.50 -30.69 3.13
N ARG D 305 13.67 -29.95 2.03
CA ARG D 305 14.34 -28.66 2.08
C ARG D 305 13.42 -27.48 2.29
N SER D 306 12.24 -27.59 1.71
CA SER D 306 11.27 -26.55 1.77
C SER D 306 9.93 -27.10 1.31
N ALA D 307 8.99 -26.21 1.12
CA ALA D 307 7.70 -26.63 0.63
C ALA D 307 7.73 -27.16 -0.80
N THR D 308 8.79 -26.89 -1.57
CA THR D 308 8.83 -27.36 -2.96
C THR D 308 9.87 -28.42 -3.28
N VAL D 309 10.64 -28.83 -2.27
CA VAL D 309 11.68 -29.85 -2.44
C VAL D 309 11.54 -31.02 -1.50
N ARG D 310 11.18 -32.18 -2.06
CA ARG D 310 11.04 -33.40 -1.27
C ARG D 310 12.27 -34.33 -1.30
N LYS D 311 12.24 -35.33 -0.45
CA LYS D 311 13.25 -36.36 -0.42
C LYS D 311 12.77 -37.49 -1.34
N PHE D 312 13.67 -38.07 -2.10
CA PHE D 312 13.32 -39.19 -2.96
C PHE D 312 14.07 -40.45 -2.53
N MET D 313 13.30 -41.51 -2.28
CA MET D 313 13.88 -42.77 -1.88
C MET D 313 13.97 -43.53 -3.16
N VAL D 314 15.09 -43.37 -3.85
CA VAL D 314 15.25 -43.97 -5.14
C VAL D 314 16.41 -44.97 -5.28
N GLY D 315 17.32 -44.69 -6.21
CA GLY D 315 18.43 -45.57 -6.52
C GLY D 315 19.07 -46.33 -5.37
N TYR D 316 19.86 -45.59 -4.61
CA TYR D 316 20.57 -46.22 -3.53
C TYR D 316 19.64 -46.87 -2.48
N GLU D 317 18.54 -46.17 -2.24
CA GLU D 317 17.54 -46.56 -1.25
C GLU D 317 16.81 -47.85 -1.60
N MET D 318 16.46 -48.00 -2.86
CA MET D 318 15.78 -49.22 -3.26
C MET D 318 16.75 -50.39 -3.49
N LEU D 319 17.93 -50.10 -3.97
CA LEU D 319 18.87 -51.16 -4.27
C LEU D 319 19.75 -51.47 -3.12
N ALA D 320 19.84 -50.61 -2.13
CA ALA D 320 20.73 -50.92 -1.03
C ALA D 320 20.16 -50.69 0.35
N GLU D 321 20.01 -49.40 0.68
CA GLU D 321 19.49 -49.08 1.99
C GLU D 321 18.95 -47.65 2.09
N THR D 322 17.94 -47.52 2.92
CA THR D 322 17.31 -46.22 3.18
C THR D 322 18.35 -45.24 3.70
N GLN D 323 18.27 -44.03 3.18
CA GLN D 323 19.23 -43.01 3.55
C GLN D 323 18.54 -41.67 3.79
N ARG D 324 19.15 -40.89 4.67
CA ARG D 324 18.65 -39.58 5.06
C ARG D 324 19.78 -38.57 5.04
N ASP D 325 19.42 -37.31 4.79
CA ASP D 325 20.38 -36.22 4.63
C ASP D 325 20.70 -35.34 5.82
N LEU D 326 20.03 -35.62 6.94
CA LEU D 326 20.17 -34.95 8.22
C LEU D 326 19.76 -35.93 9.31
N THR D 327 20.25 -35.69 10.51
CA THR D 327 20.00 -36.53 11.63
C THR D 327 18.61 -36.38 12.16
N ALA D 328 18.19 -37.41 12.90
CA ALA D 328 16.88 -37.44 13.55
C ALA D 328 16.80 -36.30 14.55
N GLU D 329 17.97 -36.02 15.15
CA GLU D 329 18.13 -34.96 16.14
C GLU D 329 18.01 -33.60 15.50
N GLN D 330 18.57 -33.48 14.29
CA GLN D 330 18.50 -32.24 13.58
C GLN D 330 17.06 -31.96 13.19
N ALA D 331 16.40 -32.99 12.68
CA ALA D 331 15.01 -32.83 12.25
C ALA D 331 14.10 -32.46 13.41
N ALA D 332 14.39 -33.04 14.59
CA ALA D 332 13.60 -32.82 15.81
C ALA D 332 13.69 -31.36 16.23
N GLU D 333 14.91 -30.89 16.30
CA GLU D 333 15.18 -29.51 16.65
C GLU D 333 14.41 -28.55 15.74
N ARG D 334 14.43 -28.81 14.46
CA ARG D 334 13.71 -27.94 13.56
C ARG D 334 12.21 -27.94 13.81
N LEU D 335 11.67 -29.12 14.14
CA LEU D 335 10.24 -29.25 14.41
C LEU D 335 9.79 -28.56 15.71
N ARG D 336 10.67 -28.57 16.73
CA ARG D 336 10.44 -27.96 18.03
C ARG D 336 10.48 -26.44 17.98
N ALA D 337 11.16 -25.94 16.97
CA ALA D 337 11.37 -24.52 16.74
C ALA D 337 10.18 -23.71 16.29
N VAL D 338 9.19 -24.36 15.72
CA VAL D 338 8.03 -23.64 15.27
C VAL D 338 6.98 -23.72 16.34
N SER D 339 5.91 -22.96 16.19
CA SER D 339 4.82 -22.99 17.17
C SER D 339 3.89 -24.20 16.90
N ASP D 340 3.18 -24.65 17.96
CA ASP D 340 2.23 -25.75 17.86
C ASP D 340 0.85 -25.24 17.54
N ILE D 341 0.76 -23.94 17.36
CA ILE D 341 -0.47 -23.29 16.97
C ILE D 341 -0.42 -23.20 15.48
N HIS D 342 -1.45 -23.70 14.86
CA HIS D 342 -1.52 -23.70 13.41
C HIS D 342 -1.50 -22.29 12.87
N PHE D 343 -0.55 -22.10 11.97
CA PHE D 343 -0.37 -20.81 11.35
C PHE D 343 -1.64 -20.28 10.72
N ARG D 344 -2.57 -21.19 10.43
CA ARG D 344 -3.82 -20.80 9.81
C ARG D 344 -5.00 -20.82 10.76
N GLU D 345 -4.76 -20.47 12.02
CA GLU D 345 -5.83 -20.43 12.99
C GLU D 345 -6.12 -19.00 13.45
ZN ZN E . 5.59 49.89 -22.58
FE FE F . 3.54 40.76 5.77
K K G . 2.40 47.33 -12.94
N1 UPG H . 4.17 57.20 -14.14
C2 UPG H . 5.25 58.09 -14.19
N3 UPG H . 5.40 58.72 -15.40
C4 UPG H . 4.67 58.53 -16.56
C5 UPG H . 3.58 57.58 -16.41
C6 UPG H . 3.37 57.00 -15.24
O2 UPG H . 5.98 58.29 -13.26
O4 UPG H . 4.91 59.20 -17.56
C1C UPG H . 3.87 56.49 -12.87
C2C UPG H . 2.51 56.94 -12.28
O2C UPG H . 2.68 58.05 -11.43
C3C UPG H . 2.01 55.73 -11.45
C4C UPG H . 2.88 54.60 -12.03
O4C UPG H . 3.57 55.13 -13.18
O3C UPG H . 2.39 55.94 -10.09
C5C UPG H . 2.22 53.24 -12.35
O5C UPG H . 1.85 52.68 -11.10
PA UPG H . 0.69 51.59 -11.06
O1A UPG H . 0.16 51.13 -12.36
O2A UPG H . 1.11 50.66 -9.98
O3A UPG H . -0.51 52.54 -10.43
PB UPG H . -0.64 53.97 -9.80
O1B UPG H . 0.51 54.34 -8.91
O2B UPG H . -1.02 55.02 -10.84
O3B UPG H . -1.98 53.88 -8.77
C1' UPG H . -2.28 52.57 -8.19
C2' UPG H . -3.73 52.69 -7.61
C3' UPG H . -3.69 53.85 -6.67
C4' UPG H . -2.75 53.51 -5.55
C5' UPG H . -1.31 53.11 -6.03
C6' UPG H . -0.43 52.47 -4.98
O2' UPG H . -4.58 53.03 -8.72
O3' UPG H . -4.99 54.05 -6.08
O4' UPG H . -2.64 54.55 -4.55
O5' UPG H . -1.36 52.22 -7.17
O6' UPG H . -0.86 51.17 -4.61
ZN ZN I . -36.17 43.75 -8.98
FE FE J . -17.68 52.60 12.69
K K K . -27.75 46.33 -3.31
N1 UPG L . -30.06 36.37 -3.18
C2 UPG L . -30.89 35.45 -2.57
N3 UPG L . -31.73 34.81 -3.45
C4 UPG L . -31.82 35.02 -4.82
C5 UPG L . -30.96 36.02 -5.33
C6 UPG L . -30.13 36.64 -4.54
O2 UPG L . -30.88 35.25 -1.34
O4 UPG L . -32.62 34.38 -5.48
C1C UPG L . -29.08 37.07 -2.38
C2C UPG L . -27.67 36.59 -2.73
O2C UPG L . -27.22 35.42 -1.99
C3C UPG L . -26.82 37.80 -2.29
C4C UPG L . -27.86 38.91 -2.19
O4C UPG L . -29.08 38.40 -2.76
O3C UPG L . -25.94 37.64 -1.12
C5C UPG L . -27.48 40.23 -2.88
O5C UPG L . -26.45 40.86 -2.07
PA UPG L . -25.33 41.87 -2.71
O1A UPG L . -25.80 42.35 -4.03
O2A UPG L . -25.01 42.97 -1.74
O3A UPG L . -23.94 41.00 -2.95
PB UPG L . -23.47 39.60 -2.50
O1B UPG L . -23.82 39.11 -1.16
O2B UPG L . -23.73 38.58 -3.60
O3B UPG L . -21.83 39.71 -2.36
C1' UPG L . -21.24 40.98 -2.09
C2' UPG L . -19.74 40.91 -2.48
C3' UPG L . -19.12 39.73 -1.66
C4' UPG L . -19.23 40.01 -0.14
C5' UPG L . -20.72 40.32 0.22
C6' UPG L . -20.87 41.04 1.55
O2' UPG L . -19.71 40.71 -3.93
O3' UPG L . -17.72 39.47 -1.93
O4' UPG L . -18.76 38.93 0.69
O5' UPG L . -21.34 41.23 -0.68
O6' UPG L . -20.19 42.29 1.63
ZN ZN M . 25.13 -31.85 -19.49
FE FE N . 18.78 -57.98 -6.34
K K O . 20.80 -39.63 -13.84
N1 UPG P . 26.92 -33.51 -8.51
C2 UPG P . 28.25 -33.29 -8.24
N3 UPG P . 28.71 -32.02 -8.66
C4 UPG P . 27.93 -31.06 -9.32
C5 UPG P . 26.56 -31.44 -9.56
C6 UPG P . 26.12 -32.62 -9.19
O2 UPG P . 28.95 -34.11 -7.68
O4 UPG P . 28.43 -30.02 -9.67
C1C UPG P . 26.34 -34.75 -8.07
C2C UPG P . 25.30 -34.50 -6.93
O2C UPG P . 25.88 -34.47 -5.61
C3C UPG P . 24.32 -35.70 -7.11
C4C UPG P . 24.71 -36.24 -8.49
O4C UPG P . 25.57 -35.22 -9.13
O3C UPG P . 24.57 -36.64 -6.07
C5C UPG P . 23.62 -36.68 -9.42
O5C UPG P . 22.87 -37.65 -8.63
PA UPG P . 21.36 -37.98 -9.02
O1A UPG P . 20.76 -37.26 -10.17
O2A UPG P . 21.15 -39.45 -9.08
O3A UPG P . 20.65 -37.42 -7.68
PB UPG P . 21.12 -37.21 -6.29
O1B UPG P . 22.27 -37.89 -5.70
O2B UPG P . 21.27 -35.69 -6.07
O3B UPG P . 19.88 -37.71 -5.26
C1' UPG P . 19.01 -38.80 -5.59
C2' UPG P . 17.81 -38.68 -4.61
C3' UPG P . 18.34 -38.76 -3.19
C4' UPG P . 19.07 -40.11 -3.04
C5' UPG P . 20.20 -40.27 -4.09
C6' UPG P . 20.70 -41.70 -4.09
O2' UPG P . 17.20 -37.40 -4.76
O3' UPG P . 17.29 -38.68 -2.21
O4' UPG P . 19.61 -40.24 -1.75
O5' UPG P . 19.67 -40.08 -5.41
O6' UPG P . 19.71 -42.59 -4.62
ZN ZN Q . -15.10 -32.98 -0.93
FE FE R . 4.99 -49.79 13.23
K K S . -6.58 -38.33 1.82
N1 UPG T . -13.00 -43.67 -4.13
C2 UPG T . -14.17 -44.39 -3.94
N3 UPG T . -15.23 -43.87 -4.66
C4 UPG T . -15.22 -42.74 -5.49
C5 UPG T . -13.95 -42.10 -5.60
C6 UPG T . -12.93 -42.56 -4.94
O2 UPG T . -14.28 -45.38 -3.23
O4 UPG T . -16.23 -42.38 -6.03
C1C UPG T . -11.76 -44.09 -3.51
C2C UPG T . -10.70 -44.51 -4.55
O2C UPG T . -10.84 -45.88 -5.09
C3C UPG T . -9.42 -44.32 -3.67
C4C UPG T . -9.89 -43.35 -2.52
O4C UPG T . -11.21 -42.96 -2.92
O3C UPG T . -8.89 -45.57 -3.21
C5C UPG T . -9.04 -42.11 -2.16
O5C UPG T . -7.90 -42.61 -1.44
PA UPG T . -6.35 -42.11 -1.62
O1A UPG T . -6.33 -40.63 -1.84
O2A UPG T . -5.58 -42.42 -0.41
O3A UPG T . -5.56 -42.91 -2.83
PB UPG T . -5.77 -44.22 -3.65
O1B UPG T . -6.35 -45.35 -2.87
O2B UPG T . -6.47 -43.94 -4.94
O3B UPG T . -4.28 -44.76 -4.05
C1' UPG T . -3.20 -44.30 -3.21
C2' UPG T . -1.90 -44.49 -3.97
C3' UPG T . -1.83 -45.96 -4.34
C4' UPG T . -1.76 -46.82 -3.13
C5' UPG T . -2.98 -46.50 -2.23
C6' UPG T . -2.87 -47.16 -0.82
O2' UPG T . -1.96 -43.75 -5.22
O3' UPG T . -0.71 -46.29 -5.18
O4' UPG T . -1.78 -48.21 -3.59
O5' UPG T . -3.16 -45.06 -2.01
O6' UPG T . -1.80 -46.56 -0.04
#